data_4BC2
#
_entry.id   4BC2
#
_cell.length_a   102.160
_cell.length_b   102.160
_cell.length_c   159.390
_cell.angle_alpha   90.00
_cell.angle_beta   90.00
_cell.angle_gamma   120.00
#
_symmetry.space_group_name_H-M   'P 32'
#
loop_
_entity.id
_entity.type
_entity.pdbx_description
1 polymer 'XYLULOSE KINASE'
2 non-polymer "ADENOSINE-5'-DIPHOSPHATE"
3 non-polymer D-XYLULOSE
4 non-polymer 1,2-ETHANEDIOL
5 water water
#
_entity_poly.entity_id   1
_entity_poly.type   'polypeptide(L)'
_entity_poly.pdbx_seq_one_letter_code
;GA(MSE)AEHAPRRCCLGWDFSTQQVKVVAVDAELNVFYEESVHFDRDLPEFGTQGGVHVHKDGLTVTSPVL(MSE)WVQ
ALDIILEK(MSE)KASGFDFSQVLALSGAGQQHGSIYWKAGAQQALTSLSPDLRLHQQLQDCFSISDCPVW(MSE)DSST
TAQCRQLEAAVGGAQALSCLTGSRAYERFTGNQIAKIYQQNPEAYSHTERISLVSSFAASLFLGSYSPIDYSDGSG
(MSE)NLLQIQDKVWSQACLGACAPHLEEKLSPPVPSCSVVGAISSYYVQRYGFPPGCKVVAFTGDNPASLAG(MSE)RL
EEGDIAVSLGTSDTLFLWLQEP(MSE)PALEGHIFCNPVDSQHY(MSE)ALLCFKNGSL(MSE)REKIRNESVSRSWSDF
SKALQSTE(MSE)GNGGNLGFYFDV(MSE)EITPEIIGRHRFNTENHKVAAFPGDVEVRALIEGQF(MSE)AKRIHAEGL
GYRV(MSE)SKTKILATGGASHNREILQVLADVFDAPVYVIDTANSACVGSAYRAFHGLAGGTDVPFSEVVKLAPNPRLA
ATPSPGASQVYEALLPQYAKLEQRILSQTRGPPE
;
_entity_poly.pdbx_strand_id   A,B,C
#
# COMPACT_ATOMS: atom_id res chain seq x y z
N ALA A 7 -21.04 -25.81 -13.66
CA ALA A 7 -19.74 -26.48 -13.90
C ALA A 7 -18.79 -26.38 -12.68
N PRO A 8 -18.33 -27.50 -12.07
CA PRO A 8 -17.32 -27.37 -11.01
C PRO A 8 -15.99 -26.89 -11.59
N ARG A 9 -15.32 -25.94 -10.92
CA ARG A 9 -14.09 -25.37 -11.45
C ARG A 9 -12.88 -26.24 -11.19
N ARG A 10 -12.42 -26.96 -12.20
CA ARG A 10 -11.17 -27.74 -12.16
C ARG A 10 -10.01 -26.81 -12.52
N CYS A 11 -8.81 -27.10 -12.04
CA CYS A 11 -7.66 -26.24 -12.34
C CYS A 11 -6.35 -26.99 -12.31
N CYS A 12 -5.33 -26.30 -12.83
CA CYS A 12 -3.92 -26.66 -12.71
C CYS A 12 -3.18 -25.55 -12.00
N LEU A 13 -2.18 -25.92 -11.21
CA LEU A 13 -1.28 -24.99 -10.55
C LEU A 13 -0.03 -24.85 -11.36
N GLY A 14 0.44 -23.61 -11.44
CA GLY A 14 1.68 -23.25 -12.11
C GLY A 14 2.56 -22.54 -11.10
N TRP A 15 3.66 -23.19 -10.71
CA TRP A 15 4.61 -22.72 -9.73
C TRP A 15 5.83 -22.02 -10.36
N ASP A 16 6.45 -21.11 -9.61
CA ASP A 16 7.69 -20.46 -10.00
C ASP A 16 8.60 -20.31 -8.78
N PHE A 17 9.67 -21.08 -8.76
CA PHE A 17 10.69 -21.01 -7.71
C PHE A 17 11.73 -20.06 -8.25
N SER A 18 11.50 -18.76 -7.97
CA SER A 18 12.28 -17.66 -8.50
C SER A 18 13.38 -17.23 -7.50
N THR A 19 14.24 -16.33 -7.95
CA THR A 19 15.34 -15.82 -7.11
C THR A 19 14.86 -15.14 -5.82
N GLN A 20 13.83 -14.31 -5.95
CA GLN A 20 13.32 -13.47 -4.86
C GLN A 20 12.08 -13.98 -4.18
N GLN A 21 11.41 -14.98 -4.79
CA GLN A 21 10.17 -15.48 -4.25
C GLN A 21 9.75 -16.81 -4.81
N VAL A 22 8.80 -17.43 -4.12
CA VAL A 22 8.06 -18.58 -4.63
C VAL A 22 6.70 -18.01 -4.99
N LYS A 23 6.25 -18.21 -6.24
CA LYS A 23 4.94 -17.78 -6.74
C LYS A 23 4.13 -18.96 -7.28
N VAL A 24 2.81 -18.81 -7.25
CA VAL A 24 1.89 -19.81 -7.78
C VAL A 24 0.70 -19.12 -8.42
N VAL A 25 0.17 -19.70 -9.49
CA VAL A 25 -1.09 -19.31 -10.10
C VAL A 25 -1.94 -20.56 -10.24
N ALA A 26 -3.26 -20.39 -10.11
CA ALA A 26 -4.24 -21.42 -10.39
C ALA A 26 -4.95 -20.99 -11.68
N VAL A 27 -4.93 -21.88 -12.69
CA VAL A 27 -5.53 -21.65 -14.01
C VAL A 27 -6.67 -22.65 -14.18
N ASP A 28 -7.85 -22.15 -14.57
CA ASP A 28 -9.01 -23.00 -14.71
C ASP A 28 -8.99 -23.71 -16.09
N ALA A 29 -10.00 -24.60 -16.32
CA ALA A 29 -10.06 -25.38 -17.56
C ALA A 29 -10.41 -24.53 -18.75
N GLU A 30 -10.79 -23.26 -18.56
CA GLU A 30 -10.96 -22.37 -19.69
C GLU A 30 -9.70 -21.59 -19.97
N LEU A 31 -8.61 -21.87 -19.19
CA LEU A 31 -7.30 -21.27 -19.29
C LEU A 31 -7.31 -19.80 -18.86
N ASN A 32 -8.08 -19.50 -17.82
CA ASN A 32 -8.10 -18.19 -17.17
C ASN A 32 -7.49 -18.33 -15.78
N VAL A 33 -6.63 -17.38 -15.43
CA VAL A 33 -6.01 -17.30 -14.10
C VAL A 33 -7.07 -16.75 -13.16
N PHE A 34 -7.34 -17.42 -12.04
CA PHE A 34 -8.32 -16.94 -11.06
C PHE A 34 -7.71 -16.81 -9.64
N TYR A 35 -6.43 -17.15 -9.46
CA TYR A 35 -5.79 -17.10 -8.15
C TYR A 35 -4.29 -16.97 -8.33
N GLU A 36 -3.67 -16.15 -7.48
CA GLU A 36 -2.22 -15.92 -7.46
C GLU A 36 -1.79 -15.73 -6.01
N GLU A 37 -0.62 -16.23 -5.67
CA GLU A 37 -0.08 -16.05 -4.33
C GLU A 37 1.42 -16.15 -4.39
N SER A 38 2.09 -15.55 -3.41
CA SER A 38 3.55 -15.57 -3.36
C SER A 38 4.08 -15.44 -1.94
N VAL A 39 5.35 -15.86 -1.79
CA VAL A 39 6.13 -15.74 -0.56
C VAL A 39 7.45 -15.08 -0.99
N HIS A 40 7.72 -13.89 -0.44
CA HIS A 40 8.89 -13.06 -0.74
C HIS A 40 9.94 -13.42 0.29
N PHE A 41 11.12 -13.86 -0.16
CA PHE A 41 12.14 -14.41 0.75
C PHE A 41 12.69 -13.43 1.80
N ASP A 42 13.16 -12.25 1.40
CA ASP A 42 13.72 -11.28 2.39
C ASP A 42 12.64 -10.86 3.37
N ARG A 43 11.43 -10.58 2.85
CA ARG A 43 10.32 -10.11 3.66
C ARG A 43 9.71 -11.18 4.56
N ASP A 44 9.49 -12.41 4.04
CA ASP A 44 8.77 -13.45 4.77
C ASP A 44 9.67 -14.45 5.50
N LEU A 45 10.94 -14.59 5.09
CA LEU A 45 11.92 -15.45 5.78
C LEU A 45 13.19 -14.63 6.07
N PRO A 46 13.04 -13.51 6.80
CA PRO A 46 14.18 -12.61 7.06
C PRO A 46 15.33 -13.23 7.87
N GLU A 47 15.07 -14.31 8.66
CA GLU A 47 16.10 -14.98 9.45
C GLU A 47 17.30 -15.48 8.64
N PHE A 48 17.09 -15.74 7.34
CA PHE A 48 18.16 -16.21 6.47
C PHE A 48 19.14 -15.09 6.07
N GLY A 49 18.76 -13.83 6.27
CA GLY A 49 19.64 -12.70 6.00
C GLY A 49 19.95 -12.45 4.53
N THR A 50 19.03 -12.84 3.65
CA THR A 50 19.24 -12.63 2.22
C THR A 50 18.94 -11.17 1.85
N GLN A 51 19.43 -10.75 0.69
CA GLN A 51 19.14 -9.46 0.10
C GLN A 51 18.86 -9.78 -1.37
N GLY A 52 17.64 -9.53 -1.83
CA GLY A 52 17.23 -9.95 -3.15
C GLY A 52 17.11 -11.48 -3.23
N GLY A 53 16.88 -12.14 -2.09
CA GLY A 53 16.75 -13.60 -2.04
C GLY A 53 18.05 -14.37 -2.08
N VAL A 54 19.18 -13.66 -2.16
CA VAL A 54 20.50 -14.27 -2.23
C VAL A 54 21.46 -13.70 -1.18
N HIS A 55 22.58 -14.39 -1.06
CA HIS A 55 23.75 -13.97 -0.30
C HIS A 55 24.87 -13.71 -1.28
N VAL A 56 25.32 -12.47 -1.42
CA VAL A 56 26.51 -12.16 -2.22
C VAL A 56 27.67 -12.31 -1.25
N HIS A 57 28.61 -13.18 -1.58
CA HIS A 57 29.71 -13.49 -0.67
C HIS A 57 30.79 -12.39 -0.72
N LYS A 58 31.72 -12.44 0.25
CA LYS A 58 32.80 -11.44 0.43
C LYS A 58 33.58 -11.18 -0.89
N ASP A 59 33.85 -12.24 -1.70
CA ASP A 59 34.55 -12.12 -2.98
C ASP A 59 33.82 -11.30 -4.07
N GLY A 60 32.53 -11.03 -3.90
CA GLY A 60 31.76 -10.29 -4.91
C GLY A 60 31.37 -11.09 -6.15
N LEU A 61 31.68 -12.40 -6.18
CA LEU A 61 31.41 -13.30 -7.32
C LEU A 61 30.50 -14.48 -6.96
N THR A 62 30.67 -15.05 -5.75
CA THR A 62 29.90 -16.18 -5.28
C THR A 62 28.53 -15.67 -4.80
N VAL A 63 27.45 -16.17 -5.43
CA VAL A 63 26.08 -15.80 -5.11
C VAL A 63 25.31 -17.09 -4.86
N THR A 64 24.75 -17.22 -3.64
CA THR A 64 24.01 -18.40 -3.26
C THR A 64 22.69 -18.06 -2.57
N SER A 65 21.88 -19.12 -2.37
CA SER A 65 20.62 -19.09 -1.61
C SER A 65 20.53 -20.31 -0.73
N PRO A 66 20.03 -20.19 0.50
CA PRO A 66 19.90 -21.37 1.35
C PRO A 66 18.75 -22.27 0.83
N VAL A 67 19.05 -23.57 0.54
CA VAL A 67 18.05 -24.54 0.06
C VAL A 67 16.88 -24.67 1.03
N LEU A 68 17.15 -24.66 2.35
CA LEU A 68 16.05 -24.83 3.32
C LEU A 68 15.12 -23.59 3.37
N TRP A 70 14.06 -22.15 0.51
CA TRP A 70 13.14 -22.52 -0.56
C TRP A 70 12.14 -23.57 -0.06
N VAL A 71 12.63 -24.57 0.73
CA VAL A 71 11.74 -25.60 1.26
C VAL A 71 10.69 -24.98 2.21
N GLN A 72 11.15 -24.11 3.09
CA GLN A 72 10.27 -23.47 4.06
C GLN A 72 9.28 -22.49 3.37
N ALA A 73 9.73 -21.80 2.32
CA ALA A 73 8.84 -20.92 1.55
C ALA A 73 7.66 -21.71 0.94
N LEU A 74 7.90 -22.98 0.52
CA LEU A 74 6.85 -23.82 -0.01
C LEU A 74 5.84 -24.14 1.11
N ASP A 75 6.31 -24.36 2.36
CA ASP A 75 5.42 -24.60 3.51
C ASP A 75 4.54 -23.40 3.77
N ILE A 76 5.15 -22.23 3.74
CA ILE A 76 4.47 -20.97 4.03
C ILE A 76 3.40 -20.71 2.97
N ILE A 77 3.76 -20.82 1.67
CA ILE A 77 2.81 -20.53 0.60
C ILE A 77 1.63 -21.55 0.60
N LEU A 78 1.86 -22.87 0.77
CA LEU A 78 0.78 -23.83 0.87
C LEU A 78 -0.15 -23.54 2.05
N GLU A 79 0.40 -23.13 3.20
CA GLU A 79 -0.42 -22.80 4.37
C GLU A 79 -1.17 -21.44 4.19
N LYS A 80 -0.57 -20.49 3.49
CA LYS A 80 -1.17 -19.22 3.12
C LYS A 80 -2.36 -19.46 2.14
N LYS A 82 -4.13 -22.41 1.94
CA LYS A 82 -5.12 -23.08 2.78
C LYS A 82 -5.90 -22.06 3.63
N ALA A 83 -5.18 -21.11 4.25
CA ALA A 83 -5.80 -20.08 5.11
C ALA A 83 -6.74 -19.17 4.33
N SER A 84 -6.44 -18.93 3.03
CA SER A 84 -7.28 -18.09 2.17
C SER A 84 -8.54 -18.85 1.67
N GLY A 85 -8.62 -20.15 1.95
CA GLY A 85 -9.73 -20.99 1.52
C GLY A 85 -9.56 -21.61 0.15
N PHE A 86 -8.30 -21.75 -0.34
CA PHE A 86 -8.06 -22.33 -1.66
C PHE A 86 -8.53 -23.80 -1.69
N ASP A 87 -9.27 -24.18 -2.73
CA ASP A 87 -9.81 -25.53 -2.85
C ASP A 87 -8.83 -26.41 -3.64
N PHE A 88 -7.98 -27.11 -2.90
CA PHE A 88 -6.99 -28.03 -3.46
C PHE A 88 -7.62 -29.27 -4.11
N SER A 89 -8.86 -29.65 -3.72
CA SER A 89 -9.55 -30.82 -4.31
C SER A 89 -9.80 -30.66 -5.82
N GLN A 90 -9.80 -29.41 -6.33
CA GLN A 90 -9.99 -29.11 -7.75
C GLN A 90 -8.71 -29.19 -8.62
N VAL A 91 -7.50 -29.39 -8.01
CA VAL A 91 -6.24 -29.41 -8.75
C VAL A 91 -6.06 -30.75 -9.45
N LEU A 92 -6.15 -30.73 -10.78
CA LEU A 92 -6.00 -31.93 -11.60
C LEU A 92 -4.55 -32.24 -11.84
N ALA A 93 -3.72 -31.21 -11.98
CA ALA A 93 -2.30 -31.38 -12.22
C ALA A 93 -1.54 -30.12 -11.86
N LEU A 94 -0.24 -30.26 -11.73
CA LEU A 94 0.61 -29.12 -11.48
C LEU A 94 1.95 -29.31 -12.16
N SER A 95 2.55 -28.18 -12.48
CA SER A 95 3.91 -28.10 -12.97
C SER A 95 4.50 -26.80 -12.44
N GLY A 96 5.74 -26.56 -12.77
CA GLY A 96 6.40 -25.36 -12.34
C GLY A 96 7.67 -25.05 -13.07
N ALA A 97 8.16 -23.87 -12.73
CA ALA A 97 9.39 -23.33 -13.25
C ALA A 97 10.37 -23.09 -12.09
N GLY A 98 11.62 -23.22 -12.42
CA GLY A 98 12.72 -22.97 -11.51
C GLY A 98 13.64 -21.97 -12.15
N GLN A 99 14.12 -21.00 -11.35
CA GLN A 99 15.20 -20.08 -11.75
C GLN A 99 16.30 -20.96 -12.31
N GLN A 100 16.77 -20.65 -13.51
CA GLN A 100 17.65 -21.59 -14.18
C GLN A 100 19.01 -21.69 -13.55
N HIS A 101 19.69 -22.80 -13.88
CA HIS A 101 21.08 -23.08 -13.54
C HIS A 101 21.33 -23.44 -12.07
N GLY A 102 20.65 -22.82 -11.11
CA GLY A 102 20.82 -23.11 -9.68
C GLY A 102 20.72 -24.60 -9.37
N SER A 103 21.55 -25.07 -8.43
CA SER A 103 21.65 -26.50 -8.12
C SER A 103 21.50 -26.82 -6.65
N ILE A 104 20.98 -28.03 -6.38
CA ILE A 104 20.70 -28.61 -5.08
C ILE A 104 21.47 -29.90 -4.99
N TYR A 105 22.11 -30.12 -3.84
CA TYR A 105 22.97 -31.27 -3.57
C TYR A 105 22.31 -32.04 -2.43
N TRP A 106 21.69 -33.19 -2.75
CA TRP A 106 20.99 -34.01 -1.77
C TRP A 106 21.95 -34.97 -1.11
N LYS A 107 21.96 -34.96 0.23
CA LYS A 107 22.85 -35.82 1.04
C LYS A 107 22.44 -37.29 0.91
N ALA A 108 23.40 -38.22 1.09
CA ALA A 108 23.11 -39.65 1.04
C ALA A 108 22.03 -40.00 2.08
N GLY A 109 21.02 -40.74 1.66
CA GLY A 109 19.88 -41.11 2.50
C GLY A 109 18.74 -40.11 2.52
N ALA A 110 18.81 -39.03 1.71
CA ALA A 110 17.75 -38.02 1.69
C ALA A 110 16.48 -38.52 1.01
N GLN A 111 16.56 -39.48 0.05
CA GLN A 111 15.35 -39.95 -0.62
C GLN A 111 14.44 -40.72 0.35
N GLN A 112 15.02 -41.36 1.39
CA GLN A 112 14.21 -42.05 2.40
C GLN A 112 13.35 -41.01 3.13
N ALA A 113 13.93 -39.84 3.44
CA ALA A 113 13.19 -38.74 4.09
C ALA A 113 12.08 -38.18 3.17
N LEU A 114 12.35 -38.08 1.85
CA LEU A 114 11.33 -37.63 0.88
C LEU A 114 10.18 -38.59 0.76
N THR A 115 10.48 -39.90 0.69
CA THR A 115 9.46 -40.93 0.49
C THR A 115 8.70 -41.27 1.77
N SER A 116 9.17 -40.84 2.94
CA SER A 116 8.51 -41.15 4.21
C SER A 116 7.96 -39.88 4.89
N LEU A 117 7.54 -38.87 4.10
CA LEU A 117 6.99 -37.63 4.66
C LEU A 117 5.64 -37.87 5.38
N SER A 118 5.51 -37.33 6.60
CA SER A 118 4.26 -37.39 7.37
C SER A 118 3.45 -36.11 7.14
N PRO A 119 2.14 -36.21 6.86
CA PRO A 119 1.32 -34.99 6.66
C PRO A 119 1.09 -34.16 7.92
N ASP A 120 1.48 -34.66 9.10
CA ASP A 120 1.36 -33.96 10.38
C ASP A 120 2.44 -32.90 10.56
N LEU A 121 3.51 -32.97 9.78
CA LEU A 121 4.65 -32.08 9.90
C LEU A 121 4.89 -31.31 8.61
N ARG A 122 5.63 -30.23 8.72
CA ARG A 122 6.05 -29.40 7.60
C ARG A 122 7.22 -30.03 6.88
N LEU A 123 7.49 -29.57 5.67
CA LEU A 123 8.62 -30.03 4.86
C LEU A 123 9.95 -29.63 5.45
N HIS A 124 10.14 -28.35 5.80
CA HIS A 124 11.39 -27.83 6.37
C HIS A 124 11.85 -28.67 7.56
N GLN A 125 10.92 -29.02 8.46
CA GLN A 125 11.20 -29.84 9.62
C GLN A 125 11.76 -31.23 9.21
N GLN A 126 11.08 -31.90 8.32
CA GLN A 126 11.37 -33.26 7.89
C GLN A 126 12.59 -33.37 6.94
N LEU A 127 12.92 -32.32 6.16
CA LEU A 127 14.05 -32.34 5.23
C LEU A 127 15.23 -31.51 5.73
N GLN A 128 15.22 -31.09 7.03
CA GLN A 128 16.27 -30.23 7.55
C GLN A 128 17.70 -30.80 7.43
N ASP A 129 17.89 -32.13 7.44
CA ASP A 129 19.24 -32.73 7.33
C ASP A 129 19.46 -33.47 6.00
N CYS A 130 18.77 -33.07 4.92
CA CYS A 130 18.82 -33.77 3.64
C CYS A 130 19.78 -33.17 2.62
N PHE A 131 20.47 -32.09 2.94
CA PHE A 131 21.31 -31.41 1.95
C PHE A 131 22.79 -31.41 2.35
N SER A 132 23.65 -31.91 1.45
CA SER A 132 25.12 -31.93 1.62
C SER A 132 25.73 -30.53 1.41
N ILE A 133 24.97 -29.60 0.79
CA ILE A 133 25.34 -28.20 0.54
C ILE A 133 24.16 -27.35 1.01
N SER A 134 24.38 -26.46 1.96
CA SER A 134 23.28 -25.63 2.46
C SER A 134 23.07 -24.40 1.58
N ASP A 135 24.16 -23.77 1.10
CA ASP A 135 24.13 -22.58 0.28
C ASP A 135 24.29 -22.96 -1.18
N CYS A 136 23.20 -22.88 -1.95
CA CYS A 136 23.15 -23.29 -3.34
C CYS A 136 23.61 -22.21 -4.27
N PRO A 137 24.47 -22.53 -5.26
CA PRO A 137 24.78 -21.51 -6.28
C PRO A 137 23.54 -21.26 -7.12
N VAL A 138 23.33 -19.97 -7.48
CA VAL A 138 22.19 -19.52 -8.26
C VAL A 138 22.72 -18.88 -9.53
N TRP A 139 21.82 -18.47 -10.44
CA TRP A 139 22.13 -17.93 -11.78
C TRP A 139 23.03 -16.67 -11.75
N ASP A 141 25.64 -16.24 -9.78
CA ASP A 141 27.01 -16.58 -9.46
C ASP A 141 27.94 -16.46 -10.70
N SER A 142 29.11 -15.84 -10.49
CA SER A 142 30.11 -15.62 -11.55
C SER A 142 31.51 -15.97 -11.03
N SER A 143 31.61 -16.93 -10.12
CA SER A 143 32.85 -17.32 -9.44
C SER A 143 33.58 -18.52 -10.05
N THR A 144 33.10 -19.09 -11.17
CA THR A 144 33.64 -20.33 -11.72
C THR A 144 34.37 -20.16 -13.08
N THR A 145 35.02 -19.01 -13.31
CA THR A 145 35.74 -18.80 -14.57
C THR A 145 36.81 -19.86 -14.83
N ALA A 146 37.54 -20.32 -13.79
CA ALA A 146 38.58 -21.35 -13.97
C ALA A 146 37.97 -22.69 -14.39
N GLN A 147 36.77 -23.03 -13.87
CA GLN A 147 36.11 -24.28 -14.24
C GLN A 147 35.57 -24.16 -15.66
N CYS A 148 35.12 -22.95 -16.08
CA CYS A 148 34.65 -22.73 -17.45
C CYS A 148 35.75 -23.00 -18.48
N ARG A 149 36.95 -22.44 -18.24
CA ARG A 149 38.10 -22.59 -19.15
C ARG A 149 38.56 -24.03 -19.16
N GLN A 150 38.54 -24.71 -17.99
CA GLN A 150 38.91 -26.13 -17.88
C GLN A 150 37.94 -27.03 -18.66
N LEU A 151 36.62 -26.75 -18.56
CA LEU A 151 35.62 -27.55 -19.28
C LEU A 151 35.82 -27.42 -20.80
N GLU A 152 35.98 -26.18 -21.31
CA GLU A 152 36.16 -25.91 -22.73
C GLU A 152 37.43 -26.58 -23.26
N ALA A 153 38.55 -26.43 -22.53
CA ALA A 153 39.81 -27.04 -22.95
C ALA A 153 39.70 -28.57 -22.99
N ALA A 154 39.03 -29.15 -21.98
CA ALA A 154 38.84 -30.61 -21.89
C ALA A 154 38.04 -31.19 -23.07
N VAL A 155 37.02 -30.47 -23.59
CA VAL A 155 36.17 -30.99 -24.68
C VAL A 155 36.56 -30.46 -26.09
N GLY A 156 37.69 -29.79 -26.22
CA GLY A 156 38.13 -29.28 -27.52
C GLY A 156 37.83 -27.83 -27.85
N GLY A 157 37.41 -27.06 -26.86
CA GLY A 157 37.18 -25.62 -27.04
C GLY A 157 35.77 -25.15 -26.83
N ALA A 158 35.62 -23.82 -26.81
CA ALA A 158 34.34 -23.13 -26.58
C ALA A 158 33.29 -23.52 -27.62
N GLN A 159 33.67 -23.51 -28.92
CA GLN A 159 32.75 -23.87 -30.00
C GLN A 159 32.34 -25.33 -29.91
N ALA A 160 33.30 -26.22 -29.62
CA ALA A 160 33.04 -27.66 -29.47
C ALA A 160 32.00 -27.88 -28.35
N LEU A 161 32.17 -27.16 -27.22
CA LEU A 161 31.23 -27.27 -26.10
C LEU A 161 29.82 -26.76 -26.50
N SER A 162 29.74 -25.67 -27.29
CA SER A 162 28.46 -25.11 -27.70
C SER A 162 27.77 -26.02 -28.70
N CYS A 163 28.47 -26.57 -29.68
CA CYS A 163 27.83 -27.50 -30.63
C CYS A 163 27.16 -28.66 -29.87
N LEU A 164 27.85 -29.13 -28.83
CA LEU A 164 27.44 -30.26 -28.01
C LEU A 164 26.31 -29.92 -27.04
N THR A 165 26.43 -28.79 -26.29
CA THR A 165 25.48 -28.44 -25.24
C THR A 165 24.60 -27.20 -25.50
N GLY A 166 24.76 -26.54 -26.65
CA GLY A 166 24.02 -25.33 -27.02
C GLY A 166 24.60 -24.01 -26.53
N SER A 167 25.63 -24.09 -25.68
CA SER A 167 26.30 -22.95 -25.10
C SER A 167 27.79 -23.23 -24.90
N ARG A 168 28.61 -22.18 -24.98
CA ARG A 168 30.01 -22.28 -24.59
C ARG A 168 29.96 -22.32 -23.05
N ALA A 169 31.08 -22.38 -22.35
CA ALA A 169 31.02 -22.39 -20.90
C ALA A 169 30.64 -21.02 -20.33
N TYR A 170 29.60 -20.97 -19.48
CA TYR A 170 29.17 -19.76 -18.78
C TYR A 170 29.27 -20.05 -17.30
N GLU A 171 29.73 -19.07 -16.52
CA GLU A 171 29.99 -19.25 -15.10
C GLU A 171 28.78 -19.75 -14.32
N ARG A 172 27.58 -19.24 -14.61
CA ARG A 172 26.37 -19.67 -13.92
C ARG A 172 25.89 -21.11 -14.31
N PHE A 173 26.31 -21.64 -15.48
CA PHE A 173 25.85 -22.95 -15.94
C PHE A 173 26.32 -24.02 -14.97
N THR A 174 25.37 -24.91 -14.63
CA THR A 174 25.46 -25.90 -13.56
C THR A 174 26.72 -26.79 -13.53
N GLY A 175 27.19 -27.26 -14.67
CA GLY A 175 28.37 -28.11 -14.73
C GLY A 175 29.60 -27.47 -14.13
N ASN A 176 29.77 -26.17 -14.37
CA ASN A 176 30.91 -25.38 -13.86
C ASN A 176 30.78 -25.18 -12.35
N GLN A 177 29.53 -25.06 -11.85
CA GLN A 177 29.25 -24.96 -10.42
C GLN A 177 29.47 -26.31 -9.72
N ILE A 178 29.06 -27.38 -10.36
CA ILE A 178 29.26 -28.73 -9.82
C ILE A 178 30.76 -29.01 -9.69
N ALA A 179 31.55 -28.61 -10.73
CA ALA A 179 33.03 -28.77 -10.77
C ALA A 179 33.72 -28.01 -9.65
N LYS A 180 33.27 -26.77 -9.34
CA LYS A 180 33.83 -25.99 -8.25
C LYS A 180 33.53 -26.64 -6.88
N ILE A 181 32.27 -27.06 -6.63
CA ILE A 181 31.89 -27.70 -5.35
C ILE A 181 32.74 -28.96 -5.17
N TYR A 182 32.83 -29.80 -6.17
CA TYR A 182 33.72 -31.00 -6.13
C TYR A 182 35.20 -30.63 -5.79
N GLN A 183 35.73 -29.64 -6.51
CA GLN A 183 37.12 -29.21 -6.33
C GLN A 183 37.38 -28.61 -4.93
N GLN A 184 36.48 -27.72 -4.47
CA GLN A 184 36.65 -27.01 -3.19
C GLN A 184 36.07 -27.74 -1.97
N ASN A 185 35.07 -28.63 -2.17
CA ASN A 185 34.45 -29.42 -1.09
C ASN A 185 34.23 -30.87 -1.58
N PRO A 186 35.34 -31.59 -1.81
CA PRO A 186 35.24 -32.99 -2.31
C PRO A 186 34.56 -33.95 -1.32
N GLU A 187 34.60 -33.67 0.01
CA GLU A 187 33.92 -34.51 1.01
C GLU A 187 32.38 -34.36 0.87
N ALA A 188 31.87 -33.13 0.78
CA ALA A 188 30.42 -32.92 0.60
C ALA A 188 29.90 -33.54 -0.72
N TYR A 189 30.72 -33.47 -1.79
CA TYR A 189 30.38 -34.03 -3.10
C TYR A 189 30.30 -35.56 -3.05
N SER A 190 31.23 -36.19 -2.35
CA SER A 190 31.24 -37.64 -2.21
C SER A 190 30.00 -38.10 -1.41
N HIS A 191 29.52 -37.22 -0.48
CA HIS A 191 28.34 -37.49 0.33
C HIS A 191 27.05 -37.04 -0.34
N THR A 192 27.09 -36.64 -1.64
CA THR A 192 25.92 -36.24 -2.43
C THR A 192 25.40 -37.45 -3.23
N GLU A 193 24.15 -37.88 -3.00
CA GLU A 193 23.56 -38.99 -3.79
C GLU A 193 22.83 -38.48 -5.04
N ARG A 194 22.33 -37.23 -5.02
CA ARG A 194 21.56 -36.68 -6.11
C ARG A 194 21.82 -35.17 -6.27
N ILE A 195 21.90 -34.72 -7.52
CA ILE A 195 22.05 -33.30 -7.85
C ILE A 195 20.83 -32.92 -8.69
N SER A 196 20.13 -31.90 -8.26
CA SER A 196 18.94 -31.37 -8.94
C SER A 196 19.14 -29.95 -9.39
N LEU A 197 18.35 -29.52 -10.35
CA LEU A 197 18.23 -28.10 -10.70
C LEU A 197 17.16 -27.55 -9.78
N VAL A 198 16.99 -26.23 -9.69
CA VAL A 198 15.91 -25.69 -8.84
C VAL A 198 14.55 -26.26 -9.31
N SER A 199 14.33 -26.30 -10.63
CA SER A 199 13.11 -26.83 -11.23
C SER A 199 12.83 -28.29 -10.76
N SER A 200 13.80 -29.20 -10.98
CA SER A 200 13.61 -30.63 -10.63
C SER A 200 13.67 -30.85 -9.12
N PHE A 201 14.34 -29.95 -8.37
CA PHE A 201 14.32 -30.00 -6.91
C PHE A 201 12.87 -29.72 -6.43
N ALA A 202 12.25 -28.68 -6.98
CA ALA A 202 10.88 -28.31 -6.63
C ALA A 202 9.91 -29.42 -7.03
N ALA A 203 10.11 -30.03 -8.19
CA ALA A 203 9.28 -31.15 -8.62
C ALA A 203 9.42 -32.33 -7.66
N SER A 204 10.66 -32.59 -7.16
CA SER A 204 10.91 -33.67 -6.21
C SER A 204 10.13 -33.48 -4.90
N LEU A 205 10.02 -32.24 -4.43
CA LEU A 205 9.25 -31.91 -3.23
C LEU A 205 7.76 -32.30 -3.37
N PHE A 206 7.16 -32.02 -4.54
CA PHE A 206 5.75 -32.37 -4.81
C PHE A 206 5.57 -33.88 -5.02
N LEU A 207 6.55 -34.59 -5.63
CA LEU A 207 6.46 -36.04 -5.80
C LEU A 207 6.70 -36.83 -4.50
N GLY A 208 7.50 -36.26 -3.59
CA GLY A 208 7.95 -36.99 -2.41
C GLY A 208 8.92 -38.10 -2.84
N SER A 209 9.68 -37.84 -3.89
CA SER A 209 10.70 -38.71 -4.48
C SER A 209 11.46 -37.86 -5.50
N TYR A 210 12.63 -38.31 -5.94
CA TYR A 210 13.42 -37.53 -6.87
C TYR A 210 12.84 -37.46 -8.26
N SER A 211 12.67 -36.23 -8.76
CA SER A 211 12.22 -36.02 -10.12
C SER A 211 13.42 -36.05 -11.05
N PRO A 212 13.29 -36.54 -12.28
CA PRO A 212 14.38 -36.33 -13.24
C PRO A 212 14.43 -34.86 -13.69
N ILE A 213 15.51 -34.52 -14.37
CA ILE A 213 15.72 -33.21 -14.97
C ILE A 213 15.12 -33.27 -16.38
N ASP A 214 14.46 -32.20 -16.81
CA ASP A 214 13.86 -32.19 -18.14
C ASP A 214 14.89 -31.78 -19.20
N TYR A 215 14.60 -32.02 -20.48
CA TYR A 215 15.53 -31.70 -21.54
C TYR A 215 15.82 -30.21 -21.64
N SER A 216 14.79 -29.36 -21.44
CA SER A 216 14.92 -27.93 -21.61
C SER A 216 15.79 -27.28 -20.49
N ASP A 217 15.46 -27.42 -19.19
CA ASP A 217 16.31 -26.86 -18.13
C ASP A 217 17.65 -27.65 -18.05
N GLY A 218 17.62 -28.91 -18.43
CA GLY A 218 18.82 -29.75 -18.51
C GLY A 218 19.83 -29.23 -19.52
N SER A 219 19.39 -28.34 -20.43
CA SER A 219 20.24 -27.69 -21.43
C SER A 219 21.01 -26.49 -20.90
N GLY A 220 20.70 -26.03 -19.70
CA GLY A 220 21.38 -24.90 -19.08
C GLY A 220 22.52 -25.32 -18.15
N ASN A 222 25.81 -27.08 -19.53
CA ASN A 222 27.04 -27.48 -20.25
C ASN A 222 27.31 -28.98 -20.04
N LEU A 223 26.24 -29.79 -19.88
CA LEU A 223 26.33 -31.23 -19.63
C LEU A 223 25.54 -32.09 -20.63
N LEU A 224 24.34 -31.65 -21.03
CA LEU A 224 23.46 -32.42 -21.91
C LEU A 224 23.80 -32.25 -23.39
N GLN A 225 23.82 -33.36 -24.13
CA GLN A 225 23.93 -33.31 -25.58
C GLN A 225 22.54 -32.94 -26.09
N ILE A 226 22.35 -31.70 -26.53
CA ILE A 226 21.01 -31.22 -26.90
C ILE A 226 20.43 -32.00 -28.09
N GLN A 227 21.27 -32.55 -28.99
CA GLN A 227 20.81 -33.31 -30.17
C GLN A 227 20.32 -34.66 -29.79
N ASP A 228 21.18 -35.43 -29.13
CA ASP A 228 20.91 -36.81 -28.73
C ASP A 228 20.04 -36.92 -27.48
N LYS A 229 19.91 -35.87 -26.68
CA LYS A 229 19.11 -35.86 -25.43
C LYS A 229 19.67 -36.82 -24.40
N VAL A 230 20.99 -36.95 -24.39
CA VAL A 230 21.73 -37.78 -23.45
C VAL A 230 22.81 -36.89 -22.81
N TRP A 231 23.28 -37.27 -21.63
CA TRP A 231 24.38 -36.54 -21.00
C TRP A 231 25.65 -36.77 -21.80
N SER A 232 26.42 -35.70 -22.04
CA SER A 232 27.71 -35.83 -22.72
C SER A 232 28.69 -36.47 -21.75
N GLN A 233 29.22 -37.66 -22.07
CA GLN A 233 30.18 -38.31 -21.18
C GLN A 233 31.43 -37.46 -20.95
N ALA A 234 31.91 -36.77 -22.01
CA ALA A 234 33.07 -35.89 -21.95
C ALA A 234 32.85 -34.71 -21.03
N CYS A 235 31.64 -34.13 -21.03
CA CYS A 235 31.33 -32.98 -20.17
C CYS A 235 31.18 -33.43 -18.73
N LEU A 236 30.49 -34.56 -18.53
CA LEU A 236 30.32 -35.15 -17.19
C LEU A 236 31.68 -35.40 -16.55
N GLY A 237 32.54 -36.11 -17.28
CA GLY A 237 33.87 -36.45 -16.79
C GLY A 237 34.80 -35.27 -16.53
N ALA A 238 34.64 -34.18 -17.32
CA ALA A 238 35.44 -32.97 -17.15
C ALA A 238 34.94 -32.09 -15.99
N CYS A 239 33.73 -32.36 -15.44
CA CYS A 239 33.16 -31.54 -14.36
C CYS A 239 33.40 -32.18 -13.01
N ALA A 240 32.94 -33.41 -12.80
CA ALA A 240 33.09 -34.08 -11.51
C ALA A 240 32.84 -35.57 -11.66
N PRO A 241 33.46 -36.41 -10.80
CA PRO A 241 33.32 -37.86 -10.96
C PRO A 241 31.96 -38.40 -10.48
N HIS A 242 31.56 -39.53 -11.05
CA HIS A 242 30.27 -40.21 -10.77
C HIS A 242 29.09 -39.23 -10.90
N LEU A 243 29.19 -38.26 -11.82
CA LEU A 243 28.15 -37.25 -11.94
C LEU A 243 26.87 -37.81 -12.59
N GLU A 244 26.97 -38.73 -13.54
CA GLU A 244 25.77 -39.25 -14.23
C GLU A 244 24.76 -39.90 -13.28
N GLU A 245 25.23 -40.72 -12.33
CA GLU A 245 24.34 -41.38 -11.36
C GLU A 245 23.69 -40.35 -10.43
N LYS A 246 24.37 -39.19 -10.17
CA LYS A 246 23.79 -38.14 -9.33
C LYS A 246 22.67 -37.36 -10.09
N LEU A 247 22.74 -37.31 -11.43
CA LEU A 247 21.76 -36.59 -12.24
C LEU A 247 20.57 -37.44 -12.65
N SER A 248 20.82 -38.74 -13.01
CA SER A 248 19.82 -39.69 -13.52
C SER A 248 19.48 -39.32 -14.98
N PRO A 249 18.82 -40.21 -15.76
CA PRO A 249 18.52 -39.84 -17.14
C PRO A 249 17.57 -38.66 -17.27
N PRO A 250 17.81 -37.77 -18.24
CA PRO A 250 16.90 -36.63 -18.44
C PRO A 250 15.64 -37.09 -19.19
N VAL A 251 14.54 -36.33 -19.06
CA VAL A 251 13.27 -36.72 -19.67
C VAL A 251 12.69 -35.62 -20.51
N PRO A 252 11.79 -35.95 -21.46
CA PRO A 252 11.07 -34.88 -22.17
C PRO A 252 10.31 -33.99 -21.19
N SER A 253 10.25 -32.70 -21.48
CA SER A 253 9.60 -31.74 -20.59
C SER A 253 8.12 -32.08 -20.38
N CYS A 254 7.44 -32.58 -21.42
CA CYS A 254 6.06 -33.01 -21.27
C CYS A 254 6.04 -34.48 -20.85
N SER A 255 6.32 -34.69 -19.58
CA SER A 255 6.38 -35.99 -18.94
C SER A 255 5.67 -35.90 -17.65
N VAL A 256 4.79 -36.85 -17.36
CA VAL A 256 4.18 -36.98 -16.06
C VAL A 256 5.24 -37.71 -15.27
N VAL A 257 5.87 -37.04 -14.31
CA VAL A 257 6.96 -37.62 -13.53
C VAL A 257 6.41 -38.43 -12.34
N GLY A 258 5.12 -38.32 -12.09
CA GLY A 258 4.45 -39.08 -11.04
C GLY A 258 3.21 -38.41 -10.53
N ALA A 259 2.56 -39.06 -9.59
CA ALA A 259 1.39 -38.49 -8.94
C ALA A 259 1.88 -37.64 -7.78
N ILE A 260 1.04 -36.71 -7.32
CA ILE A 260 1.42 -35.90 -6.17
C ILE A 260 1.65 -36.82 -4.94
N SER A 261 2.58 -36.45 -4.04
CA SER A 261 2.78 -37.27 -2.84
C SER A 261 1.51 -37.27 -1.97
N SER A 262 1.25 -38.40 -1.29
CA SER A 262 0.12 -38.54 -0.37
C SER A 262 0.20 -37.50 0.75
N TYR A 263 1.42 -36.99 1.00
CA TYR A 263 1.69 -35.91 1.95
C TYR A 263 0.76 -34.72 1.67
N TYR A 264 0.67 -34.30 0.41
CA TYR A 264 -0.14 -33.15 0.00
C TYR A 264 -1.63 -33.51 -0.02
N VAL A 265 -1.94 -34.76 -0.37
CA VAL A 265 -3.31 -35.28 -0.37
C VAL A 265 -3.88 -35.17 1.03
N GLN A 266 -3.14 -35.73 1.99
CA GLN A 266 -3.57 -35.77 3.39
C GLN A 266 -3.44 -34.42 4.10
N ARG A 267 -2.35 -33.68 3.90
CA ARG A 267 -2.16 -32.39 4.60
C ARG A 267 -3.02 -31.26 4.02
N TYR A 268 -3.14 -31.16 2.69
CA TYR A 268 -3.86 -30.03 2.05
C TYR A 268 -5.11 -30.39 1.25
N GLY A 269 -5.38 -31.65 1.00
CA GLY A 269 -6.58 -32.03 0.28
C GLY A 269 -6.46 -32.03 -1.22
N PHE A 270 -5.22 -32.22 -1.75
CA PHE A 270 -5.07 -32.39 -3.19
C PHE A 270 -5.74 -33.72 -3.52
N PRO A 271 -6.33 -33.91 -4.71
CA PRO A 271 -6.90 -35.22 -5.03
C PRO A 271 -5.74 -36.23 -5.26
N PRO A 272 -5.90 -37.50 -4.82
CA PRO A 272 -4.83 -38.50 -5.01
C PRO A 272 -4.37 -38.71 -6.47
N GLY A 273 -5.23 -38.41 -7.44
CA GLY A 273 -4.88 -38.51 -8.84
C GLY A 273 -4.19 -37.29 -9.44
N CYS A 274 -3.83 -36.27 -8.59
CA CYS A 274 -3.20 -35.06 -9.11
C CYS A 274 -1.85 -35.42 -9.73
N LYS A 275 -1.67 -35.05 -10.99
CA LYS A 275 -0.44 -35.35 -11.71
C LYS A 275 0.62 -34.23 -11.57
N VAL A 276 1.88 -34.65 -11.44
CA VAL A 276 3.04 -33.75 -11.42
C VAL A 276 3.68 -33.88 -12.80
N VAL A 277 3.57 -32.82 -13.58
CA VAL A 277 4.21 -32.74 -14.89
C VAL A 277 5.61 -32.16 -14.66
N ALA A 278 6.64 -32.74 -15.31
CA ALA A 278 8.03 -32.30 -15.14
C ALA A 278 8.20 -30.78 -15.14
N PHE A 279 8.94 -30.28 -14.19
CA PHE A 279 9.21 -28.85 -14.06
C PHE A 279 10.27 -28.49 -15.11
N THR A 280 10.35 -27.22 -15.45
CA THR A 280 11.34 -26.74 -16.41
C THR A 280 11.93 -25.40 -15.92
N GLY A 281 12.81 -24.83 -16.72
CA GLY A 281 13.41 -23.54 -16.44
C GLY A 281 12.40 -22.44 -16.55
N ASP A 282 12.69 -21.29 -15.92
CA ASP A 282 11.75 -20.16 -15.98
C ASP A 282 11.68 -19.56 -17.41
N ASN A 283 12.80 -19.46 -18.13
CA ASN A 283 12.72 -18.93 -19.51
C ASN A 283 12.01 -19.91 -20.42
N PRO A 284 12.31 -21.23 -20.39
CA PRO A 284 11.50 -22.19 -21.16
C PRO A 284 10.01 -22.15 -20.78
N ALA A 285 9.67 -22.01 -19.49
CA ALA A 285 8.29 -21.92 -19.06
C ALA A 285 7.60 -20.63 -19.58
N SER A 286 8.35 -19.52 -19.65
CA SER A 286 7.80 -18.27 -20.20
C SER A 286 7.58 -18.42 -21.69
N LEU A 287 8.43 -19.20 -22.38
CA LEU A 287 8.20 -19.45 -23.81
C LEU A 287 6.84 -20.17 -24.00
N ALA A 288 6.53 -21.14 -23.12
CA ALA A 288 5.27 -21.85 -23.13
C ALA A 288 4.12 -20.90 -22.79
N GLY A 289 4.32 -20.06 -21.77
CA GLY A 289 3.35 -19.07 -21.33
C GLY A 289 2.97 -18.07 -22.41
N ARG A 291 3.28 -18.77 -25.62
CA ARG A 291 2.75 -19.62 -26.67
C ARG A 291 3.47 -19.42 -28.00
N LEU A 292 4.80 -19.39 -27.95
CA LEU A 292 5.59 -19.29 -29.16
C LEU A 292 5.50 -20.60 -29.92
N GLU A 293 5.53 -20.47 -31.24
CA GLU A 293 5.51 -21.55 -32.19
C GLU A 293 6.64 -21.40 -33.14
N GLU A 294 6.77 -22.34 -34.06
CA GLU A 294 7.74 -22.26 -35.13
C GLU A 294 7.63 -20.90 -35.85
N GLY A 295 8.77 -20.25 -36.03
CA GLY A 295 8.88 -18.95 -36.69
C GLY A 295 8.70 -17.76 -35.76
N ASP A 296 8.33 -17.97 -34.50
CA ASP A 296 8.08 -16.86 -33.59
C ASP A 296 9.28 -16.44 -32.78
N ILE A 297 9.21 -15.20 -32.32
CA ILE A 297 10.27 -14.62 -31.51
C ILE A 297 9.58 -13.78 -30.47
N ALA A 298 10.20 -13.69 -29.28
CA ALA A 298 9.71 -12.81 -28.20
C ALA A 298 10.83 -11.87 -27.79
N VAL A 299 10.51 -10.60 -27.63
CA VAL A 299 11.45 -9.58 -27.19
C VAL A 299 11.02 -9.10 -25.83
N SER A 300 11.81 -9.41 -24.80
CA SER A 300 11.57 -8.90 -23.46
C SER A 300 12.46 -7.68 -23.25
N LEU A 301 11.85 -6.51 -23.17
CA LEU A 301 12.53 -5.24 -23.03
C LEU A 301 12.62 -4.85 -21.58
N GLY A 302 13.83 -4.68 -21.08
CA GLY A 302 14.08 -4.25 -19.71
C GLY A 302 15.50 -3.79 -19.50
N THR A 303 15.99 -3.88 -18.24
CA THR A 303 17.37 -3.49 -17.86
C THR A 303 18.32 -4.23 -18.78
N SER A 304 18.04 -5.50 -18.95
CA SER A 304 18.63 -6.35 -19.97
C SER A 304 17.50 -6.63 -20.96
N ASP A 305 17.79 -6.69 -22.26
CA ASP A 305 16.84 -7.06 -23.29
C ASP A 305 17.06 -8.52 -23.59
N THR A 306 16.01 -9.34 -23.57
CA THR A 306 16.15 -10.78 -23.84
C THR A 306 15.35 -11.17 -25.04
N LEU A 307 15.99 -11.91 -25.90
CA LEU A 307 15.37 -12.45 -27.08
C LEU A 307 15.08 -13.93 -26.86
N PHE A 308 13.82 -14.36 -27.07
CA PHE A 308 13.41 -15.78 -27.02
C PHE A 308 13.13 -16.21 -28.44
N LEU A 309 13.77 -17.27 -28.91
CA LEU A 309 13.57 -17.73 -30.28
C LEU A 309 13.11 -19.15 -30.31
N TRP A 310 12.26 -19.47 -31.29
CA TRP A 310 11.93 -20.83 -31.64
C TRP A 310 12.95 -21.23 -32.68
N LEU A 311 13.53 -22.41 -32.54
CA LEU A 311 14.51 -22.92 -33.49
C LEU A 311 14.23 -24.37 -33.86
N GLN A 312 13.94 -24.65 -35.16
CA GLN A 312 13.73 -26.01 -35.66
C GLN A 312 15.05 -26.73 -35.68
N GLU A 313 16.07 -26.05 -36.24
CA GLU A 313 17.44 -26.57 -36.33
C GLU A 313 18.39 -25.50 -35.77
N PRO A 314 19.02 -25.76 -34.65
CA PRO A 314 19.89 -24.73 -34.06
C PRO A 314 21.30 -24.69 -34.65
N PRO A 316 24.50 -23.63 -32.69
CA PRO A 316 25.14 -23.10 -31.47
C PRO A 316 26.38 -22.26 -31.76
N ALA A 317 26.54 -21.21 -30.95
CA ALA A 317 27.58 -20.20 -31.13
C ALA A 317 28.30 -19.89 -29.83
N LEU A 318 29.28 -18.95 -29.94
CA LEU A 318 30.01 -18.44 -28.77
C LEU A 318 29.16 -17.40 -28.04
N GLU A 319 27.99 -17.07 -28.57
CA GLU A 319 27.02 -16.19 -27.93
C GLU A 319 25.64 -16.89 -27.91
N GLY A 320 24.84 -16.50 -26.95
CA GLY A 320 23.50 -17.04 -26.78
C GLY A 320 23.49 -18.45 -26.20
N HIS A 321 22.29 -18.94 -25.98
CA HIS A 321 22.06 -20.23 -25.36
C HIS A 321 20.99 -20.95 -26.08
N ILE A 322 21.34 -22.13 -26.63
CA ILE A 322 20.36 -23.00 -27.31
C ILE A 322 19.97 -24.10 -26.36
N PHE A 323 18.65 -24.22 -26.11
CA PHE A 323 18.07 -25.25 -25.28
C PHE A 323 17.13 -26.13 -26.07
N CYS A 324 16.91 -27.36 -25.59
CA CYS A 324 15.85 -28.21 -26.11
C CYS A 324 14.53 -27.48 -25.85
N ASN A 325 13.59 -27.56 -26.78
CA ASN A 325 12.33 -26.82 -26.65
C ASN A 325 11.41 -27.47 -25.59
N PRO A 326 10.82 -26.69 -24.63
CA PRO A 326 9.96 -27.32 -23.60
C PRO A 326 8.60 -27.83 -24.11
N VAL A 327 8.05 -27.24 -25.20
CA VAL A 327 6.73 -27.60 -25.71
C VAL A 327 6.84 -28.46 -26.98
N ASP A 328 8.05 -28.82 -27.38
CA ASP A 328 8.32 -29.66 -28.54
C ASP A 328 9.73 -30.23 -28.42
N SER A 329 9.85 -31.39 -27.76
CA SER A 329 11.13 -32.03 -27.48
C SER A 329 11.97 -32.39 -28.71
N GLN A 330 11.39 -32.40 -29.91
CA GLN A 330 12.17 -32.64 -31.14
C GLN A 330 12.89 -31.36 -31.63
N HIS A 331 12.46 -30.17 -31.19
CA HIS A 331 13.03 -28.91 -31.66
C HIS A 331 13.63 -28.09 -30.50
N TYR A 332 14.05 -26.85 -30.77
CA TYR A 332 14.83 -26.07 -29.85
C TYR A 332 14.29 -24.67 -29.64
N ALA A 334 16.08 -20.66 -28.14
CA ALA A 334 17.27 -19.93 -27.81
C ALA A 334 16.98 -18.67 -27.05
N LEU A 335 17.93 -18.30 -26.18
CA LEU A 335 18.00 -17.05 -25.48
C LEU A 335 19.21 -16.28 -25.96
N LEU A 336 19.02 -15.00 -26.24
CA LEU A 336 20.07 -14.01 -26.54
C LEU A 336 19.82 -12.86 -25.58
N CYS A 337 20.83 -12.48 -24.78
N CYS A 337 20.84 -12.48 -24.78
CA CYS A 337 20.72 -11.43 -23.76
CA CYS A 337 20.78 -11.40 -23.80
C CYS A 337 21.57 -10.23 -24.16
C CYS A 337 21.54 -10.21 -24.31
N PHE A 338 20.98 -9.02 -24.05
CA PHE A 338 21.60 -7.76 -24.40
C PHE A 338 21.69 -6.89 -23.14
N LYS A 339 22.92 -6.64 -22.66
CA LYS A 339 23.19 -5.85 -21.45
C LYS A 339 22.73 -4.38 -21.54
N ASN A 340 22.79 -3.78 -22.74
CA ASN A 340 22.42 -2.38 -22.92
C ASN A 340 20.97 -2.35 -23.42
N GLY A 341 20.06 -2.16 -22.48
CA GLY A 341 18.63 -2.18 -22.75
C GLY A 341 17.97 -0.89 -22.35
N SER A 342 17.17 -0.93 -21.30
CA SER A 342 16.37 0.22 -20.87
C SER A 342 17.22 1.43 -20.38
N LEU A 343 18.40 1.21 -19.75
CA LEU A 343 19.26 2.31 -19.32
C LEU A 343 19.76 3.14 -20.50
N ARG A 345 18.19 3.36 -23.47
CA ARG A 345 17.04 4.07 -24.04
C ARG A 345 16.69 5.32 -23.19
N GLU A 346 16.89 5.25 -21.85
CA GLU A 346 16.59 6.36 -20.94
C GLU A 346 17.61 7.45 -21.10
N LYS A 347 18.91 7.06 -21.10
CA LYS A 347 20.02 7.99 -21.29
C LYS A 347 19.89 8.73 -22.62
N ILE A 348 19.59 8.02 -23.71
CA ILE A 348 19.47 8.66 -24.99
C ILE A 348 18.28 9.61 -24.99
N ARG A 349 17.14 9.22 -24.35
CA ARG A 349 15.97 10.08 -24.25
C ARG A 349 16.33 11.40 -23.56
N ASN A 350 16.93 11.29 -22.37
CA ASN A 350 17.32 12.41 -21.52
C ASN A 350 18.37 13.33 -22.17
N GLU A 351 19.28 12.77 -22.95
CA GLU A 351 20.29 13.55 -23.65
C GLU A 351 19.76 14.23 -24.91
N SER A 352 18.89 13.55 -25.68
CA SER A 352 18.50 13.98 -27.02
C SER A 352 17.14 14.64 -27.18
N VAL A 353 16.16 14.34 -26.31
CA VAL A 353 14.82 14.93 -26.40
C VAL A 353 14.38 15.39 -24.99
N SER A 354 13.12 15.80 -24.79
CA SER A 354 12.67 16.13 -23.44
C SER A 354 12.63 14.80 -22.62
N ARG A 355 12.78 14.89 -21.30
CA ARG A 355 12.83 13.71 -20.41
C ARG A 355 11.46 13.02 -20.31
N SER A 356 10.92 12.61 -21.47
CA SER A 356 9.65 11.90 -21.60
C SER A 356 9.61 10.98 -22.82
N TRP A 357 8.82 9.95 -22.66
CA TRP A 357 8.67 8.92 -23.68
C TRP A 357 7.79 9.38 -24.81
N SER A 358 6.94 10.38 -24.56
CA SER A 358 6.18 11.03 -25.61
C SER A 358 7.11 11.71 -26.63
N ASP A 359 8.14 12.45 -26.15
CA ASP A 359 9.08 13.17 -27.04
C ASP A 359 10.04 12.16 -27.75
N PHE A 360 10.30 11.03 -27.11
CA PHE A 360 11.08 9.94 -27.70
C PHE A 360 10.29 9.39 -28.91
N SER A 361 8.97 9.21 -28.72
CA SER A 361 8.08 8.69 -29.76
C SER A 361 7.95 9.67 -30.91
N LYS A 362 7.83 10.96 -30.59
CA LYS A 362 7.77 12.01 -31.66
C LYS A 362 9.05 12.00 -32.53
N ALA A 363 10.23 11.77 -31.91
CA ALA A 363 11.51 11.67 -32.67
C ALA A 363 11.44 10.49 -33.68
N LEU A 364 10.87 9.35 -33.25
CA LEU A 364 10.67 8.19 -34.12
C LEU A 364 9.63 8.51 -35.21
N GLN A 365 8.56 9.24 -34.87
CA GLN A 365 7.52 9.62 -35.85
C GLN A 365 8.05 10.62 -36.87
N SER A 366 8.92 11.54 -36.43
CA SER A 366 9.47 12.58 -37.27
C SER A 366 10.70 12.15 -38.10
N THR A 367 11.11 10.86 -38.07
CA THR A 367 12.25 10.35 -38.85
C THR A 367 11.81 9.18 -39.72
N GLU A 368 12.43 9.03 -40.89
CA GLU A 368 12.10 7.97 -41.86
C GLU A 368 12.75 6.64 -41.53
N GLY A 370 15.09 3.63 -41.87
CA GLY A 370 16.47 3.62 -42.36
C GLY A 370 17.30 4.80 -41.88
N ASN A 371 16.65 5.83 -41.29
CA ASN A 371 17.29 6.99 -40.65
C ASN A 371 18.27 7.76 -41.57
N GLY A 372 17.95 7.82 -42.84
CA GLY A 372 18.79 8.43 -43.86
C GLY A 372 20.16 7.78 -44.00
N GLY A 373 20.29 6.50 -43.61
CA GLY A 373 21.59 5.82 -43.64
C GLY A 373 22.48 6.03 -42.41
N ASN A 374 21.98 6.75 -41.40
CA ASN A 374 22.71 6.97 -40.15
C ASN A 374 22.53 5.76 -39.27
N LEU A 375 23.64 5.13 -38.84
CA LEU A 375 23.60 3.91 -38.04
C LEU A 375 24.37 4.08 -36.76
N GLY A 376 23.89 3.49 -35.70
CA GLY A 376 24.48 3.62 -34.39
C GLY A 376 24.47 2.37 -33.55
N PHE A 377 25.50 2.26 -32.72
CA PHE A 377 25.75 1.20 -31.73
C PHE A 377 25.94 1.92 -30.41
N TYR A 378 25.18 1.55 -29.39
CA TYR A 378 25.18 2.25 -28.11
C TYR A 378 25.43 1.28 -26.96
N PHE A 379 26.70 1.17 -26.56
CA PHE A 379 27.11 0.24 -25.50
C PHE A 379 27.88 0.95 -24.38
N ASP A 380 27.19 1.63 -23.46
CA ASP A 380 27.89 2.33 -22.36
C ASP A 380 28.50 1.33 -21.38
N VAL A 381 27.93 0.12 -21.28
CA VAL A 381 28.51 -0.98 -20.50
C VAL A 381 28.94 -2.04 -21.49
N GLU A 383 29.01 -4.95 -23.72
CA GLU A 383 27.92 -5.72 -24.24
C GLU A 383 28.36 -7.20 -24.29
N ILE A 384 27.39 -8.09 -24.17
CA ILE A 384 27.53 -9.57 -24.22
C ILE A 384 27.31 -10.05 -25.66
N THR A 385 26.26 -9.54 -26.31
CA THR A 385 25.90 -9.95 -27.67
C THR A 385 25.99 -8.75 -28.62
N PRO A 386 27.13 -8.51 -29.29
CA PRO A 386 28.45 -9.15 -29.19
C PRO A 386 29.28 -8.45 -28.10
N GLU A 387 30.56 -8.80 -27.99
CA GLU A 387 31.46 -8.19 -27.00
C GLU A 387 32.05 -6.87 -27.54
N ILE A 388 31.31 -5.80 -27.38
CA ILE A 388 31.68 -4.45 -27.78
C ILE A 388 31.29 -3.50 -26.66
N ILE A 389 32.08 -2.45 -26.51
CA ILE A 389 31.79 -1.36 -25.58
C ILE A 389 31.96 -0.06 -26.36
N GLY A 390 31.26 0.97 -25.92
CA GLY A 390 31.33 2.31 -26.50
C GLY A 390 30.16 2.63 -27.40
N ARG A 391 30.05 3.91 -27.76
CA ARG A 391 29.08 4.40 -28.72
C ARG A 391 29.80 4.57 -30.04
N HIS A 392 29.25 4.01 -31.11
CA HIS A 392 29.83 4.04 -32.46
C HIS A 392 28.77 4.52 -33.42
N ARG A 393 28.95 5.70 -34.01
CA ARG A 393 28.01 6.29 -34.95
C ARG A 393 28.63 6.43 -36.34
N PHE A 394 27.85 6.12 -37.39
CA PHE A 394 28.28 6.21 -38.78
C PHE A 394 27.25 6.96 -39.60
N ASN A 395 27.69 7.82 -40.51
CA ASN A 395 26.76 8.55 -41.37
C ASN A 395 26.40 7.69 -42.63
N THR A 396 25.60 8.24 -43.56
CA THR A 396 25.16 7.51 -44.75
C THR A 396 26.35 7.06 -45.66
N GLU A 397 27.53 7.72 -45.59
CA GLU A 397 28.72 7.30 -46.36
C GLU A 397 29.60 6.28 -45.60
N ASN A 398 29.10 5.72 -44.50
CA ASN A 398 29.78 4.79 -43.61
C ASN A 398 31.01 5.44 -42.96
N HIS A 399 31.01 6.78 -42.79
CA HIS A 399 32.08 7.47 -42.08
C HIS A 399 31.73 7.55 -40.64
N LYS A 400 32.71 7.34 -39.77
CA LYS A 400 32.48 7.42 -38.33
C LYS A 400 32.28 8.89 -37.92
N VAL A 401 31.24 9.16 -37.12
CA VAL A 401 30.91 10.51 -36.70
C VAL A 401 30.82 10.56 -35.17
N ALA A 402 31.05 11.75 -34.64
CA ALA A 402 31.09 12.00 -33.21
C ALA A 402 29.70 12.10 -32.61
N ALA A 403 28.73 12.53 -33.40
CA ALA A 403 27.38 12.75 -32.91
C ALA A 403 26.36 12.81 -34.05
N PHE A 404 25.09 12.69 -33.68
CA PHE A 404 23.96 12.86 -34.56
C PHE A 404 23.05 13.94 -34.04
N PRO A 405 22.18 14.50 -34.90
CA PRO A 405 21.06 15.31 -34.37
C PRO A 405 20.18 14.48 -33.41
N GLY A 406 19.55 15.12 -32.43
CA GLY A 406 18.74 14.44 -31.42
C GLY A 406 17.74 13.39 -31.89
N ASP A 407 16.91 13.72 -32.90
CA ASP A 407 15.93 12.78 -33.43
C ASP A 407 16.59 11.59 -34.16
N VAL A 408 17.69 11.84 -34.88
CA VAL A 408 18.46 10.80 -35.59
C VAL A 408 19.05 9.84 -34.55
N GLU A 409 19.54 10.38 -33.43
CA GLU A 409 20.12 9.58 -32.34
C GLU A 409 19.10 8.58 -31.80
N VAL A 410 17.86 9.03 -31.53
CA VAL A 410 16.76 8.21 -31.00
C VAL A 410 16.45 7.04 -31.97
N ARG A 411 16.31 7.33 -33.26
CA ARG A 411 16.06 6.27 -34.24
C ARG A 411 17.30 5.38 -34.39
N ALA A 412 18.53 5.93 -34.41
CA ALA A 412 19.75 5.11 -34.55
C ALA A 412 19.83 4.10 -33.41
N LEU A 413 19.47 4.50 -32.19
CA LEU A 413 19.42 3.58 -31.05
C LEU A 413 18.35 2.49 -31.24
N ILE A 414 17.10 2.87 -31.49
CA ILE A 414 16.01 1.89 -31.59
C ILE A 414 16.14 0.99 -32.82
N GLU A 415 16.39 1.55 -34.01
CA GLU A 415 16.60 0.71 -35.21
C GLU A 415 17.80 -0.20 -35.05
N GLY A 416 18.89 0.36 -34.51
CA GLY A 416 20.10 -0.40 -34.28
C GLY A 416 19.89 -1.56 -33.33
N GLN A 417 19.22 -1.31 -32.20
CA GLN A 417 18.95 -2.34 -31.21
C GLN A 417 18.09 -3.49 -31.82
N PHE A 418 17.09 -3.14 -32.61
CA PHE A 418 16.26 -4.19 -33.24
C PHE A 418 16.94 -4.88 -34.41
N ALA A 420 20.14 -5.43 -34.56
CA ALA A 420 21.09 -6.32 -33.88
C ALA A 420 20.39 -7.60 -33.42
N LYS A 421 19.20 -7.47 -32.85
CA LYS A 421 18.43 -8.64 -32.43
C LYS A 421 18.11 -9.54 -33.63
N ARG A 422 17.73 -8.97 -34.77
CA ARG A 422 17.48 -9.77 -35.95
C ARG A 422 18.75 -10.46 -36.45
N ILE A 423 19.85 -9.71 -36.59
CA ILE A 423 21.15 -10.24 -37.06
C ILE A 423 21.64 -11.37 -36.15
N HIS A 424 21.61 -11.15 -34.82
CA HIS A 424 22.11 -12.17 -33.88
C HIS A 424 21.18 -13.38 -33.82
N ALA A 425 19.84 -13.19 -33.93
CA ALA A 425 18.89 -14.31 -33.98
C ALA A 425 19.18 -15.15 -35.23
N GLU A 426 19.32 -14.48 -36.38
CA GLU A 426 19.63 -15.15 -37.64
C GLU A 426 20.94 -15.94 -37.58
N GLY A 427 21.91 -15.45 -36.82
CA GLY A 427 23.17 -16.14 -36.59
C GLY A 427 22.99 -17.48 -35.89
N LEU A 428 21.91 -17.64 -35.07
CA LEU A 428 21.58 -18.92 -34.39
C LEU A 428 20.67 -19.87 -35.21
N GLY A 429 20.32 -19.48 -36.44
CA GLY A 429 19.45 -20.26 -37.31
C GLY A 429 18.02 -19.78 -37.40
N TYR A 430 17.69 -18.64 -36.79
CA TYR A 430 16.33 -18.13 -36.85
C TYR A 430 16.06 -17.48 -38.16
N ARG A 431 14.90 -17.72 -38.73
CA ARG A 431 14.47 -17.09 -39.95
C ARG A 431 13.03 -16.62 -39.80
N VAL A 432 12.75 -15.41 -40.28
CA VAL A 432 11.41 -14.90 -40.30
C VAL A 432 10.64 -15.74 -41.31
N SER A 434 6.50 -16.62 -42.99
CA SER A 434 5.21 -16.01 -43.30
C SER A 434 4.25 -16.04 -42.07
N LYS A 435 4.33 -17.10 -41.28
CA LYS A 435 3.51 -17.29 -40.08
C LYS A 435 4.04 -16.51 -38.84
N THR A 436 5.28 -15.99 -38.89
CA THR A 436 5.95 -15.30 -37.76
C THR A 436 5.10 -14.25 -37.06
N LYS A 437 5.06 -14.38 -35.75
CA LYS A 437 4.49 -13.40 -34.83
C LYS A 437 5.61 -13.00 -33.87
N ILE A 438 5.70 -11.68 -33.57
CA ILE A 438 6.64 -11.14 -32.63
C ILE A 438 5.87 -10.81 -31.39
N LEU A 439 6.31 -11.29 -30.25
CA LEU A 439 5.75 -10.89 -28.97
C LEU A 439 6.69 -9.92 -28.27
N ALA A 440 6.19 -8.77 -27.86
CA ALA A 440 6.98 -7.76 -27.18
C ALA A 440 6.41 -7.56 -25.79
N THR A 441 7.29 -7.55 -24.79
CA THR A 441 6.89 -7.34 -23.42
C THR A 441 7.92 -6.42 -22.73
N GLY A 442 7.52 -5.89 -21.60
CA GLY A 442 8.33 -4.98 -20.82
C GLY A 442 7.93 -3.54 -21.03
N GLY A 443 8.57 -2.67 -20.28
CA GLY A 443 8.29 -1.24 -20.27
C GLY A 443 8.19 -0.57 -21.63
N ALA A 444 9.18 -0.83 -22.48
CA ALA A 444 9.23 -0.24 -23.82
C ALA A 444 8.18 -0.82 -24.77
N SER A 445 7.55 -1.98 -24.44
CA SER A 445 6.49 -2.51 -25.29
C SER A 445 5.23 -1.65 -25.17
N HIS A 446 5.15 -0.72 -24.18
CA HIS A 446 4.05 0.24 -24.06
C HIS A 446 4.18 1.39 -25.03
N ASN A 447 5.26 1.45 -25.84
CA ASN A 447 5.53 2.52 -26.80
C ASN A 447 5.29 2.00 -28.20
N ARG A 448 4.27 2.53 -28.83
CA ARG A 448 3.80 2.14 -30.16
C ARG A 448 4.85 2.40 -31.24
N GLU A 449 5.59 3.51 -31.11
CA GLU A 449 6.59 3.92 -32.09
C GLU A 449 7.79 2.95 -32.00
N ILE A 450 8.17 2.57 -30.78
CA ILE A 450 9.25 1.57 -30.64
C ILE A 450 8.80 0.24 -31.27
N LEU A 451 7.58 -0.25 -30.99
CA LEU A 451 7.13 -1.53 -31.58
C LEU A 451 6.95 -1.44 -33.08
N GLN A 452 6.62 -0.27 -33.61
CA GLN A 452 6.55 -0.10 -35.06
C GLN A 452 7.93 -0.37 -35.71
N VAL A 453 9.03 0.14 -35.09
CA VAL A 453 10.39 -0.07 -35.61
C VAL A 453 10.68 -1.56 -35.57
N LEU A 454 10.31 -2.22 -34.48
CA LEU A 454 10.50 -3.68 -34.35
C LEU A 454 9.76 -4.42 -35.46
N ALA A 455 8.48 -4.05 -35.73
CA ALA A 455 7.70 -4.67 -36.79
C ALA A 455 8.32 -4.43 -38.16
N ASP A 456 8.81 -3.23 -38.41
CA ASP A 456 9.45 -2.86 -39.66
C ASP A 456 10.76 -3.62 -39.89
N VAL A 457 11.59 -3.75 -38.85
CA VAL A 457 12.92 -4.39 -38.96
C VAL A 457 12.75 -5.88 -39.28
N PHE A 458 11.81 -6.57 -38.64
CA PHE A 458 11.58 -7.99 -38.88
C PHE A 458 10.59 -8.28 -40.03
N ASP A 459 9.87 -7.26 -40.52
CA ASP A 459 8.85 -7.40 -41.54
C ASP A 459 7.80 -8.42 -41.05
N ALA A 460 7.38 -8.28 -39.77
CA ALA A 460 6.43 -9.18 -39.16
C ALA A 460 5.58 -8.47 -38.12
N PRO A 461 4.35 -8.96 -37.87
CA PRO A 461 3.46 -8.28 -36.92
C PRO A 461 3.91 -8.43 -35.49
N VAL A 462 3.62 -7.41 -34.67
CA VAL A 462 4.02 -7.37 -33.27
C VAL A 462 2.80 -7.37 -32.38
N TYR A 463 2.82 -8.26 -31.38
CA TYR A 463 1.77 -8.40 -30.42
C TYR A 463 2.32 -8.05 -29.06
N VAL A 464 1.47 -7.49 -28.18
CA VAL A 464 1.87 -7.14 -26.82
C VAL A 464 1.14 -8.05 -25.86
N ILE A 465 1.85 -8.46 -24.81
CA ILE A 465 1.40 -9.40 -23.80
C ILE A 465 1.99 -9.02 -22.45
N ASP A 466 1.22 -9.25 -21.37
CA ASP A 466 1.69 -9.06 -20.00
C ASP A 466 2.39 -10.37 -19.60
N THR A 467 3.66 -10.29 -19.18
CA THR A 467 4.44 -11.48 -18.82
C THR A 467 4.87 -11.45 -17.37
N ALA A 468 4.15 -10.70 -16.51
CA ALA A 468 4.49 -10.62 -15.09
C ALA A 468 4.52 -12.02 -14.45
N ASN A 469 3.61 -12.90 -14.86
CA ASN A 469 3.49 -14.27 -14.36
C ASN A 469 3.70 -15.28 -15.49
N SER A 470 4.47 -14.94 -16.53
CA SER A 470 4.58 -15.85 -17.68
C SER A 470 5.14 -17.22 -17.32
N ALA A 471 6.07 -17.32 -16.36
CA ALA A 471 6.62 -18.62 -16.01
C ALA A 471 5.59 -19.47 -15.25
N CYS A 472 4.81 -18.83 -14.33
CA CYS A 472 3.72 -19.49 -13.59
C CYS A 472 2.63 -19.97 -14.56
N VAL A 473 2.16 -19.05 -15.41
CA VAL A 473 1.12 -19.31 -16.37
C VAL A 473 1.58 -20.37 -17.39
N GLY A 474 2.81 -20.26 -17.88
CA GLY A 474 3.34 -21.25 -18.81
C GLY A 474 3.42 -22.61 -18.19
N SER A 475 3.71 -22.66 -16.88
CA SER A 475 3.78 -23.92 -16.17
C SER A 475 2.38 -24.56 -16.05
N ALA A 476 1.33 -23.77 -15.75
CA ALA A 476 -0.02 -24.27 -15.66
C ALA A 476 -0.50 -24.76 -17.04
N TYR A 477 -0.10 -24.07 -18.13
CA TYR A 477 -0.40 -24.50 -19.51
C TYR A 477 0.24 -25.83 -19.78
N ARG A 478 1.52 -25.99 -19.37
CA ARG A 478 2.24 -27.23 -19.53
C ARG A 478 1.56 -28.36 -18.74
N ALA A 479 1.01 -28.06 -17.52
CA ALA A 479 0.30 -29.06 -16.71
C ALA A 479 -0.96 -29.53 -17.47
N PHE A 480 -1.72 -28.57 -18.06
CA PHE A 480 -2.92 -28.85 -18.86
C PHE A 480 -2.56 -29.68 -20.09
N HIS A 481 -1.42 -29.36 -20.74
CA HIS A 481 -0.96 -30.12 -21.89
C HIS A 481 -0.73 -31.61 -21.49
N GLY A 482 -0.10 -31.85 -20.34
CA GLY A 482 0.00 -33.21 -19.79
C GLY A 482 -1.37 -33.88 -19.59
N LEU A 483 -2.38 -33.15 -19.07
CA LEU A 483 -3.73 -33.72 -18.93
C LEU A 483 -4.49 -33.88 -20.23
N ALA A 484 -4.28 -32.98 -21.21
CA ALA A 484 -5.06 -33.01 -22.43
C ALA A 484 -4.51 -34.05 -23.47
N GLY A 485 -3.45 -34.78 -23.11
CA GLY A 485 -2.88 -35.80 -23.96
C GLY A 485 -1.38 -35.90 -24.04
N GLY A 486 -0.66 -34.86 -23.58
CA GLY A 486 0.79 -34.81 -23.58
C GLY A 486 1.39 -34.84 -24.96
N THR A 487 2.40 -35.70 -25.16
CA THR A 487 3.13 -35.88 -26.41
C THR A 487 2.21 -36.40 -27.59
N ASP A 488 1.01 -36.90 -27.33
CA ASP A 488 0.07 -37.32 -28.37
C ASP A 488 -0.62 -36.14 -29.07
N VAL A 489 -0.68 -34.96 -28.42
CA VAL A 489 -1.34 -33.78 -28.96
C VAL A 489 -0.33 -32.60 -28.99
N PRO A 490 -0.43 -31.69 -29.96
CA PRO A 490 0.46 -30.51 -29.95
C PRO A 490 0.09 -29.53 -28.83
N PHE A 491 1.11 -29.00 -28.13
CA PHE A 491 0.92 -27.98 -27.08
C PHE A 491 0.05 -26.81 -27.57
N SER A 492 0.30 -26.35 -28.81
CA SER A 492 -0.42 -25.23 -29.40
C SER A 492 -1.93 -25.49 -29.52
N GLU A 493 -2.34 -26.73 -29.76
CA GLU A 493 -3.76 -27.02 -29.84
C GLU A 493 -4.39 -27.00 -28.45
N VAL A 494 -3.65 -27.41 -27.44
CA VAL A 494 -4.17 -27.38 -26.07
C VAL A 494 -4.40 -25.95 -25.59
N VAL A 495 -3.48 -25.04 -25.89
CA VAL A 495 -3.55 -23.68 -25.36
C VAL A 495 -4.24 -22.68 -26.28
N LYS A 496 -4.94 -23.14 -27.34
CA LYS A 496 -5.76 -22.31 -28.27
C LYS A 496 -6.79 -21.45 -27.49
N LEU A 497 -7.35 -22.01 -26.38
CA LEU A 497 -8.31 -21.33 -25.51
C LEU A 497 -7.74 -20.22 -24.67
N ALA A 498 -6.44 -20.17 -24.48
CA ALA A 498 -5.84 -19.14 -23.65
C ALA A 498 -6.03 -17.72 -24.22
N PRO A 499 -5.99 -16.70 -23.34
CA PRO A 499 -6.09 -15.29 -23.82
C PRO A 499 -5.06 -14.96 -24.93
N ASN A 500 -5.55 -14.34 -26.00
CA ASN A 500 -4.70 -13.94 -27.13
C ASN A 500 -4.02 -12.61 -26.88
N PRO A 501 -2.82 -12.41 -27.44
CA PRO A 501 -2.13 -11.14 -27.27
C PRO A 501 -2.72 -10.13 -28.26
N ARG A 502 -2.62 -8.86 -27.92
CA ARG A 502 -3.16 -7.77 -28.73
C ARG A 502 -2.17 -7.34 -29.80
N LEU A 503 -2.61 -7.26 -31.06
CA LEU A 503 -1.78 -6.77 -32.16
C LEU A 503 -1.47 -5.28 -31.94
N ALA A 504 -0.17 -4.93 -31.79
CA ALA A 504 0.26 -3.56 -31.54
C ALA A 504 0.80 -2.87 -32.81
N ALA A 505 1.45 -3.61 -33.74
CA ALA A 505 1.98 -3.02 -34.95
C ALA A 505 2.16 -4.06 -36.08
N THR A 506 2.09 -3.58 -37.33
CA THR A 506 2.32 -4.38 -38.53
C THR A 506 3.33 -3.61 -39.36
N PRO A 507 4.24 -4.29 -40.07
CA PRO A 507 5.27 -3.55 -40.83
C PRO A 507 4.69 -2.58 -41.84
N SER A 508 5.33 -1.42 -41.96
CA SER A 508 4.90 -0.39 -42.88
C SER A 508 5.22 -0.78 -44.30
N PRO A 509 4.43 -0.28 -45.27
CA PRO A 509 4.77 -0.55 -46.67
C PRO A 509 6.17 -0.01 -47.00
N GLY A 510 6.98 -0.85 -47.64
CA GLY A 510 8.34 -0.50 -47.99
C GLY A 510 9.39 -0.82 -46.96
N ALA A 511 9.00 -1.34 -45.76
CA ALA A 511 9.94 -1.72 -44.72
C ALA A 511 10.89 -2.78 -45.23
N SER A 512 10.36 -3.79 -45.95
CA SER A 512 11.17 -4.88 -46.49
C SER A 512 12.34 -4.38 -47.33
N GLN A 513 12.08 -3.38 -48.20
CA GLN A 513 13.10 -2.83 -49.10
C GLN A 513 14.15 -2.04 -48.33
N VAL A 514 13.74 -1.29 -47.31
CA VAL A 514 14.65 -0.49 -46.50
C VAL A 514 15.62 -1.38 -45.73
N TYR A 515 15.11 -2.35 -44.95
CA TYR A 515 15.98 -3.16 -44.09
C TYR A 515 16.70 -4.29 -44.81
N GLU A 516 16.26 -4.73 -46.00
CA GLU A 516 17.01 -5.77 -46.74
C GLU A 516 18.38 -5.23 -47.15
N ALA A 517 18.45 -3.91 -47.44
CA ALA A 517 19.68 -3.24 -47.82
C ALA A 517 20.50 -2.78 -46.61
N LEU A 518 19.82 -2.35 -45.53
CA LEU A 518 20.47 -1.79 -44.36
C LEU A 518 20.97 -2.83 -43.34
N LEU A 519 20.28 -3.99 -43.20
CA LEU A 519 20.70 -5.03 -42.21
C LEU A 519 22.12 -5.53 -42.50
N PRO A 520 22.48 -5.87 -43.76
CA PRO A 520 23.86 -6.28 -44.07
C PRO A 520 24.90 -5.17 -43.82
N GLN A 521 24.52 -3.88 -44.01
CA GLN A 521 25.45 -2.78 -43.75
C GLN A 521 25.67 -2.63 -42.24
N TYR A 522 24.61 -2.78 -41.44
CA TYR A 522 24.73 -2.75 -39.98
C TYR A 522 25.60 -3.91 -39.50
N ALA A 523 25.38 -5.13 -40.06
CA ALA A 523 26.15 -6.33 -39.71
C ALA A 523 27.64 -6.14 -40.06
N LYS A 524 27.95 -5.53 -41.22
CA LYS A 524 29.34 -5.26 -41.62
C LYS A 524 30.00 -4.23 -40.68
N LEU A 525 29.28 -3.18 -40.28
CA LEU A 525 29.84 -2.19 -39.34
C LEU A 525 30.11 -2.83 -37.99
N GLU A 526 29.25 -3.74 -37.55
CA GLU A 526 29.48 -4.45 -36.28
C GLU A 526 30.77 -5.24 -36.34
N GLN A 527 30.98 -5.97 -37.44
CA GLN A 527 32.21 -6.75 -37.63
C GLN A 527 33.45 -5.84 -37.67
N ARG A 528 33.35 -4.67 -38.31
CA ARG A 528 34.41 -3.67 -38.38
C ARG A 528 34.80 -3.17 -36.96
N ILE A 529 33.80 -2.86 -36.11
CA ILE A 529 34.06 -2.45 -34.72
C ILE A 529 34.71 -3.59 -33.99
N LEU A 530 34.19 -4.82 -34.14
CA LEU A 530 34.78 -5.99 -33.48
C LEU A 530 36.25 -6.23 -33.89
N SER A 531 36.58 -6.14 -35.19
CA SER A 531 37.96 -6.36 -35.65
C SER A 531 38.93 -5.23 -35.15
N GLN A 532 38.42 -4.04 -34.81
CA GLN A 532 39.22 -2.95 -34.25
C GLN A 532 39.47 -3.19 -32.73
N THR A 533 38.67 -4.08 -32.09
CA THR A 533 38.80 -4.46 -30.67
C THR A 533 39.97 -5.46 -30.51
N ARG A 534 40.11 -6.43 -31.45
CA ARG A 534 41.18 -7.42 -31.45
C ARG A 534 42.41 -6.89 -32.20
N PRO B 8 -21.22 -8.91 -11.01
CA PRO B 8 -20.43 -8.07 -11.93
C PRO B 8 -20.30 -6.64 -11.43
N ARG B 9 -19.06 -6.18 -11.33
CA ARG B 9 -18.82 -4.81 -10.91
C ARG B 9 -19.03 -3.84 -12.05
N ARG B 10 -20.19 -3.18 -12.08
CA ARG B 10 -20.50 -2.08 -12.98
C ARG B 10 -19.95 -0.78 -12.38
N CYS B 11 -19.60 0.19 -13.22
CA CYS B 11 -19.03 1.44 -12.73
C CYS B 11 -19.31 2.61 -13.64
N CYS B 12 -19.04 3.80 -13.09
CA CYS B 12 -18.99 5.06 -13.81
C CYS B 12 -17.61 5.66 -13.63
N LEU B 13 -17.12 6.35 -14.68
CA LEU B 13 -15.88 7.09 -14.66
C LEU B 13 -16.18 8.53 -14.38
N GLY B 14 -15.33 9.13 -13.56
CA GLY B 14 -15.37 10.54 -13.20
C GLY B 14 -14.04 11.15 -13.57
N TRP B 15 -14.04 12.04 -14.57
CA TRP B 15 -12.86 12.70 -15.10
C TRP B 15 -12.65 14.12 -14.52
N ASP B 16 -11.39 14.58 -14.52
CA ASP B 16 -11.04 15.95 -14.11
C ASP B 16 -9.93 16.48 -15.00
N PHE B 17 -10.28 17.42 -15.87
CA PHE B 17 -9.33 18.09 -16.75
C PHE B 17 -8.94 19.35 -15.99
N SER B 18 -7.89 19.18 -15.17
CA SER B 18 -7.41 20.19 -14.23
C SER B 18 -6.27 21.00 -14.83
N THR B 19 -5.84 22.05 -14.11
CA THR B 19 -4.75 22.92 -14.56
C THR B 19 -3.43 22.16 -14.72
N GLN B 20 -3.11 21.30 -13.76
CA GLN B 20 -1.84 20.58 -13.70
C GLN B 20 -1.88 19.13 -14.16
N GLN B 21 -3.08 18.57 -14.34
CA GLN B 21 -3.20 17.15 -14.70
C GLN B 21 -4.56 16.78 -15.21
N VAL B 22 -4.61 15.62 -15.87
CA VAL B 22 -5.86 14.93 -16.21
C VAL B 22 -5.93 13.78 -15.21
N LYS B 23 -7.04 13.69 -14.45
CA LYS B 23 -7.31 12.63 -13.47
C LYS B 23 -8.62 11.89 -13.78
N VAL B 24 -8.70 10.63 -13.34
CA VAL B 24 -9.91 9.81 -13.49
C VAL B 24 -10.07 8.92 -12.28
N VAL B 25 -11.33 8.67 -11.89
CA VAL B 25 -11.69 7.69 -10.86
C VAL B 25 -12.75 6.80 -11.45
N ALA B 26 -12.75 5.52 -11.07
CA ALA B 26 -13.80 4.57 -11.37
C ALA B 26 -14.54 4.31 -10.05
N VAL B 27 -15.88 4.55 -10.06
CA VAL B 27 -16.76 4.38 -8.90
C VAL B 27 -17.75 3.26 -9.23
N ASP B 28 -17.86 2.26 -8.35
CA ASP B 28 -18.74 1.14 -8.62
C ASP B 28 -20.18 1.55 -8.28
N ALA B 29 -21.14 0.68 -8.59
CA ALA B 29 -22.57 0.93 -8.36
C ALA B 29 -22.90 1.02 -6.85
N GLU B 30 -22.00 0.61 -5.91
CA GLU B 30 -22.24 0.83 -4.50
C GLU B 30 -21.69 2.18 -4.05
N LEU B 31 -21.16 2.97 -5.00
CA LEU B 31 -20.61 4.29 -4.87
C LEU B 31 -19.31 4.30 -4.07
N ASN B 32 -18.47 3.26 -4.28
CA ASN B 32 -17.12 3.16 -3.73
C ASN B 32 -16.09 3.33 -4.85
N VAL B 33 -15.05 4.13 -4.60
CA VAL B 33 -13.95 4.34 -5.55
C VAL B 33 -13.08 3.12 -5.46
N PHE B 34 -12.75 2.49 -6.58
CA PHE B 34 -11.86 1.33 -6.59
C PHE B 34 -10.66 1.50 -7.54
N TYR B 35 -10.58 2.62 -8.26
CA TYR B 35 -9.50 2.85 -9.22
C TYR B 35 -9.30 4.35 -9.43
N GLU B 36 -8.05 4.77 -9.53
CA GLU B 36 -7.66 6.15 -9.76
C GLU B 36 -6.43 6.17 -10.65
N GLU B 37 -6.33 7.14 -11.54
CA GLU B 37 -5.18 7.28 -12.40
C GLU B 37 -5.06 8.73 -12.83
N SER B 38 -3.84 9.15 -13.20
CA SER B 38 -3.59 10.53 -13.61
C SER B 38 -2.40 10.65 -14.56
N VAL B 39 -2.37 11.75 -15.31
CA VAL B 39 -1.27 12.15 -16.16
C VAL B 39 -0.95 13.58 -15.72
N HIS B 40 0.32 13.84 -15.33
CA HIS B 40 0.73 15.16 -14.84
C HIS B 40 1.43 15.87 -16.01
N PHE B 41 1.01 17.09 -16.30
CA PHE B 41 1.46 17.76 -17.54
C PHE B 41 2.95 18.09 -17.61
N ASP B 42 3.52 18.79 -16.61
CA ASP B 42 4.94 19.14 -16.66
C ASP B 42 5.80 17.86 -16.64
N ARG B 43 5.42 16.90 -15.79
CA ARG B 43 6.17 15.65 -15.65
C ARG B 43 6.02 14.70 -16.85
N ASP B 44 4.81 14.50 -17.37
CA ASP B 44 4.54 13.49 -18.40
C ASP B 44 4.53 14.02 -19.84
N LEU B 45 4.32 15.34 -20.03
CA LEU B 45 4.37 15.98 -21.36
C LEU B 45 5.31 17.22 -21.26
N PRO B 46 6.58 17.01 -20.83
CA PRO B 46 7.53 18.12 -20.63
C PRO B 46 7.88 18.92 -21.88
N GLU B 47 7.81 18.30 -23.04
CA GLU B 47 8.10 18.94 -24.32
C GLU B 47 7.22 20.22 -24.60
N PHE B 48 6.07 20.40 -23.92
CA PHE B 48 5.24 21.63 -24.04
C PHE B 48 5.83 22.82 -23.25
N GLY B 49 6.77 22.56 -22.34
CA GLY B 49 7.45 23.61 -21.59
C GLY B 49 6.60 24.35 -20.59
N THR B 50 5.56 23.68 -20.07
CA THR B 50 4.69 24.32 -19.09
C THR B 50 5.36 24.29 -17.70
N GLN B 51 4.85 25.13 -16.80
CA GLN B 51 5.25 25.19 -15.41
C GLN B 51 3.94 25.32 -14.66
N GLY B 52 3.60 24.31 -13.85
CA GLY B 52 2.30 24.24 -13.23
C GLY B 52 1.20 23.97 -14.26
N GLY B 53 1.55 23.35 -15.40
CA GLY B 53 0.60 23.04 -16.47
C GLY B 53 0.23 24.21 -17.36
N VAL B 54 0.83 25.40 -17.12
CA VAL B 54 0.54 26.62 -17.88
C VAL B 54 1.82 27.27 -18.38
N HIS B 55 1.60 28.24 -19.29
CA HIS B 55 2.60 29.18 -19.78
C HIS B 55 2.22 30.55 -19.31
N VAL B 56 3.04 31.18 -18.45
CA VAL B 56 2.84 32.58 -18.06
C VAL B 56 3.60 33.38 -19.10
N HIS B 57 2.90 34.26 -19.80
CA HIS B 57 3.49 35.02 -20.89
C HIS B 57 4.36 36.18 -20.38
N LYS B 58 5.17 36.76 -21.27
CA LYS B 58 6.12 37.86 -20.99
C LYS B 58 5.46 39.01 -20.21
N ASP B 59 4.19 39.39 -20.54
CA ASP B 59 3.45 40.45 -19.86
C ASP B 59 3.12 40.17 -18.37
N GLY B 60 3.24 38.92 -17.91
CA GLY B 60 2.92 38.57 -16.52
C GLY B 60 1.43 38.48 -16.20
N LEU B 61 0.56 38.63 -17.21
CA LEU B 61 -0.90 38.61 -17.06
C LEU B 61 -1.57 37.51 -17.89
N THR B 62 -1.08 37.26 -19.12
CA THR B 62 -1.62 36.26 -20.01
C THR B 62 -1.13 34.86 -19.55
N VAL B 63 -2.07 33.97 -19.22
CA VAL B 63 -1.79 32.61 -18.76
C VAL B 63 -2.58 31.66 -19.64
N THR B 64 -1.86 30.76 -20.34
CA THR B 64 -2.48 29.80 -21.23
C THR B 64 -1.95 28.38 -21.04
N SER B 65 -2.64 27.42 -21.71
CA SER B 65 -2.24 26.00 -21.81
C SER B 65 -2.44 25.52 -23.23
N PRO B 66 -1.54 24.68 -23.77
CA PRO B 66 -1.75 24.19 -25.13
C PRO B 66 -2.88 23.16 -25.17
N VAL B 67 -3.92 23.39 -25.99
CA VAL B 67 -5.08 22.47 -26.13
C VAL B 67 -4.63 21.05 -26.53
N LEU B 68 -3.64 20.93 -27.42
CA LEU B 68 -3.19 19.59 -27.83
C LEU B 68 -2.45 18.82 -26.72
N TRP B 70 -3.70 18.80 -23.60
CA TRP B 70 -4.86 18.19 -22.96
C TRP B 70 -5.36 16.99 -23.77
N VAL B 71 -5.40 17.11 -25.10
CA VAL B 71 -5.84 16.00 -25.96
C VAL B 71 -4.87 14.80 -25.82
N GLN B 72 -3.58 15.08 -25.84
CA GLN B 72 -2.57 14.03 -25.71
C GLN B 72 -2.57 13.40 -24.30
N ALA B 73 -2.80 14.19 -23.25
CA ALA B 73 -2.93 13.65 -21.89
C ALA B 73 -4.04 12.60 -21.83
N LEU B 74 -5.18 12.83 -22.56
CA LEU B 74 -6.30 11.89 -22.58
C LEU B 74 -5.84 10.57 -23.25
N ASP B 75 -5.07 10.67 -24.34
CA ASP B 75 -4.54 9.49 -25.02
C ASP B 75 -3.65 8.66 -24.07
N ILE B 76 -2.74 9.35 -23.33
CA ILE B 76 -1.79 8.74 -22.40
C ILE B 76 -2.58 8.04 -21.28
N ILE B 77 -3.52 8.73 -20.64
CA ILE B 77 -4.27 8.16 -19.52
C ILE B 77 -5.13 6.93 -19.93
N LEU B 78 -5.86 6.99 -21.05
CA LEU B 78 -6.62 5.84 -21.54
C LEU B 78 -5.71 4.63 -21.83
N GLU B 79 -4.53 4.86 -22.39
CA GLU B 79 -3.59 3.77 -22.68
C GLU B 79 -2.93 3.23 -21.38
N LYS B 80 -2.72 4.11 -20.41
CA LYS B 80 -2.20 3.74 -19.10
C LYS B 80 -3.24 2.81 -18.42
N LYS B 82 -5.65 0.97 -19.87
CA LYS B 82 -5.65 -0.29 -20.62
C LYS B 82 -4.47 -1.18 -20.20
N ALA B 83 -3.26 -0.59 -20.10
CA ALA B 83 -2.03 -1.33 -19.73
C ALA B 83 -2.12 -1.90 -18.32
N SER B 84 -2.85 -1.22 -17.42
CA SER B 84 -3.02 -1.70 -16.05
C SER B 84 -4.08 -2.83 -15.94
N GLY B 85 -4.78 -3.12 -17.03
CA GLY B 85 -5.82 -4.14 -17.08
C GLY B 85 -7.20 -3.62 -16.71
N PHE B 86 -7.47 -2.30 -16.84
CA PHE B 86 -8.77 -1.73 -16.49
C PHE B 86 -9.85 -2.32 -17.42
N ASP B 87 -10.99 -2.76 -16.82
CA ASP B 87 -12.08 -3.36 -17.60
C ASP B 87 -13.10 -2.29 -18.00
N PHE B 88 -12.91 -1.76 -19.23
CA PHE B 88 -13.76 -0.75 -19.80
C PHE B 88 -15.17 -1.27 -20.13
N SER B 89 -15.36 -2.61 -20.32
CA SER B 89 -16.67 -3.18 -20.62
C SER B 89 -17.68 -2.95 -19.47
N GLN B 90 -17.18 -2.73 -18.25
CA GLN B 90 -18.01 -2.47 -17.07
C GLN B 90 -18.47 -1.02 -16.90
N VAL B 91 -18.06 -0.11 -17.80
CA VAL B 91 -18.36 1.31 -17.67
C VAL B 91 -19.78 1.58 -18.22
N LEU B 92 -20.73 1.95 -17.37
CA LEU B 92 -22.10 2.24 -17.77
C LEU B 92 -22.25 3.66 -18.24
N ALA B 93 -21.51 4.58 -17.62
CA ALA B 93 -21.57 5.99 -17.98
C ALA B 93 -20.34 6.72 -17.51
N LEU B 94 -20.14 7.91 -18.03
CA LEU B 94 -19.07 8.76 -17.59
C LEU B 94 -19.48 10.22 -17.65
N SER B 95 -18.78 11.01 -16.84
CA SER B 95 -18.88 12.45 -16.88
C SER B 95 -17.56 13.00 -16.38
N GLY B 96 -17.46 14.29 -16.26
CA GLY B 96 -16.25 14.92 -15.83
C GLY B 96 -16.38 16.37 -15.50
N ALA B 97 -15.25 16.86 -15.01
CA ALA B 97 -15.06 18.24 -14.61
C ALA B 97 -13.95 18.84 -15.41
N GLY B 98 -14.09 20.12 -15.65
CA GLY B 98 -13.10 20.94 -16.34
C GLY B 98 -12.75 22.12 -15.47
N GLN B 99 -11.46 22.43 -15.39
CA GLN B 99 -10.96 23.68 -14.76
C GLN B 99 -11.81 24.81 -15.35
N GLN B 100 -12.38 25.62 -14.51
CA GLN B 100 -13.37 26.58 -14.99
C GLN B 100 -12.81 27.69 -15.82
N HIS B 101 -13.70 28.32 -16.58
CA HIS B 101 -13.45 29.53 -17.39
C HIS B 101 -12.62 29.29 -18.64
N GLY B 102 -11.60 28.44 -18.61
CA GLY B 102 -10.76 28.13 -19.77
C GLY B 102 -11.55 27.78 -21.01
N SER B 103 -11.08 28.25 -22.18
CA SER B 103 -11.81 28.11 -23.43
C SER B 103 -10.97 27.50 -24.56
N ILE B 104 -11.69 26.78 -25.44
CA ILE B 104 -11.17 26.07 -26.60
C ILE B 104 -11.89 26.63 -27.81
N TYR B 105 -11.14 26.87 -28.86
CA TYR B 105 -11.64 27.46 -30.09
C TYR B 105 -11.41 26.47 -31.18
N TRP B 106 -12.49 25.84 -31.64
CA TRP B 106 -12.43 24.82 -32.68
C TRP B 106 -12.45 25.44 -34.04
N LYS B 107 -11.48 25.06 -34.88
CA LYS B 107 -11.35 25.57 -36.25
C LYS B 107 -12.50 25.08 -37.13
N ALA B 108 -12.86 25.86 -38.17
CA ALA B 108 -13.92 25.46 -39.12
C ALA B 108 -13.57 24.10 -39.73
N GLY B 109 -14.53 23.18 -39.74
CA GLY B 109 -14.33 21.83 -40.23
C GLY B 109 -13.80 20.83 -39.21
N ALA B 110 -13.65 21.24 -37.93
CA ALA B 110 -13.14 20.34 -36.90
C ALA B 110 -14.16 19.27 -36.48
N GLN B 111 -15.48 19.54 -36.61
CA GLN B 111 -16.47 18.53 -36.21
C GLN B 111 -16.43 17.31 -37.14
N GLN B 112 -16.04 17.49 -38.41
CA GLN B 112 -15.90 16.36 -39.34
C GLN B 112 -14.79 15.43 -38.80
N ALA B 113 -13.69 16.01 -38.30
CA ALA B 113 -12.58 15.22 -37.72
C ALA B 113 -13.04 14.49 -36.44
N LEU B 114 -13.88 15.14 -35.61
CA LEU B 114 -14.42 14.50 -34.40
C LEU B 114 -15.34 13.34 -34.71
N THR B 115 -16.22 13.52 -35.69
CA THR B 115 -17.22 12.50 -36.06
C THR B 115 -16.65 11.37 -36.90
N SER B 116 -15.44 11.53 -37.47
CA SER B 116 -14.82 10.50 -38.31
C SER B 116 -13.55 9.91 -37.66
N LEU B 117 -13.50 9.84 -36.32
CA LEU B 117 -12.32 9.28 -35.64
C LEU B 117 -12.14 7.77 -35.90
N SER B 118 -10.90 7.36 -36.23
CA SER B 118 -10.56 5.95 -36.44
C SER B 118 -9.98 5.38 -35.15
N PRO B 119 -10.44 4.18 -34.69
CA PRO B 119 -9.88 3.58 -33.46
C PRO B 119 -8.44 3.09 -33.58
N ASP B 120 -7.86 3.09 -34.80
CA ASP B 120 -6.48 2.69 -35.05
C ASP B 120 -5.48 3.77 -34.67
N LEU B 121 -5.95 5.00 -34.51
CA LEU B 121 -5.09 6.15 -34.22
C LEU B 121 -5.48 6.81 -32.91
N ARG B 122 -4.55 7.60 -32.37
CA ARG B 122 -4.77 8.39 -31.17
C ARG B 122 -5.56 9.65 -31.50
N LEU B 123 -6.13 10.28 -30.47
CA LEU B 123 -6.88 11.52 -30.63
C LEU B 123 -5.97 12.66 -31.09
N HIS B 124 -4.79 12.86 -30.43
CA HIS B 124 -3.81 13.89 -30.78
C HIS B 124 -3.51 13.88 -32.27
N GLN B 125 -3.15 12.70 -32.82
CA GLN B 125 -2.83 12.55 -34.25
C GLN B 125 -3.98 12.97 -35.17
N GLN B 126 -5.22 12.66 -34.80
CA GLN B 126 -6.38 12.98 -35.65
C GLN B 126 -6.94 14.39 -35.46
N LEU B 127 -6.75 15.01 -34.28
CA LEU B 127 -7.26 16.35 -34.02
C LEU B 127 -6.16 17.42 -34.04
N GLN B 128 -4.94 17.08 -34.53
CA GLN B 128 -3.82 18.02 -34.51
C GLN B 128 -4.09 19.36 -35.24
N ASP B 129 -4.97 19.39 -36.27
CA ASP B 129 -5.25 20.64 -36.99
C ASP B 129 -6.68 21.16 -36.74
N CYS B 130 -7.28 20.84 -35.59
CA CYS B 130 -8.68 21.20 -35.30
C CYS B 130 -8.87 22.45 -34.49
N PHE B 131 -7.80 23.14 -34.09
CA PHE B 131 -7.93 24.30 -33.20
C PHE B 131 -7.44 25.60 -33.85
N SER B 132 -8.31 26.62 -33.85
CA SER B 132 -8.02 27.96 -34.36
C SER B 132 -7.08 28.73 -33.40
N ILE B 133 -7.12 28.39 -32.09
CA ILE B 133 -6.28 28.94 -31.01
C ILE B 133 -5.51 27.77 -30.38
N SER B 134 -4.17 27.73 -30.45
CA SER B 134 -3.37 26.63 -29.87
C SER B 134 -3.18 26.82 -28.35
N ASP B 135 -2.94 28.05 -27.91
CA ASP B 135 -2.72 28.39 -26.50
C ASP B 135 -4.02 28.94 -25.91
N CYS B 136 -4.68 28.14 -25.07
CA CYS B 136 -5.98 28.47 -24.50
C CYS B 136 -5.86 29.30 -23.27
N PRO B 137 -6.66 30.38 -23.11
CA PRO B 137 -6.67 31.09 -21.82
C PRO B 137 -7.29 30.19 -20.76
N VAL B 138 -6.69 30.23 -19.55
CA VAL B 138 -7.10 29.42 -18.42
C VAL B 138 -7.50 30.36 -17.29
N TRP B 139 -8.01 29.81 -16.18
CA TRP B 139 -8.55 30.55 -15.04
C TRP B 139 -7.55 31.53 -14.39
N ASP B 141 -5.48 33.52 -16.02
CA ASP B 141 -5.29 34.69 -16.85
C ASP B 141 -5.95 35.95 -16.22
N SER B 142 -5.22 37.08 -16.25
CA SER B 142 -5.69 38.37 -15.71
C SER B 142 -5.36 39.51 -16.67
N SER B 143 -5.35 39.23 -17.97
CA SER B 143 -4.95 40.17 -19.02
C SER B 143 -6.11 40.93 -19.70
N THR B 144 -7.36 40.75 -19.25
CA THR B 144 -8.54 41.30 -19.94
C THR B 144 -9.27 42.40 -19.15
N THR B 145 -8.56 43.21 -18.36
CA THR B 145 -9.22 44.27 -17.58
C THR B 145 -9.99 45.27 -18.47
N ALA B 146 -9.45 45.62 -19.66
CA ALA B 146 -10.15 46.55 -20.57
C ALA B 146 -11.47 45.94 -21.08
N GLN B 147 -11.49 44.62 -21.35
CA GLN B 147 -12.71 43.95 -21.82
C GLN B 147 -13.71 43.87 -20.68
N CYS B 148 -13.24 43.69 -19.43
CA CYS B 148 -14.14 43.65 -18.28
C CYS B 148 -14.91 44.96 -18.11
N ARG B 149 -14.19 46.10 -18.16
CA ARG B 149 -14.78 47.43 -18.01
C ARG B 149 -15.71 47.74 -19.16
N GLN B 150 -15.34 47.29 -20.40
CA GLN B 150 -16.19 47.47 -21.59
C GLN B 150 -17.50 46.66 -21.48
N LEU B 151 -17.42 45.42 -20.99
CA LEU B 151 -18.62 44.59 -20.84
C LEU B 151 -19.60 45.23 -19.83
N GLU B 152 -19.08 45.65 -18.67
CA GLU B 152 -19.90 46.28 -17.63
C GLU B 152 -20.56 47.55 -18.11
N ALA B 153 -19.79 48.43 -18.77
CA ALA B 153 -20.33 49.68 -19.30
C ALA B 153 -21.41 49.41 -20.34
N ALA B 154 -21.19 48.43 -21.22
CA ALA B 154 -22.15 48.07 -22.27
C ALA B 154 -23.49 47.57 -21.74
N VAL B 155 -23.51 46.83 -20.61
CA VAL B 155 -24.78 46.27 -20.06
C VAL B 155 -25.37 47.10 -18.90
N GLY B 156 -24.85 48.30 -18.64
CA GLY B 156 -25.37 49.15 -17.58
C GLY B 156 -24.67 49.12 -16.24
N GLY B 157 -23.49 48.51 -16.17
CA GLY B 157 -22.68 48.49 -14.96
C GLY B 157 -22.40 47.13 -14.38
N ALA B 158 -21.49 47.12 -13.37
CA ALA B 158 -21.02 45.94 -12.68
C ALA B 158 -22.19 45.18 -12.02
N GLN B 159 -23.05 45.90 -11.29
CA GLN B 159 -24.19 45.29 -10.61
C GLN B 159 -25.21 44.73 -11.62
N ALA B 160 -25.48 45.47 -12.72
CA ALA B 160 -26.37 45.02 -13.78
C ALA B 160 -25.86 43.71 -14.37
N LEU B 161 -24.54 43.60 -14.61
CA LEU B 161 -23.93 42.37 -15.13
C LEU B 161 -24.04 41.22 -14.12
N SER B 162 -23.93 41.55 -12.84
CA SER B 162 -23.98 40.56 -11.79
C SER B 162 -25.37 40.00 -11.63
N CYS B 163 -26.40 40.86 -11.59
CA CYS B 163 -27.79 40.40 -11.49
C CYS B 163 -28.09 39.38 -12.61
N LEU B 164 -27.56 39.66 -13.79
CA LEU B 164 -27.79 38.90 -14.99
C LEU B 164 -27.03 37.60 -15.01
N THR B 165 -25.71 37.66 -14.77
CA THR B 165 -24.84 36.51 -14.94
C THR B 165 -24.29 35.87 -13.63
N GLY B 166 -24.64 36.44 -12.47
CA GLY B 166 -24.20 35.97 -11.16
C GLY B 166 -22.86 36.53 -10.67
N SER B 167 -22.18 37.26 -11.56
CA SER B 167 -20.89 37.87 -11.30
C SER B 167 -20.76 39.19 -12.02
N ARG B 168 -19.99 40.11 -11.45
CA ARG B 168 -19.58 41.32 -12.17
C ARG B 168 -18.51 40.83 -13.16
N ALA B 169 -17.91 41.69 -13.95
CA ALA B 169 -16.88 41.21 -14.88
C ALA B 169 -15.58 40.84 -14.14
N TYR B 170 -15.07 39.61 -14.38
CA TYR B 170 -13.80 39.11 -13.84
C TYR B 170 -12.94 38.74 -15.01
N GLU B 171 -11.65 39.04 -14.92
CA GLU B 171 -10.72 38.88 -16.03
C GLU B 171 -10.67 37.46 -16.56
N ARG B 172 -10.70 36.46 -15.68
CA ARG B 172 -10.67 35.05 -16.10
C ARG B 172 -11.98 34.56 -16.76
N PHE B 173 -13.12 35.24 -16.52
CA PHE B 173 -14.42 34.79 -17.05
C PHE B 173 -14.39 34.85 -18.58
N THR B 174 -14.88 33.77 -19.18
CA THR B 174 -14.78 33.43 -20.61
C THR B 174 -15.19 34.52 -21.59
N GLY B 175 -16.28 35.25 -21.32
CA GLY B 175 -16.74 36.30 -22.22
C GLY B 175 -15.70 37.38 -22.48
N ASN B 176 -14.95 37.75 -21.42
CA ASN B 176 -13.90 38.76 -21.48
C ASN B 176 -12.70 38.23 -22.27
N GLN B 177 -12.42 36.91 -22.18
CA GLN B 177 -11.38 36.22 -22.94
C GLN B 177 -11.77 36.09 -24.42
N ILE B 178 -13.06 35.77 -24.70
CA ILE B 178 -13.58 35.71 -26.09
C ILE B 178 -13.46 37.10 -26.73
N ALA B 179 -13.81 38.17 -25.98
CA ALA B 179 -13.74 39.56 -26.45
C ALA B 179 -12.31 39.98 -26.81
N LYS B 180 -11.32 39.59 -26.00
CA LYS B 180 -9.92 39.90 -26.28
C LYS B 180 -9.44 39.16 -27.54
N ILE B 181 -9.84 37.88 -27.69
CA ILE B 181 -9.47 37.10 -28.87
C ILE B 181 -10.13 37.73 -30.11
N TYR B 182 -11.41 38.10 -30.04
CA TYR B 182 -12.09 38.75 -31.18
C TYR B 182 -11.40 40.12 -31.53
N GLN B 183 -10.94 40.86 -30.53
CA GLN B 183 -10.28 42.15 -30.72
C GLN B 183 -8.84 42.01 -31.23
N GLN B 184 -8.01 41.17 -30.60
CA GLN B 184 -6.59 41.03 -30.97
C GLN B 184 -6.30 39.99 -32.04
N ASN B 185 -7.24 39.07 -32.28
CA ASN B 185 -7.06 38.02 -33.27
C ASN B 185 -8.38 37.74 -33.96
N PRO B 186 -8.89 38.76 -34.69
CA PRO B 186 -10.18 38.60 -35.38
C PRO B 186 -10.20 37.53 -36.46
N GLU B 187 -9.04 37.16 -37.04
CA GLU B 187 -8.97 36.09 -38.06
C GLU B 187 -9.25 34.71 -37.42
N ALA B 188 -8.61 34.40 -36.29
CA ALA B 188 -8.82 33.13 -35.62
C ALA B 188 -10.28 33.04 -35.17
N TYR B 189 -10.80 34.13 -34.56
CA TYR B 189 -12.21 34.15 -34.10
C TYR B 189 -13.22 33.89 -35.26
N SER B 190 -13.00 34.47 -36.46
CA SER B 190 -13.86 34.25 -37.64
C SER B 190 -13.79 32.81 -38.15
N HIS B 191 -12.63 32.16 -37.99
CA HIS B 191 -12.42 30.78 -38.40
C HIS B 191 -12.76 29.79 -37.27
N THR B 192 -13.35 30.27 -36.14
CA THR B 192 -13.76 29.43 -35.02
C THR B 192 -15.20 29.06 -35.27
N GLU B 193 -15.49 27.78 -35.53
CA GLU B 193 -16.88 27.36 -35.70
C GLU B 193 -17.54 27.08 -34.34
N ARG B 194 -16.76 26.73 -33.31
CA ARG B 194 -17.29 26.37 -32.00
C ARG B 194 -16.34 26.79 -30.89
N ILE B 195 -16.93 27.24 -29.79
CA ILE B 195 -16.22 27.66 -28.58
C ILE B 195 -16.72 26.80 -27.45
N SER B 196 -15.80 26.11 -26.81
CA SER B 196 -16.10 25.25 -25.70
C SER B 196 -15.41 25.72 -24.44
N LEU B 197 -15.92 25.29 -23.30
CA LEU B 197 -15.24 25.44 -22.04
C LEU B 197 -14.36 24.20 -21.92
N VAL B 198 -13.41 24.14 -20.96
CA VAL B 198 -12.58 22.93 -20.83
C VAL B 198 -13.50 21.70 -20.59
N SER B 199 -14.51 21.87 -19.73
CA SER B 199 -15.48 20.83 -19.41
C SER B 199 -16.20 20.28 -20.68
N SER B 200 -16.82 21.18 -21.48
CA SER B 200 -17.56 20.76 -22.67
C SER B 200 -16.63 20.34 -23.80
N PHE B 201 -15.35 20.81 -23.79
CA PHE B 201 -14.33 20.38 -24.75
C PHE B 201 -14.05 18.92 -24.46
N ALA B 202 -13.81 18.57 -23.19
CA ALA B 202 -13.52 17.22 -22.78
C ALA B 202 -14.70 16.29 -23.07
N ALA B 203 -15.94 16.77 -22.83
CA ALA B 203 -17.12 15.98 -23.14
C ALA B 203 -17.21 15.72 -24.65
N SER B 204 -16.85 16.72 -25.48
CA SER B 204 -16.87 16.58 -26.94
C SER B 204 -15.91 15.48 -27.43
N LEU B 205 -14.75 15.35 -26.77
CA LEU B 205 -13.77 14.29 -27.10
C LEU B 205 -14.36 12.90 -26.90
N PHE B 206 -15.11 12.68 -25.79
CA PHE B 206 -15.74 11.38 -25.51
C PHE B 206 -16.94 11.12 -26.43
N LEU B 207 -17.72 12.16 -26.81
CA LEU B 207 -18.84 11.99 -27.73
C LEU B 207 -18.40 11.75 -29.18
N GLY B 208 -17.26 12.30 -29.57
CA GLY B 208 -16.85 12.31 -30.97
C GLY B 208 -17.76 13.24 -31.76
N SER B 209 -18.23 14.31 -31.08
CA SER B 209 -19.10 15.36 -31.62
C SER B 209 -19.15 16.46 -30.57
N TYR B 210 -19.60 17.67 -30.94
CA TYR B 210 -19.62 18.78 -29.99
C TYR B 210 -20.65 18.61 -28.90
N SER B 211 -20.20 18.75 -27.65
CA SER B 211 -21.10 18.74 -26.51
C SER B 211 -21.59 20.14 -26.25
N PRO B 212 -22.85 20.32 -25.80
CA PRO B 212 -23.24 21.66 -25.33
C PRO B 212 -22.54 21.99 -23.99
N ILE B 213 -22.65 23.26 -23.60
CA ILE B 213 -22.15 23.77 -22.34
C ILE B 213 -23.28 23.58 -21.32
N ASP B 214 -22.95 23.21 -20.09
CA ASP B 214 -23.98 23.01 -19.08
C ASP B 214 -24.30 24.33 -18.39
N TYR B 215 -25.41 24.39 -17.64
CA TYR B 215 -25.82 25.63 -16.99
C TYR B 215 -24.81 26.08 -15.93
N SER B 216 -24.25 25.13 -15.18
CA SER B 216 -23.37 25.46 -14.08
C SER B 216 -22.00 26.04 -14.54
N ASP B 217 -21.22 25.34 -15.40
CA ASP B 217 -19.96 25.89 -15.92
C ASP B 217 -20.26 27.06 -16.89
N GLY B 218 -21.39 27.00 -17.55
CA GLY B 218 -21.86 28.09 -18.42
C GLY B 218 -22.08 29.40 -17.68
N SER B 219 -22.17 29.34 -16.33
CA SER B 219 -22.33 30.50 -15.46
C SER B 219 -21.03 31.22 -15.15
N GLY B 220 -19.90 30.64 -15.52
CA GLY B 220 -18.60 31.22 -15.27
C GLY B 220 -18.06 32.00 -16.46
N ASN B 222 -19.80 35.34 -17.72
CA ASN B 222 -20.42 36.68 -17.88
C ASN B 222 -21.28 36.72 -19.16
N LEU B 223 -21.86 35.57 -19.56
CA LEU B 223 -22.66 35.42 -20.78
C LEU B 223 -24.06 34.86 -20.53
N LEU B 224 -24.20 33.89 -19.63
CA LEU B 224 -25.48 33.21 -19.39
C LEU B 224 -26.37 33.96 -18.41
N GLN B 225 -27.65 34.15 -18.75
CA GLN B 225 -28.63 34.66 -17.81
C GLN B 225 -28.96 33.51 -16.86
N ILE B 226 -28.43 33.55 -15.63
CA ILE B 226 -28.54 32.44 -14.68
C ILE B 226 -29.98 32.10 -14.31
N GLN B 227 -30.85 33.06 -14.17
CA GLN B 227 -32.19 32.74 -13.75
C GLN B 227 -33.01 32.19 -14.90
N ASP B 228 -33.05 32.86 -16.05
CA ASP B 228 -33.83 32.31 -17.16
C ASP B 228 -33.12 31.16 -17.88
N LYS B 229 -31.81 31.00 -17.67
CA LYS B 229 -31.02 29.89 -18.22
C LYS B 229 -31.00 29.90 -19.78
N VAL B 230 -30.73 31.10 -20.35
CA VAL B 230 -30.53 31.44 -21.77
C VAL B 230 -29.31 32.37 -21.85
N TRP B 231 -28.67 32.46 -23.02
CA TRP B 231 -27.56 33.39 -23.18
C TRP B 231 -28.10 34.81 -23.19
N SER B 232 -27.45 35.72 -22.46
CA SER B 232 -27.85 37.12 -22.47
C SER B 232 -27.46 37.72 -23.81
N GLN B 233 -28.43 38.18 -24.60
CA GLN B 233 -28.11 38.78 -25.91
C GLN B 233 -27.20 39.99 -25.75
N ALA B 234 -27.42 40.82 -24.72
CA ALA B 234 -26.62 42.01 -24.44
C ALA B 234 -25.16 41.66 -24.11
N CYS B 235 -24.95 40.57 -23.37
CA CYS B 235 -23.58 40.15 -23.01
C CYS B 235 -22.88 39.55 -24.21
N LEU B 236 -23.61 38.73 -24.98
CA LEU B 236 -23.07 38.12 -26.21
C LEU B 236 -22.60 39.22 -27.16
N GLY B 237 -23.48 40.17 -27.42
CA GLY B 237 -23.21 41.28 -28.33
C GLY B 237 -22.09 42.20 -27.90
N ALA B 238 -21.92 42.39 -26.59
CA ALA B 238 -20.85 43.23 -26.05
C ALA B 238 -19.50 42.51 -26.02
N CYS B 239 -19.45 41.17 -26.24
CA CYS B 239 -18.19 40.43 -26.19
C CYS B 239 -17.64 40.22 -27.58
N ALA B 240 -18.41 39.61 -28.46
CA ALA B 240 -17.99 39.38 -29.84
C ALA B 240 -19.17 39.03 -30.70
N PRO B 241 -19.07 39.30 -32.02
CA PRO B 241 -20.21 39.03 -32.92
C PRO B 241 -20.37 37.56 -33.26
N HIS B 242 -21.59 37.16 -33.59
CA HIS B 242 -21.97 35.78 -33.94
C HIS B 242 -21.50 34.78 -32.86
N LEU B 243 -21.47 35.18 -31.59
CA LEU B 243 -21.00 34.34 -30.51
C LEU B 243 -22.00 33.23 -30.15
N GLU B 244 -23.32 33.50 -30.22
CA GLU B 244 -24.34 32.50 -29.85
C GLU B 244 -24.25 31.20 -30.65
N GLU B 245 -24.05 31.31 -31.97
CA GLU B 245 -23.93 30.13 -32.83
C GLU B 245 -22.65 29.33 -32.51
N LYS B 246 -21.59 30.00 -32.02
CA LYS B 246 -20.34 29.33 -31.63
C LYS B 246 -20.52 28.57 -30.30
N LEU B 247 -21.44 29.00 -29.43
CA LEU B 247 -21.66 28.35 -28.12
C LEU B 247 -22.70 27.26 -28.17
N SER B 248 -23.82 27.48 -28.95
CA SER B 248 -24.95 26.57 -29.05
C SER B 248 -25.82 26.70 -27.75
N PRO B 249 -27.07 26.20 -27.71
CA PRO B 249 -27.85 26.37 -26.48
C PRO B 249 -27.27 25.62 -25.28
N PRO B 250 -27.34 26.22 -24.09
CA PRO B 250 -26.82 25.53 -22.91
C PRO B 250 -27.83 24.49 -22.41
N VAL B 251 -27.38 23.50 -21.65
CA VAL B 251 -28.26 22.42 -21.19
C VAL B 251 -28.18 22.21 -19.70
N PRO B 252 -29.22 21.59 -19.10
CA PRO B 252 -29.10 21.23 -17.68
C PRO B 252 -27.89 20.32 -17.46
N SER B 253 -27.22 20.47 -16.32
CA SER B 253 -26.01 19.70 -16.03
C SER B 253 -26.30 18.19 -16.03
N CYS B 254 -27.51 17.79 -15.56
CA CYS B 254 -27.87 16.39 -15.58
C CYS B 254 -28.57 16.12 -16.90
N SER B 255 -27.78 16.01 -17.94
CA SER B 255 -28.24 15.73 -19.30
C SER B 255 -27.35 14.68 -19.88
N VAL B 256 -27.92 13.68 -20.51
CA VAL B 256 -27.17 12.71 -21.29
C VAL B 256 -26.96 13.42 -22.62
N VAL B 257 -25.73 13.80 -22.91
CA VAL B 257 -25.41 14.55 -24.11
C VAL B 257 -25.18 13.61 -25.31
N GLY B 258 -25.11 12.32 -25.05
CA GLY B 258 -24.98 11.31 -26.09
C GLY B 258 -24.33 10.04 -25.60
N ALA B 259 -24.20 9.08 -26.50
CA ALA B 259 -23.52 7.84 -26.20
C ALA B 259 -22.02 8.06 -26.43
N ILE B 260 -21.19 7.21 -25.84
CA ILE B 260 -19.75 7.31 -26.07
C ILE B 260 -19.46 7.07 -27.57
N SER B 261 -18.42 7.73 -28.12
CA SER B 261 -18.08 7.49 -29.52
C SER B 261 -17.66 6.04 -29.74
N SER B 262 -17.97 5.48 -30.93
CA SER B 262 -17.57 4.12 -31.32
C SER B 262 -16.04 3.99 -31.29
N TYR B 263 -15.32 5.13 -31.39
CA TYR B 263 -13.88 5.21 -31.27
C TYR B 263 -13.41 4.52 -29.98
N TYR B 264 -14.05 4.84 -28.84
CA TYR B 264 -13.69 4.30 -27.53
C TYR B 264 -14.17 2.85 -27.39
N VAL B 265 -15.33 2.53 -28.00
CA VAL B 265 -15.89 1.18 -28.02
C VAL B 265 -14.89 0.24 -28.68
N GLN B 266 -14.46 0.61 -29.88
CA GLN B 266 -13.53 -0.21 -30.67
C GLN B 266 -12.08 -0.15 -30.17
N ARG B 267 -11.56 1.03 -29.79
CA ARG B 267 -10.16 1.13 -29.34
C ARG B 267 -9.95 0.59 -27.91
N TYR B 268 -10.87 0.86 -26.97
CA TYR B 268 -10.67 0.47 -25.57
C TYR B 268 -11.68 -0.54 -24.99
N GLY B 269 -12.76 -0.84 -25.69
CA GLY B 269 -13.72 -1.81 -25.19
C GLY B 269 -14.79 -1.26 -24.28
N PHE B 270 -15.10 0.04 -24.41
CA PHE B 270 -16.24 0.58 -23.66
C PHE B 270 -17.47 -0.08 -24.25
N PRO B 271 -18.55 -0.30 -23.48
CA PRO B 271 -19.74 -0.86 -24.09
C PRO B 271 -20.42 0.19 -24.99
N PRO B 272 -20.99 -0.21 -26.15
CA PRO B 272 -21.63 0.79 -27.04
C PRO B 272 -22.75 1.63 -26.39
N GLY B 273 -23.38 1.11 -25.33
CA GLY B 273 -24.42 1.85 -24.60
C GLY B 273 -23.89 2.79 -23.52
N CYS B 274 -22.56 2.98 -23.41
CA CYS B 274 -22.00 3.86 -22.37
C CYS B 274 -22.48 5.29 -22.60
N LYS B 275 -23.10 5.85 -21.58
CA LYS B 275 -23.63 7.22 -21.67
C LYS B 275 -22.61 8.28 -21.24
N VAL B 276 -22.60 9.40 -21.95
CA VAL B 276 -21.83 10.59 -21.62
C VAL B 276 -22.79 11.59 -21.01
N VAL B 277 -22.64 11.85 -19.72
CA VAL B 277 -23.44 12.82 -18.99
C VAL B 277 -22.66 14.15 -19.08
N ALA B 278 -23.37 15.26 -19.36
CA ALA B 278 -22.75 16.57 -19.52
C ALA B 278 -21.70 16.88 -18.46
N PHE B 279 -20.56 17.39 -18.91
CA PHE B 279 -19.47 17.75 -18.02
C PHE B 279 -19.80 19.09 -17.38
N THR B 280 -19.16 19.38 -16.27
CA THR B 280 -19.38 20.66 -15.58
C THR B 280 -18.02 21.22 -15.09
N GLY B 281 -18.07 22.35 -14.40
CA GLY B 281 -16.90 22.97 -13.82
C GLY B 281 -16.37 22.16 -12.67
N ASP B 282 -15.09 22.36 -12.33
CA ASP B 282 -14.49 21.60 -11.22
C ASP B 282 -15.09 22.01 -9.86
N ASN B 283 -15.38 23.29 -9.64
CA ASN B 283 -16.01 23.67 -8.36
C ASN B 283 -17.44 23.15 -8.29
N PRO B 284 -18.27 23.30 -9.34
CA PRO B 284 -19.59 22.65 -9.32
C PRO B 284 -19.51 21.13 -9.13
N ALA B 285 -18.55 20.45 -9.77
CA ALA B 285 -18.39 19.00 -9.60
C ALA B 285 -17.99 18.63 -8.17
N SER B 286 -17.14 19.47 -7.52
CA SER B 286 -16.75 19.24 -6.11
C SER B 286 -17.94 19.45 -5.22
N LEU B 287 -18.82 20.38 -5.56
CA LEU B 287 -20.05 20.56 -4.77
C LEU B 287 -20.89 19.25 -4.79
N ALA B 288 -20.98 18.60 -5.98
CA ALA B 288 -21.66 17.32 -6.14
C ALA B 288 -20.94 16.23 -5.35
N GLY B 289 -19.60 16.21 -5.44
CA GLY B 289 -18.77 15.25 -4.76
C GLY B 289 -18.89 15.31 -3.25
N ARG B 291 -21.60 16.50 -1.78
CA ARG B 291 -23.02 16.22 -1.58
C ARG B 291 -23.68 17.29 -0.77
N LEU B 292 -23.41 18.53 -1.15
CA LEU B 292 -24.09 19.69 -0.52
C LEU B 292 -25.55 19.70 -0.94
N GLU B 293 -26.40 20.08 0.00
CA GLU B 293 -27.83 20.21 -0.17
C GLU B 293 -28.22 21.58 0.25
N GLU B 294 -29.50 21.88 0.14
CA GLU B 294 -30.06 23.13 0.63
C GLU B 294 -29.66 23.37 2.08
N GLY B 295 -29.17 24.57 2.34
CA GLY B 295 -28.72 24.99 3.66
C GLY B 295 -27.26 24.69 3.95
N ASP B 296 -26.58 23.94 3.09
CA ASP B 296 -25.20 23.56 3.38
C ASP B 296 -24.13 24.49 2.82
N ILE B 297 -22.93 24.40 3.43
CA ILE B 297 -21.77 25.12 2.96
C ILE B 297 -20.56 24.23 3.03
N ALA B 298 -19.56 24.50 2.17
CA ALA B 298 -18.25 23.89 2.27
C ALA B 298 -17.22 25.00 2.41
N VAL B 299 -16.22 24.73 3.22
CA VAL B 299 -15.07 25.59 3.40
C VAL B 299 -13.84 24.83 2.99
N SER B 300 -13.23 25.24 1.89
CA SER B 300 -11.97 24.69 1.43
C SER B 300 -10.82 25.60 1.92
N LEU B 301 -10.05 25.10 2.86
CA LEU B 301 -8.97 25.83 3.48
C LEU B 301 -7.65 25.55 2.77
N GLY B 302 -7.03 26.57 2.22
CA GLY B 302 -5.74 26.44 1.54
C GLY B 302 -5.08 27.76 1.35
N THR B 303 -4.16 27.86 0.36
CA THR B 303 -3.44 29.10 0.03
C THR B 303 -4.46 30.20 -0.17
N SER B 304 -5.50 29.86 -0.90
CA SER B 304 -6.72 30.64 -1.00
C SER B 304 -7.76 29.84 -0.24
N ASP B 305 -8.66 30.52 0.47
CA ASP B 305 -9.78 29.84 1.12
C ASP B 305 -10.99 30.00 0.24
N THR B 306 -11.69 28.90 -0.02
CA THR B 306 -12.89 28.99 -0.86
C THR B 306 -14.12 28.54 -0.13
N LEU B 307 -15.16 29.35 -0.21
CA LEU B 307 -16.43 29.07 0.39
C LEU B 307 -17.43 28.65 -0.75
N PHE B 308 -18.02 27.43 -0.61
CA PHE B 308 -19.05 26.85 -1.48
C PHE B 308 -20.34 26.97 -0.79
N LEU B 309 -21.31 27.65 -1.39
CA LEU B 309 -22.63 27.79 -0.79
C LEU B 309 -23.73 27.21 -1.67
N TRP B 310 -24.75 26.62 -1.08
CA TRP B 310 -26.00 26.26 -1.74
C TRP B 310 -26.85 27.50 -1.65
N LEU B 311 -27.51 27.89 -2.73
CA LEU B 311 -28.40 29.04 -2.76
C LEU B 311 -29.71 28.70 -3.49
N GLN B 312 -30.86 28.79 -2.78
CA GLN B 312 -32.19 28.60 -3.38
C GLN B 312 -32.49 29.76 -4.26
N GLU B 313 -32.30 30.98 -3.73
CA GLU B 313 -32.54 32.22 -4.48
C GLU B 313 -31.28 33.10 -4.45
N PRO B 314 -30.83 33.46 -5.71
CA PRO B 314 -29.61 34.27 -5.87
C PRO B 314 -29.79 35.77 -5.63
N PRO B 316 -27.03 38.23 -6.47
CA PRO B 316 -25.69 38.56 -7.01
C PRO B 316 -25.15 39.93 -6.55
N ALA B 317 -23.85 39.97 -6.36
CA ALA B 317 -23.13 41.10 -5.79
C ALA B 317 -21.89 41.46 -6.60
N LEU B 318 -21.19 42.52 -6.15
CA LEU B 318 -19.91 42.94 -6.73
C LEU B 318 -18.78 42.05 -6.23
N GLU B 319 -19.08 41.11 -5.33
CA GLU B 319 -18.12 40.10 -4.89
C GLU B 319 -18.78 38.70 -5.03
N GLY B 320 -17.94 37.66 -5.15
CA GLY B 320 -18.44 36.31 -5.26
C GLY B 320 -19.05 35.98 -6.60
N HIS B 321 -19.29 34.69 -6.81
CA HIS B 321 -19.78 34.16 -8.06
C HIS B 321 -20.93 33.26 -7.83
N ILE B 322 -22.10 33.64 -8.35
CA ILE B 322 -23.32 32.81 -8.30
C ILE B 322 -23.44 32.05 -9.63
N PHE B 323 -23.50 30.71 -9.54
CA PHE B 323 -23.68 29.80 -10.66
C PHE B 323 -24.98 29.00 -10.52
N CYS B 324 -25.53 28.56 -11.65
CA CYS B 324 -26.63 27.61 -11.65
C CYS B 324 -26.12 26.35 -10.93
N ASN B 325 -26.98 25.72 -10.12
CA ASN B 325 -26.53 24.56 -9.34
C ASN B 325 -26.37 23.33 -10.25
N PRO B 326 -25.25 22.57 -10.15
CA PRO B 326 -25.09 21.38 -11.03
C PRO B 326 -25.98 20.19 -10.69
N VAL B 327 -26.42 20.05 -9.43
CA VAL B 327 -27.22 18.90 -9.01
C VAL B 327 -28.70 19.28 -8.82
N ASP B 328 -29.06 20.51 -9.14
CA ASP B 328 -30.42 20.99 -9.07
C ASP B 328 -30.53 22.24 -9.93
N SER B 329 -30.83 22.04 -11.23
CA SER B 329 -30.89 23.12 -12.23
C SER B 329 -31.91 24.21 -11.90
N GLN B 330 -32.85 24.00 -10.98
CA GLN B 330 -33.80 25.04 -10.57
C GLN B 330 -33.16 26.02 -9.52
N HIS B 331 -32.08 25.61 -8.84
CA HIS B 331 -31.45 26.42 -7.80
C HIS B 331 -29.99 26.74 -8.12
N TYR B 332 -29.26 27.33 -7.17
CA TYR B 332 -27.94 27.91 -7.43
C TYR B 332 -26.90 27.51 -6.42
N ALA B 334 -22.86 29.21 -4.97
CA ALA B 334 -21.96 30.34 -4.98
C ALA B 334 -20.59 29.96 -4.50
N LEU B 335 -19.60 30.66 -5.04
CA LEU B 335 -18.22 30.63 -4.64
C LEU B 335 -17.86 32.02 -4.09
N LEU B 336 -17.18 32.05 -2.96
CA LEU B 336 -16.58 33.27 -2.41
C LEU B 336 -15.15 32.91 -2.17
N CYS B 337 -14.26 33.67 -2.78
CA CYS B 337 -12.83 33.44 -2.76
C CYS B 337 -12.09 34.45 -1.80
N PHE B 338 -11.22 33.90 -0.93
CA PHE B 338 -10.43 34.62 0.07
C PHE B 338 -8.93 34.41 -0.18
N LYS B 339 -8.23 35.48 -0.58
CA LYS B 339 -6.78 35.45 -0.87
C LYS B 339 -5.89 35.18 0.35
N ASN B 340 -6.30 35.63 1.53
CA ASN B 340 -5.50 35.43 2.76
C ASN B 340 -6.02 34.23 3.48
N GLY B 341 -5.39 33.10 3.26
CA GLY B 341 -5.85 31.82 3.79
C GLY B 341 -4.79 31.18 4.65
N SER B 342 -4.22 30.08 4.17
CA SER B 342 -3.21 29.32 4.90
C SER B 342 -1.90 30.11 5.22
N LEU B 343 -1.43 31.07 4.35
CA LEU B 343 -0.22 31.83 4.64
C LEU B 343 -0.39 32.73 5.88
N ARG B 345 -2.50 32.09 8.45
CA ARG B 345 -2.57 31.18 9.58
C ARG B 345 -1.17 30.71 9.96
N GLU B 346 -0.33 30.40 8.94
CA GLU B 346 1.05 29.99 9.19
C GLU B 346 1.90 31.16 9.78
N LYS B 347 1.74 32.37 9.25
CA LYS B 347 2.45 33.55 9.78
C LYS B 347 2.08 33.83 11.25
N ILE B 348 0.77 33.81 11.58
CA ILE B 348 0.33 34.03 12.95
C ILE B 348 0.85 32.93 13.83
N ARG B 349 0.86 31.69 13.36
CA ARG B 349 1.44 30.59 14.13
C ARG B 349 2.94 30.85 14.45
N ASN B 350 3.71 31.23 13.43
CA ASN B 350 5.13 31.49 13.54
C ASN B 350 5.44 32.69 14.43
N GLU B 351 4.63 33.74 14.33
CA GLU B 351 4.82 34.96 15.11
C GLU B 351 4.41 34.81 16.55
N SER B 352 3.25 34.19 16.81
CA SER B 352 2.66 34.18 18.14
C SER B 352 2.68 32.86 18.89
N VAL B 353 2.81 31.70 18.24
CA VAL B 353 2.74 30.44 19.00
C VAL B 353 3.88 29.50 18.62
N SER B 354 5.08 30.07 18.54
CA SER B 354 6.35 29.36 18.38
C SER B 354 6.38 28.36 17.22
N ARG B 355 5.75 28.71 16.07
CA ARG B 355 5.70 27.88 14.88
C ARG B 355 5.04 26.52 15.13
N SER B 356 4.25 26.37 16.20
CA SER B 356 3.63 25.11 16.57
C SER B 356 2.09 25.10 16.35
N TRP B 357 1.55 24.13 15.55
CA TRP B 357 0.09 24.00 15.38
C TRP B 357 -0.52 23.47 16.65
N SER B 358 0.26 22.76 17.47
CA SER B 358 -0.21 22.28 18.76
C SER B 358 -0.44 23.47 19.71
N ASP B 359 0.48 24.42 19.77
CA ASP B 359 0.31 25.65 20.58
C ASP B 359 -0.80 26.57 20.00
N PHE B 360 -0.97 26.50 18.67
CA PHE B 360 -2.03 27.22 17.96
C PHE B 360 -3.37 26.71 18.44
N SER B 361 -3.52 25.39 18.52
CA SER B 361 -4.70 24.73 19.02
C SER B 361 -4.93 25.07 20.50
N LYS B 362 -3.88 25.00 21.32
CA LYS B 362 -3.96 25.35 22.74
C LYS B 362 -4.39 26.82 22.93
N ALA B 363 -3.93 27.75 22.05
CA ALA B 363 -4.32 29.18 22.12
C ALA B 363 -5.85 29.29 21.94
N LEU B 364 -6.42 28.52 21.00
CA LEU B 364 -7.86 28.48 20.77
C LEU B 364 -8.58 27.84 21.97
N GLN B 365 -8.02 26.79 22.55
CA GLN B 365 -8.61 26.13 23.73
C GLN B 365 -8.56 27.02 24.97
N SER B 366 -7.48 27.79 25.12
CA SER B 366 -7.27 28.66 26.28
C SER B 366 -7.97 30.02 26.16
N THR B 367 -8.77 30.29 25.10
CA THR B 367 -9.48 31.57 24.93
C THR B 367 -10.96 31.30 24.77
N GLU B 368 -11.79 32.22 25.26
CA GLU B 368 -13.25 32.10 25.21
C GLU B 368 -13.82 32.51 23.86
N GLY B 370 -15.80 34.55 21.31
CA GLY B 370 -15.93 36.00 21.26
C GLY B 370 -14.65 36.75 21.57
N ASN B 371 -13.60 36.07 22.09
CA ASN B 371 -12.26 36.59 22.34
C ASN B 371 -12.22 37.86 23.21
N GLY B 372 -13.14 37.93 24.17
CA GLY B 372 -13.28 39.09 25.03
C GLY B 372 -13.63 40.37 24.30
N GLY B 373 -14.21 40.28 23.11
CA GLY B 373 -14.50 41.46 22.28
C GLY B 373 -13.36 41.96 21.41
N ASN B 374 -12.23 41.25 21.40
CA ASN B 374 -11.07 41.60 20.55
C ASN B 374 -11.32 41.06 19.18
N LEU B 375 -11.27 41.93 18.15
CA LEU B 375 -11.57 41.54 16.77
C LEU B 375 -10.42 41.92 15.87
N GLY B 376 -10.16 41.08 14.89
CA GLY B 376 -9.05 41.28 13.97
C GLY B 376 -9.34 40.91 12.53
N PHE B 377 -8.68 41.65 11.64
CA PHE B 377 -8.68 41.50 10.19
C PHE B 377 -7.21 41.35 9.79
N TYR B 378 -6.88 40.29 9.06
CA TYR B 378 -5.49 39.95 8.73
C TYR B 378 -5.31 39.78 7.23
N PHE B 379 -4.92 40.87 6.54
CA PHE B 379 -4.77 40.89 5.08
C PHE B 379 -3.37 41.36 4.66
N ASP B 380 -2.35 40.49 4.74
CA ASP B 380 -1.00 40.90 4.32
C ASP B 380 -0.92 41.11 2.81
N VAL B 381 -1.78 40.43 2.03
CA VAL B 381 -1.91 40.68 0.59
C VAL B 381 -3.28 41.28 0.38
N GLU B 383 -6.85 41.74 -0.28
CA GLU B 383 -7.93 40.77 -0.19
C GLU B 383 -8.94 41.09 -1.32
N ILE B 384 -9.62 40.06 -1.79
CA ILE B 384 -10.68 40.07 -2.83
C ILE B 384 -12.04 40.25 -2.16
N THR B 385 -12.31 39.48 -1.11
CA THR B 385 -13.61 39.48 -0.42
C THR B 385 -13.41 39.93 1.02
N PRO B 386 -13.53 41.23 1.35
CA PRO B 386 -13.72 42.40 0.47
C PRO B 386 -12.35 42.94 0.04
N GLU B 387 -12.32 44.10 -0.62
CA GLU B 387 -11.07 44.72 -1.06
C GLU B 387 -10.45 45.55 0.05
N ILE B 388 -9.69 44.88 0.92
CA ILE B 388 -8.96 45.48 2.03
C ILE B 388 -7.57 44.88 2.08
N ILE B 389 -6.63 45.67 2.52
CA ILE B 389 -5.24 45.22 2.77
C ILE B 389 -4.86 45.72 4.17
N GLY B 390 -3.92 45.03 4.79
CA GLY B 390 -3.40 45.37 6.09
C GLY B 390 -3.95 44.53 7.22
N ARG B 391 -3.34 44.65 8.40
CA ARG B 391 -3.83 44.05 9.62
C ARG B 391 -4.52 45.15 10.41
N HIS B 392 -5.75 44.90 10.84
CA HIS B 392 -6.58 45.86 11.59
C HIS B 392 -7.11 45.16 12.84
N ARG B 393 -6.67 45.60 14.00
CA ARG B 393 -7.05 45.04 15.29
C ARG B 393 -7.84 46.05 16.13
N PHE B 394 -8.92 45.58 16.80
CA PHE B 394 -9.76 46.41 17.64
C PHE B 394 -9.96 45.74 18.99
N ASN B 395 -9.92 46.51 20.07
CA ASN B 395 -10.16 45.94 21.40
C ASN B 395 -11.69 45.89 21.71
N THR B 396 -12.09 45.45 22.91
CA THR B 396 -13.50 45.31 23.30
C THR B 396 -14.27 46.68 23.25
N GLU B 397 -13.58 47.83 23.34
CA GLU B 397 -14.22 49.16 23.24
C GLU B 397 -14.26 49.68 21.79
N ASN B 398 -13.97 48.82 20.80
CA ASN B 398 -13.90 49.13 19.38
C ASN B 398 -12.81 50.16 19.08
N HIS B 399 -11.75 50.25 19.93
CA HIS B 399 -10.61 51.11 19.67
C HIS B 399 -9.59 50.35 18.88
N LYS B 400 -8.99 50.99 17.91
CA LYS B 400 -7.98 50.37 17.09
C LYS B 400 -6.69 50.20 17.92
N VAL B 401 -6.08 49.02 17.86
CA VAL B 401 -4.89 48.69 18.64
C VAL B 401 -3.79 48.16 17.71
N ALA B 402 -2.57 48.32 18.13
CA ALA B 402 -1.37 47.94 17.38
C ALA B 402 -1.10 46.46 17.43
N ALA B 403 -1.51 45.80 18.52
CA ALA B 403 -1.22 44.40 18.74
C ALA B 403 -2.12 43.80 19.79
N PHE B 404 -2.16 42.46 19.81
CA PHE B 404 -2.85 41.66 20.80
C PHE B 404 -1.87 40.76 21.49
N PRO B 405 -2.24 40.23 22.70
CA PRO B 405 -1.48 39.09 23.24
C PRO B 405 -1.52 37.89 22.25
N GLY B 406 -0.48 37.06 22.25
CA GLY B 406 -0.36 35.93 21.34
C GLY B 406 -1.57 35.02 21.16
N ASP B 407 -2.20 34.56 22.28
CA ASP B 407 -3.39 33.70 22.21
C ASP B 407 -4.61 34.43 21.63
N VAL B 408 -4.77 35.72 21.98
CA VAL B 408 -5.86 36.57 21.48
C VAL B 408 -5.70 36.73 19.96
N GLU B 409 -4.46 36.92 19.50
CA GLU B 409 -4.14 37.06 18.08
C GLU B 409 -4.61 35.84 17.28
N VAL B 410 -4.30 34.63 17.77
CA VAL B 410 -4.66 33.35 17.13
C VAL B 410 -6.20 33.25 17.00
N ARG B 411 -6.94 33.52 18.08
CA ARG B 411 -8.40 33.48 18.01
C ARG B 411 -8.93 34.60 17.13
N ALA B 412 -8.38 35.84 17.21
CA ALA B 412 -8.86 36.96 16.39
C ALA B 412 -8.74 36.62 14.90
N LEU B 413 -7.65 35.96 14.50
CA LEU B 413 -7.49 35.48 13.12
C LEU B 413 -8.53 34.41 12.75
N ILE B 414 -8.62 33.34 13.51
CA ILE B 414 -9.54 32.23 13.17
C ILE B 414 -11.01 32.63 13.28
N GLU B 415 -11.41 33.29 14.39
CA GLU B 415 -12.80 33.78 14.53
C GLU B 415 -13.14 34.74 13.44
N GLY B 416 -12.24 35.68 13.21
CA GLY B 416 -12.42 36.70 12.20
C GLY B 416 -12.59 36.13 10.81
N GLN B 417 -11.71 35.18 10.43
CA GLN B 417 -11.78 34.53 9.13
C GLN B 417 -13.13 33.80 8.94
N PHE B 418 -13.61 33.10 9.97
CA PHE B 418 -14.89 32.41 9.85
C PHE B 418 -16.10 33.33 9.94
N ALA B 420 -16.12 36.37 8.81
CA ALA B 420 -16.12 37.00 7.48
C ALA B 420 -16.79 36.09 6.46
N LYS B 421 -16.49 34.80 6.49
CA LYS B 421 -17.11 33.83 5.61
C LYS B 421 -18.65 33.80 5.81
N ARG B 422 -19.10 33.84 7.07
CA ARG B 422 -20.52 33.86 7.34
C ARG B 422 -21.16 35.15 6.84
N ILE B 423 -20.57 36.30 7.15
CA ILE B 423 -21.07 37.63 6.75
C ILE B 423 -21.13 37.74 5.22
N HIS B 424 -20.08 37.33 4.54
CA HIS B 424 -20.06 37.46 3.08
C HIS B 424 -21.02 36.42 2.42
N ALA B 425 -21.22 35.23 3.07
CA ALA B 425 -22.20 34.24 2.60
C ALA B 425 -23.61 34.81 2.79
N GLU B 426 -23.89 35.40 3.96
CA GLU B 426 -25.21 35.98 4.21
C GLU B 426 -25.51 37.14 3.27
N GLY B 427 -24.46 37.82 2.77
CA GLY B 427 -24.61 38.87 1.80
C GLY B 427 -25.11 38.36 0.45
N LEU B 428 -24.81 37.09 0.09
CA LEU B 428 -25.29 36.45 -1.17
C LEU B 428 -26.66 35.76 -1.03
N GLY B 429 -27.33 35.99 0.11
CA GLY B 429 -28.62 35.43 0.47
C GLY B 429 -28.57 34.11 1.21
N TYR B 430 -27.36 33.63 1.58
CA TYR B 430 -27.27 32.35 2.29
C TYR B 430 -27.75 32.48 3.75
N ARG B 431 -28.48 31.44 4.24
CA ARG B 431 -28.92 31.44 5.62
C ARG B 431 -28.68 30.05 6.21
N VAL B 432 -28.22 30.04 7.47
CA VAL B 432 -28.05 28.80 8.22
C VAL B 432 -29.48 28.31 8.51
N SER B 434 -31.91 24.76 10.04
CA SER B 434 -31.90 23.67 11.03
C SER B 434 -31.17 22.41 10.48
N LYS B 435 -31.32 22.15 9.19
CA LYS B 435 -30.71 21.01 8.50
C LYS B 435 -29.22 21.24 8.12
N THR B 436 -28.72 22.49 8.18
CA THR B 436 -27.37 22.88 7.74
C THR B 436 -26.26 21.97 8.25
N LYS B 437 -25.43 21.54 7.33
CA LYS B 437 -24.18 20.81 7.55
C LYS B 437 -23.05 21.66 6.93
N ILE B 438 -21.85 21.69 7.55
CA ILE B 438 -20.70 22.43 7.01
C ILE B 438 -19.65 21.40 6.69
N LEU B 439 -19.16 21.39 5.45
CA LEU B 439 -18.07 20.54 5.08
C LEU B 439 -16.78 21.37 5.10
N ALA B 440 -15.76 20.88 5.78
CA ALA B 440 -14.48 21.54 5.86
C ALA B 440 -13.44 20.62 5.26
N THR B 441 -12.57 21.15 4.44
CA THR B 441 -11.49 20.40 3.85
C THR B 441 -10.24 21.26 3.75
N GLY B 442 -9.12 20.61 3.50
CA GLY B 442 -7.83 21.25 3.39
C GLY B 442 -7.00 21.08 4.65
N GLY B 443 -5.79 21.61 4.59
CA GLY B 443 -4.80 21.50 5.67
C GLY B 443 -5.31 21.84 7.07
N ALA B 444 -6.05 22.94 7.20
CA ALA B 444 -6.58 23.39 8.50
C ALA B 444 -7.77 22.53 9.01
N SER B 445 -8.43 21.71 8.13
CA SER B 445 -9.46 20.79 8.56
C SER B 445 -8.87 19.67 9.40
N HIS B 446 -7.51 19.56 9.47
CA HIS B 446 -6.80 18.62 10.34
C HIS B 446 -6.56 19.22 11.73
N ASN B 447 -7.25 20.31 12.07
CA ASN B 447 -7.19 20.99 13.35
C ASN B 447 -8.63 21.15 13.86
N ARG B 448 -9.01 20.32 14.81
CA ARG B 448 -10.38 20.29 15.32
C ARG B 448 -10.69 21.57 16.14
N GLU B 449 -9.65 22.21 16.70
CA GLU B 449 -9.84 23.47 17.46
C GLU B 449 -10.24 24.60 16.47
N ILE B 450 -9.66 24.60 15.25
CA ILE B 450 -10.08 25.51 14.16
C ILE B 450 -11.53 25.15 13.73
N LEU B 451 -11.80 23.87 13.56
CA LEU B 451 -13.12 23.40 13.12
C LEU B 451 -14.20 23.72 14.19
N GLN B 452 -13.86 23.69 15.47
CA GLN B 452 -14.76 24.08 16.55
C GLN B 452 -15.20 25.56 16.41
N VAL B 453 -14.27 26.46 16.06
CA VAL B 453 -14.59 27.90 15.89
C VAL B 453 -15.54 28.03 14.74
N LEU B 454 -15.30 27.29 13.65
CA LEU B 454 -16.16 27.29 12.48
C LEU B 454 -17.58 26.85 12.87
N ALA B 455 -17.69 25.74 13.64
CA ALA B 455 -18.99 25.24 14.10
C ALA B 455 -19.70 26.27 14.99
N ASP B 456 -18.95 26.93 15.87
CA ASP B 456 -19.51 27.92 16.78
C ASP B 456 -20.02 29.17 16.04
N VAL B 457 -19.25 29.66 15.05
CA VAL B 457 -19.57 30.87 14.31
C VAL B 457 -20.85 30.67 13.51
N PHE B 458 -21.03 29.52 12.86
CA PHE B 458 -22.21 29.23 12.06
C PHE B 458 -23.37 28.61 12.86
N ASP B 459 -23.11 28.16 14.10
CA ASP B 459 -24.08 27.46 14.94
C ASP B 459 -24.58 26.22 14.17
N ALA B 460 -23.65 25.46 13.57
CA ALA B 460 -23.97 24.31 12.79
C ALA B 460 -22.85 23.27 12.83
N PRO B 461 -23.20 21.98 12.68
CA PRO B 461 -22.18 20.92 12.78
C PRO B 461 -21.21 20.93 11.62
N VAL B 462 -19.95 20.56 11.93
CA VAL B 462 -18.89 20.58 10.95
C VAL B 462 -18.43 19.14 10.72
N TYR B 463 -18.28 18.82 9.44
CA TYR B 463 -17.85 17.52 8.97
C TYR B 463 -16.60 17.66 8.17
N VAL B 464 -15.80 16.63 8.16
CA VAL B 464 -14.53 16.63 7.45
C VAL B 464 -14.57 15.63 6.34
N ILE B 465 -14.02 16.04 5.21
CA ILE B 465 -13.97 15.21 4.03
C ILE B 465 -12.64 15.37 3.32
N ASP B 466 -12.12 14.25 2.83
CA ASP B 466 -10.96 14.28 1.94
C ASP B 466 -11.52 14.68 0.57
N THR B 467 -11.02 15.77 -0.01
CA THR B 467 -11.50 16.29 -1.29
C THR B 467 -10.40 16.30 -2.34
N ALA B 468 -9.37 15.46 -2.16
CA ALA B 468 -8.29 15.36 -3.14
C ALA B 468 -8.83 15.03 -4.56
N ASN B 469 -9.89 14.18 -4.63
CA ASN B 469 -10.53 13.77 -5.85
C ASN B 469 -11.98 14.21 -5.89
N SER B 470 -12.35 15.29 -5.20
CA SER B 470 -13.77 15.65 -5.12
C SER B 470 -14.41 15.95 -6.48
N ALA B 471 -13.66 16.54 -7.41
CA ALA B 471 -14.22 16.84 -8.72
C ALA B 471 -14.43 15.56 -9.54
N CYS B 472 -13.47 14.59 -9.47
CA CYS B 472 -13.56 13.27 -10.09
C CYS B 472 -14.75 12.49 -9.54
N VAL B 473 -14.79 12.38 -8.22
CA VAL B 473 -15.80 11.64 -7.50
C VAL B 473 -17.18 12.27 -7.75
N GLY B 474 -17.26 13.60 -7.69
CA GLY B 474 -18.51 14.28 -7.95
C GLY B 474 -19.00 14.04 -9.36
N SER B 475 -18.09 13.97 -10.32
CA SER B 475 -18.39 13.70 -11.72
C SER B 475 -18.96 12.25 -11.87
N ALA B 476 -18.38 11.24 -11.19
CA ALA B 476 -18.86 9.87 -11.24
C ALA B 476 -20.26 9.78 -10.60
N TYR B 477 -20.51 10.55 -9.51
CA TYR B 477 -21.82 10.62 -8.86
C TYR B 477 -22.83 11.16 -9.81
N ARG B 478 -22.44 12.21 -10.54
CA ARG B 478 -23.32 12.83 -11.53
C ARG B 478 -23.59 11.84 -12.71
N ALA B 479 -22.59 11.02 -13.10
CA ALA B 479 -22.80 10.03 -14.14
C ALA B 479 -23.88 9.01 -13.66
N PHE B 480 -23.79 8.57 -12.39
CA PHE B 480 -24.72 7.64 -11.77
C PHE B 480 -26.09 8.24 -11.70
N HIS B 481 -26.15 9.53 -11.40
CA HIS B 481 -27.42 10.25 -11.34
C HIS B 481 -28.13 10.20 -12.70
N GLY B 482 -27.41 10.47 -13.79
CA GLY B 482 -27.97 10.35 -15.12
C GLY B 482 -28.43 8.94 -15.44
N LEU B 483 -27.71 7.90 -15.00
CA LEU B 483 -28.17 6.53 -15.21
C LEU B 483 -29.37 6.14 -14.34
N ALA B 484 -29.44 6.70 -13.12
CA ALA B 484 -30.45 6.35 -12.13
C ALA B 484 -31.81 7.09 -12.30
N GLY B 485 -31.88 8.02 -13.27
CA GLY B 485 -33.11 8.73 -13.64
C GLY B 485 -33.02 10.20 -14.02
N GLY B 486 -31.81 10.76 -13.88
CA GLY B 486 -31.51 12.16 -14.14
C GLY B 486 -32.45 13.13 -13.49
N THR B 487 -33.07 13.97 -14.29
CA THR B 487 -33.98 15.00 -13.82
C THR B 487 -35.30 14.43 -13.20
N ASP B 488 -35.67 13.16 -13.41
CA ASP B 488 -36.83 12.57 -12.79
C ASP B 488 -36.60 12.21 -11.31
N VAL B 489 -35.35 12.18 -10.83
CA VAL B 489 -35.04 11.78 -9.46
C VAL B 489 -34.08 12.80 -8.79
N PRO B 490 -34.14 13.01 -7.46
CA PRO B 490 -33.20 13.95 -6.82
C PRO B 490 -31.80 13.38 -6.72
N PHE B 491 -30.77 14.17 -7.03
CA PHE B 491 -29.36 13.76 -6.91
C PHE B 491 -29.05 13.18 -5.52
N SER B 492 -29.59 13.81 -4.47
CA SER B 492 -29.36 13.41 -3.08
C SER B 492 -29.86 12.00 -2.79
N GLU B 493 -30.95 11.56 -3.45
CA GLU B 493 -31.43 10.21 -3.26
C GLU B 493 -30.52 9.21 -3.95
N VAL B 494 -29.99 9.56 -5.09
CA VAL B 494 -29.03 8.67 -5.78
C VAL B 494 -27.73 8.47 -4.99
N VAL B 495 -27.18 9.52 -4.34
CA VAL B 495 -25.88 9.44 -3.66
C VAL B 495 -26.00 9.08 -2.16
N LYS B 496 -27.18 8.69 -1.70
CA LYS B 496 -27.39 8.26 -0.31
C LYS B 496 -26.42 7.14 0.09
N LEU B 497 -26.10 6.23 -0.87
CA LEU B 497 -25.19 5.11 -0.68
C LEU B 497 -23.72 5.51 -0.58
N ALA B 498 -23.36 6.71 -1.00
CA ALA B 498 -21.96 7.15 -0.95
C ALA B 498 -21.43 7.31 0.50
N PRO B 499 -20.09 7.18 0.68
CA PRO B 499 -19.49 7.36 2.03
C PRO B 499 -19.87 8.70 2.69
N ASN B 500 -20.28 8.65 3.95
CA ASN B 500 -20.66 9.84 4.72
C ASN B 500 -19.42 10.51 5.32
N PRO B 501 -19.35 11.86 5.33
CA PRO B 501 -18.16 12.52 5.90
C PRO B 501 -18.21 12.40 7.43
N ARG B 502 -17.09 12.50 8.06
CA ARG B 502 -17.03 12.33 9.52
C ARG B 502 -17.34 13.62 10.27
N LEU B 503 -18.16 13.53 11.32
CA LEU B 503 -18.48 14.67 12.15
C LEU B 503 -17.23 15.09 12.98
N ALA B 504 -16.76 16.34 12.82
CA ALA B 504 -15.56 16.84 13.54
C ALA B 504 -15.90 17.84 14.67
N ALA B 505 -17.01 18.61 14.58
CA ALA B 505 -17.39 19.55 15.62
C ALA B 505 -18.87 19.94 15.58
N THR B 506 -19.42 20.20 16.76
CA THR B 506 -20.80 20.67 16.92
C THR B 506 -20.71 21.94 17.73
N PRO B 507 -21.53 22.95 17.43
CA PRO B 507 -21.42 24.22 18.17
C PRO B 507 -21.53 24.05 19.67
N SER B 508 -20.73 24.80 20.39
CA SER B 508 -20.74 24.76 21.84
C SER B 508 -21.98 25.44 22.38
N PRO B 509 -22.45 25.02 23.58
CA PRO B 509 -23.60 25.71 24.18
C PRO B 509 -23.25 27.18 24.42
N GLY B 510 -24.15 28.05 23.99
CA GLY B 510 -23.96 29.49 24.13
C GLY B 510 -23.31 30.16 22.94
N ALA B 511 -22.88 29.39 21.91
CA ALA B 511 -22.27 29.95 20.72
C ALA B 511 -23.23 30.92 20.03
N SER B 512 -24.49 30.53 19.91
CA SER B 512 -25.52 31.35 19.25
C SER B 512 -25.59 32.76 19.85
N GLN B 513 -25.55 32.85 21.20
CA GLN B 513 -25.66 34.13 21.91
C GLN B 513 -24.43 34.99 21.71
N VAL B 514 -23.23 34.36 21.69
CA VAL B 514 -21.97 35.08 21.49
C VAL B 514 -21.90 35.71 20.11
N TYR B 515 -22.08 34.90 19.06
CA TYR B 515 -21.91 35.41 17.69
C TYR B 515 -23.08 36.20 17.15
N GLU B 516 -24.29 36.08 17.71
CA GLU B 516 -25.42 36.93 17.25
C GLU B 516 -25.14 38.41 17.56
N ALA B 517 -24.42 38.68 18.65
CA ALA B 517 -24.04 40.01 19.07
C ALA B 517 -22.73 40.48 18.41
N LEU B 518 -21.78 39.58 18.19
CA LEU B 518 -20.47 39.90 17.66
C LEU B 518 -20.39 39.98 16.12
N LEU B 519 -21.19 39.18 15.38
CA LEU B 519 -21.15 39.20 13.89
C LEU B 519 -21.48 40.58 13.34
N PRO B 520 -22.56 41.25 13.81
CA PRO B 520 -22.85 42.63 13.34
C PRO B 520 -21.76 43.65 13.71
N GLN B 521 -21.03 43.45 14.85
CA GLN B 521 -19.96 44.36 15.21
C GLN B 521 -18.76 44.15 14.28
N TYR B 522 -18.46 42.89 13.95
CA TYR B 522 -17.39 42.57 13.00
C TYR B 522 -17.73 43.17 11.63
N ALA B 523 -19.00 43.00 11.18
CA ALA B 523 -19.47 43.52 9.90
C ALA B 523 -19.37 45.07 9.85
N LYS B 524 -19.72 45.76 10.96
CA LYS B 524 -19.60 47.22 11.05
C LYS B 524 -18.13 47.66 11.00
N LEU B 525 -17.20 46.96 11.68
CA LEU B 525 -15.79 47.30 11.60
C LEU B 525 -15.24 47.11 10.21
N GLU B 526 -15.69 46.07 9.50
CA GLU B 526 -15.27 45.86 8.12
C GLU B 526 -15.68 47.03 7.24
N GLN B 527 -16.93 47.49 7.39
CA GLN B 527 -17.43 48.65 6.63
C GLN B 527 -16.65 49.90 6.96
N ARG B 528 -16.29 50.12 8.24
CA ARG B 528 -15.46 51.24 8.70
C ARG B 528 -14.07 51.22 8.02
N ILE B 529 -13.47 50.03 7.88
CA ILE B 529 -12.17 49.89 7.21
C ILE B 529 -12.30 50.19 5.71
N LEU B 530 -13.28 49.54 5.03
CA LEU B 530 -13.59 49.84 3.62
C LEU B 530 -13.93 51.35 3.37
N SER B 531 -14.60 52.07 4.29
CA SER B 531 -14.92 53.51 4.10
C SER B 531 -13.64 54.38 4.18
N GLN B 532 -12.66 53.98 5.00
CA GLN B 532 -11.38 54.67 5.14
C GLN B 532 -10.45 54.42 3.93
N THR B 533 -10.72 53.36 3.14
CA THR B 533 -9.94 53.05 1.93
C THR B 533 -10.32 54.04 0.81
N ARG B 534 -11.63 54.39 0.68
CA ARG B 534 -12.13 55.35 -0.32
C ARG B 534 -12.10 56.77 0.25
N PRO C 8 -20.02 -18.34 2.84
CA PRO C 8 -19.66 -19.76 2.84
C PRO C 8 -18.72 -20.15 3.99
N ARG C 9 -18.60 -19.28 5.00
N ARG C 9 -18.59 -19.26 4.99
CA ARG C 9 -17.61 -19.43 6.06
CA ARG C 9 -17.59 -19.38 6.05
C ARG C 9 -18.03 -18.82 7.39
C ARG C 9 -18.05 -18.81 7.40
N ARG C 10 -18.38 -19.65 8.40
CA ARG C 10 -18.69 -19.11 9.74
C ARG C 10 -17.38 -18.56 10.36
N CYS C 11 -17.48 -17.48 11.13
CA CYS C 11 -16.27 -16.88 11.71
C CYS C 11 -16.54 -16.17 13.02
N CYS C 12 -15.45 -15.85 13.71
CA CYS C 12 -15.41 -14.96 14.87
C CYS C 12 -14.50 -13.78 14.52
N LEU C 13 -14.85 -12.61 15.05
CA LEU C 13 -14.06 -11.41 14.95
C LEU C 13 -13.25 -11.24 16.22
N GLY C 14 -12.01 -10.85 16.03
CA GLY C 14 -11.06 -10.53 17.09
C GLY C 14 -10.60 -9.10 16.92
N TRP C 15 -11.00 -8.24 17.85
CA TRP C 15 -10.71 -6.81 17.85
C TRP C 15 -9.50 -6.43 18.71
N ASP C 16 -8.84 -5.33 18.37
CA ASP C 16 -7.75 -4.75 19.16
C ASP C 16 -7.84 -3.23 19.17
N PHE C 17 -8.23 -2.67 20.30
CA PHE C 17 -8.29 -1.24 20.51
C PHE C 17 -6.92 -0.86 21.08
N SER C 18 -5.99 -0.56 20.16
CA SER C 18 -4.59 -0.33 20.46
C SER C 18 -4.30 1.19 20.58
N THR C 19 -3.09 1.50 20.99
CA THR C 19 -2.67 2.91 21.16
C THR C 19 -2.74 3.71 19.86
N GLN C 20 -2.26 3.13 18.77
CA GLN C 20 -2.13 3.76 17.48
C GLN C 20 -3.23 3.43 16.47
N GLN C 21 -4.03 2.41 16.75
CA GLN C 21 -5.04 1.98 15.82
C GLN C 21 -6.09 1.08 16.41
N VAL C 22 -7.18 0.94 15.68
CA VAL C 22 -8.18 -0.08 15.93
C VAL C 22 -7.95 -1.12 14.84
N LYS C 23 -7.74 -2.38 15.22
CA LYS C 23 -7.55 -3.50 14.30
C LYS C 23 -8.58 -4.62 14.52
N VAL C 24 -8.84 -5.39 13.48
CA VAL C 24 -9.74 -6.52 13.53
C VAL C 24 -9.24 -7.63 12.65
N VAL C 25 -9.48 -8.87 13.06
CA VAL C 25 -9.24 -10.06 12.24
C VAL C 25 -10.52 -10.88 12.26
N ALA C 26 -10.80 -11.56 11.15
CA ALA C 26 -11.85 -12.55 11.03
C ALA C 26 -11.17 -13.91 10.94
N VAL C 27 -11.54 -14.83 11.85
CA VAL C 27 -10.98 -16.19 11.95
C VAL C 27 -12.12 -17.17 11.67
N ASP C 28 -11.93 -18.07 10.71
CA ASP C 28 -12.99 -19.06 10.41
C ASP C 28 -12.95 -20.23 11.46
N ALA C 29 -13.88 -21.19 11.36
CA ALA C 29 -14.04 -22.29 12.32
C ALA C 29 -12.91 -23.30 12.25
N GLU C 30 -12.13 -23.29 11.16
CA GLU C 30 -10.88 -24.06 11.03
C GLU C 30 -9.68 -23.31 11.66
N LEU C 31 -9.94 -22.12 12.28
CA LEU C 31 -9.00 -21.21 12.91
C LEU C 31 -8.03 -20.60 11.89
N ASN C 32 -8.46 -20.41 10.64
CA ASN C 32 -7.66 -19.68 9.65
C ASN C 32 -8.00 -18.19 9.71
N VAL C 33 -7.00 -17.30 9.82
CA VAL C 33 -7.26 -15.85 9.62
C VAL C 33 -7.43 -15.65 8.13
N PHE C 34 -8.54 -15.08 7.70
CA PHE C 34 -8.79 -14.84 6.28
C PHE C 34 -9.06 -13.35 5.97
N TYR C 35 -9.09 -12.50 6.98
CA TYR C 35 -9.42 -11.09 6.80
C TYR C 35 -8.80 -10.28 7.93
N GLU C 36 -8.26 -9.12 7.59
CA GLU C 36 -7.68 -8.18 8.53
C GLU C 36 -7.97 -6.77 8.05
N GLU C 37 -8.21 -5.88 8.98
CA GLU C 37 -8.44 -4.48 8.63
C GLU C 37 -8.07 -3.62 9.81
N SER C 38 -7.77 -2.34 9.55
CA SER C 38 -7.37 -1.40 10.59
C SER C 38 -7.69 0.03 10.22
N VAL C 39 -7.84 0.83 11.25
CA VAL C 39 -8.01 2.27 11.15
C VAL C 39 -6.89 2.86 12.02
N HIS C 40 -5.95 3.61 11.38
CA HIS C 40 -4.77 4.22 12.04
C HIS C 40 -5.14 5.66 12.45
N PHE C 41 -5.00 5.99 13.74
CA PHE C 41 -5.53 7.26 14.30
C PHE C 41 -4.95 8.55 13.74
N ASP C 42 -3.61 8.71 13.73
CA ASP C 42 -3.00 9.94 13.18
C ASP C 42 -3.34 10.11 11.71
N ARG C 43 -3.25 9.01 10.94
CA ARG C 43 -3.48 9.02 9.50
C ARG C 43 -4.96 9.20 9.13
N ASP C 44 -5.88 8.48 9.80
CA ASP C 44 -7.29 8.44 9.41
C ASP C 44 -8.18 9.40 10.18
N LEU C 45 -7.77 9.86 11.38
CA LEU C 45 -8.51 10.87 12.17
C LEU C 45 -7.52 11.99 12.58
N PRO C 46 -6.88 12.64 11.57
CA PRO C 46 -5.86 13.66 11.85
C PRO C 46 -6.36 14.89 12.59
N GLU C 47 -7.68 15.22 12.51
CA GLU C 47 -8.25 16.39 13.21
C GLU C 47 -8.01 16.38 14.72
N PHE C 48 -7.80 15.21 15.31
CA PHE C 48 -7.57 15.12 16.76
C PHE C 48 -6.15 15.58 17.15
N GLY C 49 -5.23 15.69 16.18
CA GLY C 49 -3.88 16.16 16.43
C GLY C 49 -3.01 15.24 17.26
N THR C 50 -3.28 13.95 17.21
CA THR C 50 -2.48 13.00 17.96
C THR C 50 -1.15 12.71 17.21
N GLN C 51 -0.19 12.19 17.97
CA GLN C 51 1.10 11.73 17.43
C GLN C 51 1.31 10.38 18.10
N GLY C 52 1.36 9.34 17.30
CA GLY C 52 1.39 7.99 17.86
C GLY C 52 0.05 7.63 18.52
N GLY C 53 -1.05 8.28 18.10
CA GLY C 53 -2.37 8.03 18.67
C GLY C 53 -2.64 8.69 20.00
N VAL C 54 -1.65 9.43 20.55
CA VAL C 54 -1.77 10.09 21.84
C VAL C 54 -1.42 11.58 21.75
N HIS C 55 -1.75 12.27 22.85
CA HIS C 55 -1.34 13.63 23.14
C HIS C 55 -0.41 13.59 24.32
N VAL C 56 0.86 13.97 24.14
CA VAL C 56 1.80 14.12 25.25
C VAL C 56 1.63 15.57 25.70
N HIS C 57 1.26 15.76 26.96
CA HIS C 57 0.96 17.09 27.48
C HIS C 57 2.24 17.88 27.79
N LYS C 58 2.07 19.19 28.01
CA LYS C 58 3.17 20.16 28.27
C LYS C 58 4.15 19.67 29.35
N ASP C 59 3.62 19.05 30.44
CA ASP C 59 4.45 18.51 31.54
C ASP C 59 5.40 17.34 31.14
N GLY C 60 5.20 16.72 29.97
CA GLY C 60 6.02 15.57 29.55
C GLY C 60 5.71 14.26 30.27
N LEU C 61 4.67 14.21 31.12
CA LEU C 61 4.28 13.04 31.90
C LEU C 61 2.85 12.56 31.61
N THR C 62 1.91 13.52 31.42
CA THR C 62 0.52 13.23 31.15
C THR C 62 0.37 12.83 29.66
N VAL C 63 -0.12 11.61 29.41
CA VAL C 63 -0.33 11.07 28.09
C VAL C 63 -1.77 10.59 28.01
N THR C 64 -2.54 11.16 27.05
CA THR C 64 -3.93 10.83 26.86
C THR C 64 -4.30 10.59 25.41
N SER C 65 -5.52 10.08 25.21
CA SER C 65 -6.17 9.90 23.90
C SER C 65 -7.61 10.35 23.98
N PRO C 66 -8.15 11.02 22.93
CA PRO C 66 -9.57 11.41 22.99
C PRO C 66 -10.47 10.15 22.83
N VAL C 67 -11.38 9.90 23.80
CA VAL C 67 -12.31 8.77 23.76
C VAL C 67 -13.17 8.78 22.48
N LEU C 68 -13.62 9.95 22.02
CA LEU C 68 -14.46 10.00 20.83
C LEU C 68 -13.68 9.67 19.54
N TRP C 70 -11.59 7.04 19.49
CA TRP C 70 -11.77 5.58 19.52
C TRP C 70 -13.16 5.18 19.05
N VAL C 71 -14.20 5.92 19.50
CA VAL C 71 -15.57 5.63 19.06
C VAL C 71 -15.71 5.82 17.54
N GLN C 72 -15.17 6.92 17.04
CA GLN C 72 -15.26 7.23 15.62
C GLN C 72 -14.44 6.23 14.78
N ALA C 73 -13.31 5.74 15.32
CA ALA C 73 -12.48 4.80 14.59
C ALA C 73 -13.24 3.47 14.42
N LEU C 74 -14.10 3.10 15.39
CA LEU C 74 -14.93 1.91 15.27
C LEU C 74 -15.94 2.11 14.14
N ASP C 75 -16.59 3.27 14.07
CA ASP C 75 -17.49 3.54 12.93
C ASP C 75 -16.77 3.40 11.57
N ILE C 76 -15.56 4.03 11.45
CA ILE C 76 -14.78 4.02 10.22
C ILE C 76 -14.45 2.59 9.83
N ILE C 77 -13.91 1.79 10.77
CA ILE C 77 -13.51 0.42 10.46
C ILE C 77 -14.72 -0.46 10.05
N LEU C 78 -15.86 -0.41 10.77
CA LEU C 78 -17.05 -1.16 10.38
C LEU C 78 -17.54 -0.77 8.98
N GLU C 79 -17.48 0.51 8.63
CA GLU C 79 -17.90 0.97 7.30
C GLU C 79 -16.88 0.58 6.22
N LYS C 80 -15.59 0.53 6.60
CA LYS C 80 -14.53 0.09 5.71
C LYS C 80 -14.69 -1.43 5.40
N LYS C 82 -17.64 -3.11 5.56
CA LYS C 82 -18.84 -3.17 4.73
C LYS C 82 -18.49 -2.85 3.27
N ALA C 83 -17.72 -1.77 3.04
CA ALA C 83 -17.31 -1.31 1.70
C ALA C 83 -16.44 -2.34 0.97
N SER C 84 -15.66 -3.12 1.72
CA SER C 84 -14.83 -4.16 1.12
C SER C 84 -15.64 -5.45 0.78
N GLY C 85 -16.90 -5.51 1.19
CA GLY C 85 -17.77 -6.64 0.95
C GLY C 85 -17.71 -7.70 2.04
N PHE C 86 -17.32 -7.33 3.27
CA PHE C 86 -17.26 -8.30 4.37
C PHE C 86 -18.67 -8.80 4.71
N ASP C 87 -18.82 -10.12 4.86
CA ASP C 87 -20.14 -10.72 5.15
C ASP C 87 -20.31 -10.88 6.66
N PHE C 88 -20.97 -9.89 7.27
CA PHE C 88 -21.23 -9.86 8.71
C PHE C 88 -22.24 -10.92 9.15
N SER C 89 -23.11 -11.45 8.24
CA SER C 89 -24.07 -12.50 8.58
C SER C 89 -23.38 -13.81 9.04
N GLN C 90 -22.10 -13.99 8.66
CA GLN C 90 -21.29 -15.16 9.03
C GLN C 90 -20.60 -15.06 10.41
N VAL C 91 -20.74 -13.92 11.12
CA VAL C 91 -20.08 -13.70 12.41
C VAL C 91 -20.91 -14.37 13.54
N LEU C 92 -20.37 -15.44 14.17
CA LEU C 92 -21.04 -16.19 15.26
C LEU C 92 -20.79 -15.55 16.61
N ALA C 93 -19.59 -14.97 16.78
CA ALA C 93 -19.23 -14.31 18.02
C ALA C 93 -18.07 -13.37 17.81
N LEU C 94 -17.85 -12.50 18.79
CA LEU C 94 -16.72 -11.62 18.76
C LEU C 94 -16.22 -11.35 20.16
N SER C 95 -14.94 -11.03 20.25
CA SER C 95 -14.30 -10.53 21.45
C SER C 95 -13.18 -9.59 21.01
N GLY C 96 -12.48 -9.05 21.97
CA GLY C 96 -11.41 -8.14 21.68
C GLY C 96 -10.48 -7.88 22.82
N ALA C 97 -9.46 -7.11 22.46
CA ALA C 97 -8.42 -6.66 23.34
C ALA C 97 -8.40 -5.15 23.38
N GLY C 98 -8.03 -4.65 24.53
CA GLY C 98 -7.85 -3.24 24.76
C GLY C 98 -6.45 -2.98 25.29
N GLN C 99 -5.80 -1.93 24.78
CA GLN C 99 -4.52 -1.41 25.33
C GLN C 99 -4.74 -1.32 26.82
N GLN C 100 -3.85 -1.92 27.60
CA GLN C 100 -4.13 -2.03 29.02
C GLN C 100 -4.07 -0.71 29.76
N HIS C 101 -4.68 -0.73 30.94
CA HIS C 101 -4.67 0.34 31.94
C HIS C 101 -5.52 1.59 31.58
N GLY C 102 -5.57 2.00 30.32
CA GLY C 102 -6.35 3.16 29.89
C GLY C 102 -7.79 3.10 30.36
N SER C 103 -8.35 4.28 30.73
CA SER C 103 -9.68 4.35 31.32
C SER C 103 -10.60 5.35 30.65
N ILE C 104 -11.90 5.04 30.71
CA ILE C 104 -13.01 5.79 30.13
C ILE C 104 -13.96 6.12 31.26
N TYR C 105 -14.42 7.38 31.29
CA TYR C 105 -15.31 7.95 32.31
C TYR C 105 -16.63 8.30 31.64
N TRP C 106 -17.65 7.45 31.88
CA TRP C 106 -18.97 7.66 31.28
C TRP C 106 -19.79 8.62 32.10
N LYS C 107 -20.31 9.67 31.46
CA LYS C 107 -21.14 10.69 32.11
C LYS C 107 -22.48 10.11 32.58
N ALA C 108 -23.07 10.69 33.63
CA ALA C 108 -24.39 10.26 34.13
C ALA C 108 -25.43 10.34 33.00
N GLY C 109 -26.19 9.27 32.83
CA GLY C 109 -27.18 9.15 31.76
C GLY C 109 -26.66 8.62 30.44
N ALA C 110 -25.37 8.21 30.36
CA ALA C 110 -24.80 7.70 29.12
C ALA C 110 -25.31 6.31 28.76
N GLN C 111 -25.73 5.48 29.74
CA GLN C 111 -26.23 4.13 29.40
C GLN C 111 -27.56 4.20 28.63
N GLN C 112 -28.36 5.27 28.85
CA GLN C 112 -29.61 5.45 28.09
C GLN C 112 -29.26 5.63 26.62
N ALA C 113 -28.20 6.43 26.34
CA ALA C 113 -27.73 6.64 24.96
C ALA C 113 -27.20 5.34 24.32
N LEU C 114 -26.49 4.49 25.12
CA LEU C 114 -26.01 3.19 24.64
C LEU C 114 -27.14 2.24 24.30
N THR C 115 -28.13 2.16 25.18
CA THR C 115 -29.25 1.22 25.01
C THR C 115 -30.31 1.69 24.00
N SER C 116 -30.27 2.97 23.56
CA SER C 116 -31.22 3.51 22.59
C SER C 116 -30.54 3.90 21.26
N LEU C 117 -29.48 3.18 20.86
CA LEU C 117 -28.79 3.47 19.60
C LEU C 117 -29.66 3.19 18.37
N SER C 118 -29.69 4.15 17.42
CA SER C 118 -30.40 4.00 16.15
C SER C 118 -29.42 3.53 15.07
N PRO C 119 -29.78 2.49 14.27
CA PRO C 119 -28.87 2.03 13.20
C PRO C 119 -28.70 3.00 12.02
N ASP C 120 -29.47 4.09 11.98
CA ASP C 120 -29.39 5.11 10.96
C ASP C 120 -28.21 6.08 11.16
N LEU C 121 -27.67 6.09 12.37
CA LEU C 121 -26.60 7.01 12.74
C LEU C 121 -25.37 6.27 13.18
N ARG C 122 -24.24 6.96 13.18
CA ARG C 122 -22.98 6.41 13.67
C ARG C 122 -22.94 6.45 15.18
N LEU C 123 -22.11 5.64 15.79
CA LEU C 123 -21.90 5.62 17.23
C LEU C 123 -21.35 6.96 17.74
N HIS C 124 -20.36 7.55 17.05
CA HIS C 124 -19.71 8.82 17.44
C HIS C 124 -20.73 9.96 17.62
N GLN C 125 -21.63 10.10 16.65
CA GLN C 125 -22.70 11.08 16.61
C GLN C 125 -23.63 10.93 17.85
N GLN C 126 -24.05 9.67 18.14
CA GLN C 126 -25.00 9.37 19.22
C GLN C 126 -24.38 9.39 20.61
N LEU C 127 -23.06 9.12 20.72
CA LEU C 127 -22.38 9.09 22.01
C LEU C 127 -21.51 10.33 22.22
N GLN C 128 -21.67 11.38 21.39
CA GLN C 128 -20.81 12.57 21.49
C GLN C 128 -20.85 13.28 22.86
N ASP C 129 -21.97 13.19 23.63
CA ASP C 129 -22.05 13.84 24.95
C ASP C 129 -22.08 12.81 26.10
N CYS C 130 -21.50 11.62 25.94
CA CYS C 130 -21.57 10.54 26.93
C CYS C 130 -20.37 10.44 27.84
N PHE C 131 -19.36 11.29 27.69
CA PHE C 131 -18.13 11.14 28.46
C PHE C 131 -17.86 12.36 29.35
N SER C 132 -17.65 12.10 30.64
CA SER C 132 -17.31 13.15 31.63
C SER C 132 -15.82 13.58 31.49
N ILE C 133 -14.97 12.72 30.89
CA ILE C 133 -13.57 13.01 30.63
C ILE C 133 -13.38 12.77 29.13
N SER C 134 -12.94 13.78 28.39
CA SER C 134 -12.74 13.65 26.95
C SER C 134 -11.37 13.03 26.64
N ASP C 135 -10.33 13.44 27.37
CA ASP C 135 -8.95 12.97 27.18
C ASP C 135 -8.64 11.89 28.20
N CYS C 136 -8.58 10.64 27.73
CA CYS C 136 -8.39 9.45 28.58
C CYS C 136 -6.95 9.19 28.87
N PRO C 137 -6.56 8.92 30.14
CA PRO C 137 -5.19 8.47 30.38
C PRO C 137 -4.98 7.10 29.77
N VAL C 138 -3.80 6.89 29.18
CA VAL C 138 -3.41 5.67 28.50
C VAL C 138 -2.17 5.12 29.20
N TRP C 139 -1.73 3.92 28.77
CA TRP C 139 -0.63 3.16 29.41
C TRP C 139 0.70 3.94 29.46
N ASP C 141 1.06 7.13 30.23
CA ASP C 141 1.02 8.17 31.25
C ASP C 141 1.92 7.81 32.48
N SER C 142 2.70 8.78 32.96
CA SER C 142 3.60 8.61 34.10
C SER C 142 3.51 9.82 35.05
N SER C 143 2.33 10.43 35.12
CA SER C 143 2.08 11.65 35.88
C SER C 143 1.51 11.44 37.30
N THR C 144 1.34 10.18 37.75
CA THR C 144 0.65 9.87 39.01
C THR C 144 1.56 9.30 40.11
N THR C 145 2.85 9.70 40.16
CA THR C 145 3.76 9.19 41.19
C THR C 145 3.25 9.47 42.61
N ALA C 146 2.66 10.65 42.88
CA ALA C 146 2.14 10.97 44.21
C ALA C 146 0.98 10.04 44.60
N GLN C 147 0.12 9.68 43.63
CA GLN C 147 -1.01 8.79 43.91
C GLN C 147 -0.48 7.36 44.14
N CYS C 148 0.60 6.97 43.44
CA CYS C 148 1.21 5.65 43.63
C CYS C 148 1.72 5.48 45.06
N ARG C 149 2.47 6.47 45.57
CA ARG C 149 3.04 6.43 46.92
C ARG C 149 1.94 6.50 47.97
N GLN C 150 0.87 7.27 47.70
CA GLN C 150 -0.31 7.34 48.61
C GLN C 150 -1.05 6.00 48.68
N LEU C 151 -1.23 5.32 47.53
CA LEU C 151 -1.92 4.03 47.51
C LEU C 151 -1.14 2.99 48.32
N GLU C 152 0.19 2.90 48.08
CA GLU C 152 1.06 1.95 48.78
C GLU C 152 1.07 2.20 50.28
N ALA C 153 1.21 3.46 50.70
CA ALA C 153 1.22 3.82 52.12
C ALA C 153 -0.11 3.46 52.78
N ALA C 154 -1.22 3.73 52.08
CA ALA C 154 -2.57 3.46 52.59
C ALA C 154 -2.83 1.96 52.84
N VAL C 155 -2.29 1.05 51.99
CA VAL C 155 -2.54 -0.41 52.12
C VAL C 155 -1.39 -1.17 52.81
N GLY C 156 -0.42 -0.47 53.42
CA GLY C 156 0.67 -1.13 54.12
C GLY C 156 1.98 -1.33 53.37
N GLY C 157 2.13 -0.69 52.21
CA GLY C 157 3.37 -0.74 51.45
C GLY C 157 3.27 -1.35 50.08
N ALA C 158 4.38 -1.20 49.33
CA ALA C 158 4.52 -1.69 47.95
C ALA C 158 4.31 -3.20 47.86
N GLN C 159 4.96 -3.98 48.77
CA GLN C 159 4.82 -5.43 48.77
C GLN C 159 3.40 -5.86 49.13
N ALA C 160 2.79 -5.19 50.13
CA ALA C 160 1.41 -5.46 50.53
C ALA C 160 0.46 -5.25 49.35
N LEU C 161 0.66 -4.17 48.56
CA LEU C 161 -0.17 -3.89 47.39
C LEU C 161 0.04 -4.96 46.30
N SER C 162 1.30 -5.42 46.08
CA SER C 162 1.58 -6.45 45.07
C SER C 162 1.00 -7.82 45.48
N CYS C 163 1.10 -8.23 46.78
CA CYS C 163 0.48 -9.50 47.20
C CYS C 163 -1.01 -9.49 46.89
N LEU C 164 -1.61 -8.33 47.14
CA LEU C 164 -3.03 -8.09 46.98
C LEU C 164 -3.44 -8.04 45.49
N THR C 165 -2.80 -7.18 44.67
CA THR C 165 -3.21 -6.89 43.30
C THR C 165 -2.27 -7.44 42.20
N GLY C 166 -1.19 -8.12 42.56
CA GLY C 166 -0.23 -8.68 41.61
C GLY C 166 0.89 -7.74 41.17
N SER C 167 0.77 -6.46 41.56
CA SER C 167 1.72 -5.41 41.24
C SER C 167 1.82 -4.40 42.36
N ARG C 168 3.01 -3.80 42.51
CA ARG C 168 3.18 -2.65 43.41
C ARG C 168 2.49 -1.48 42.65
N ALA C 169 2.49 -0.27 43.17
CA ALA C 169 1.85 0.82 42.43
C ALA C 169 2.71 1.26 41.24
N TYR C 170 2.09 1.29 40.04
CA TYR C 170 2.73 1.76 38.81
C TYR C 170 1.88 2.92 38.32
N GLU C 171 2.54 3.96 37.82
CA GLU C 171 1.88 5.21 37.43
C GLU C 171 0.77 5.00 36.39
N ARG C 172 0.99 4.12 35.41
CA ARG C 172 -0.02 3.85 34.39
C ARG C 172 -1.25 3.04 34.91
N PHE C 173 -1.11 2.29 36.03
CA PHE C 173 -2.18 1.43 36.53
C PHE C 173 -3.37 2.31 36.93
N THR C 174 -4.56 1.87 36.48
CA THR C 174 -5.82 2.59 36.50
C THR C 174 -6.24 3.23 37.84
N GLY C 175 -6.03 2.55 38.95
CA GLY C 175 -6.41 3.09 40.26
C GLY C 175 -5.73 4.43 40.58
N ASN C 176 -4.46 4.54 40.20
CA ASN C 176 -3.66 5.75 40.42
C ASN C 176 -4.15 6.89 39.51
N GLN C 177 -4.60 6.54 38.29
CA GLN C 177 -5.20 7.50 37.34
C GLN C 177 -6.58 7.96 37.82
N ILE C 178 -7.40 7.07 38.40
CA ILE C 178 -8.72 7.46 38.93
C ILE C 178 -8.51 8.40 40.12
N ALA C 179 -7.52 8.09 40.96
CA ALA C 179 -7.21 8.92 42.13
C ALA C 179 -6.80 10.34 41.73
N LYS C 180 -5.99 10.49 40.67
CA LYS C 180 -5.59 11.81 40.18
C LYS C 180 -6.80 12.60 39.62
N ILE C 181 -7.69 11.94 38.86
CA ILE C 181 -8.91 12.55 38.30
C ILE C 181 -9.80 13.03 39.46
N TYR C 182 -10.05 12.16 40.44
CA TYR C 182 -10.88 12.55 41.59
C TYR C 182 -10.25 13.77 42.33
N GLN C 183 -8.90 13.77 42.49
CA GLN C 183 -8.20 14.83 43.20
C GLN C 183 -8.15 16.16 42.42
N GLN C 184 -7.78 16.12 41.12
CA GLN C 184 -7.62 17.34 40.31
C GLN C 184 -8.89 17.83 39.60
N ASN C 185 -9.86 16.93 39.34
CA ASN C 185 -11.11 17.28 38.65
C ASN C 185 -12.29 16.57 39.37
N PRO C 186 -12.53 16.92 40.66
CA PRO C 186 -13.61 16.26 41.40
C PRO C 186 -15.00 16.49 40.81
N GLU C 187 -15.22 17.58 40.03
CA GLU C 187 -16.52 17.86 39.40
C GLU C 187 -16.80 16.83 38.30
N ALA C 188 -15.81 16.53 37.42
CA ALA C 188 -15.98 15.53 36.37
C ALA C 188 -16.22 14.15 37.01
N TYR C 189 -15.42 13.80 38.05
CA TYR C 189 -15.56 12.52 38.78
C TYR C 189 -16.98 12.32 39.32
N SER C 190 -17.56 13.39 39.92
CA SER C 190 -18.92 13.32 40.48
C SER C 190 -19.99 13.10 39.40
N HIS C 191 -19.72 13.52 38.14
CA HIS C 191 -20.67 13.31 37.05
C HIS C 191 -20.43 11.97 36.30
N THR C 192 -19.45 11.13 36.75
CA THR C 192 -19.18 9.82 36.14
C THR C 192 -20.05 8.71 36.82
N GLU C 193 -20.90 8.04 36.02
CA GLU C 193 -21.72 6.90 36.50
C GLU C 193 -20.98 5.56 36.33
N ARG C 194 -20.04 5.47 35.37
CA ARG C 194 -19.33 4.23 35.07
C ARG C 194 -17.91 4.50 34.62
N ILE C 195 -16.96 3.69 35.11
CA ILE C 195 -15.55 3.75 34.73
C ILE C 195 -15.21 2.40 34.08
N SER C 196 -14.74 2.45 32.83
CA SER C 196 -14.36 1.28 32.03
C SER C 196 -12.89 1.29 31.71
N LEU C 197 -12.35 0.10 31.40
CA LEU C 197 -11.03 -0.02 30.83
C LEU C 197 -11.23 0.13 29.33
N VAL C 198 -10.17 0.29 28.53
CA VAL C 198 -10.36 0.37 27.07
C VAL C 198 -11.07 -0.91 26.57
N SER C 199 -10.64 -2.08 27.08
CA SER C 199 -11.21 -3.38 26.73
C SER C 199 -12.74 -3.42 27.00
N SER C 200 -13.17 -3.15 28.25
CA SER C 200 -14.59 -3.20 28.61
C SER C 200 -15.39 -2.04 28.02
N PHE C 201 -14.75 -0.88 27.69
CA PHE C 201 -15.45 0.22 26.98
C PHE C 201 -15.78 -0.25 25.57
N ALA C 202 -14.80 -0.91 24.90
CA ALA C 202 -15.01 -1.43 23.56
C ALA C 202 -16.09 -2.52 23.56
N ALA C 203 -16.09 -3.38 24.58
CA ALA C 203 -17.11 -4.41 24.69
C ALA C 203 -18.49 -3.75 24.88
N SER C 204 -18.58 -2.64 25.66
CA SER C 204 -19.82 -1.93 25.91
C SER C 204 -20.41 -1.37 24.61
N LEU C 205 -19.56 -0.88 23.70
CA LEU C 205 -19.99 -0.37 22.40
C LEU C 205 -20.70 -1.45 21.59
N PHE C 206 -20.17 -2.69 21.57
CA PHE C 206 -20.75 -3.81 20.82
C PHE C 206 -22.04 -4.32 21.50
N LEU C 207 -22.12 -4.32 22.85
CA LEU C 207 -23.34 -4.72 23.57
C LEU C 207 -24.47 -3.69 23.47
N GLY C 208 -24.13 -2.40 23.35
CA GLY C 208 -25.10 -1.32 23.46
C GLY C 208 -25.61 -1.24 24.89
N SER C 209 -24.72 -1.55 25.84
CA SER C 209 -24.94 -1.52 27.31
C SER C 209 -23.57 -1.71 27.96
N TYR C 210 -23.45 -1.40 29.25
CA TYR C 210 -22.16 -1.51 29.90
C TYR C 210 -21.71 -2.94 30.11
N SER C 211 -20.48 -3.23 29.66
CA SER C 211 -19.88 -4.52 29.89
C SER C 211 -19.16 -4.50 31.22
N PRO C 212 -19.13 -5.63 31.97
CA PRO C 212 -18.24 -5.67 33.14
C PRO C 212 -16.77 -5.74 32.71
N ILE C 213 -15.86 -5.55 33.66
CA ILE C 213 -14.43 -5.67 33.49
C ILE C 213 -14.09 -7.14 33.76
N ASP C 214 -13.17 -7.71 32.97
CA ASP C 214 -12.81 -9.11 33.18
C ASP C 214 -11.71 -9.22 34.25
N TYR C 215 -11.47 -10.44 34.76
CA TYR C 215 -10.48 -10.63 35.82
C TYR C 215 -9.07 -10.29 35.36
N SER C 216 -8.72 -10.63 34.11
CA SER C 216 -7.38 -10.47 33.60
C SER C 216 -7.00 -8.97 33.39
N ASP C 217 -7.77 -8.18 32.59
CA ASP C 217 -7.48 -6.75 32.44
C ASP C 217 -7.80 -5.98 33.75
N GLY C 218 -8.75 -6.49 34.50
CA GLY C 218 -9.09 -5.95 35.83
C GLY C 218 -7.92 -6.03 36.80
N SER C 219 -6.89 -6.86 36.50
CA SER C 219 -5.69 -7.02 37.30
C SER C 219 -4.64 -5.94 37.04
N GLY C 220 -4.83 -5.12 36.01
CA GLY C 220 -3.90 -4.05 35.68
C GLY C 220 -4.30 -2.70 36.24
N ASN C 222 -4.28 -2.04 40.17
CA ASN C 222 -3.98 -1.91 41.61
C ASN C 222 -5.29 -1.82 42.42
N LEU C 223 -6.36 -2.48 41.94
CA LEU C 223 -7.69 -2.47 42.58
C LEU C 223 -8.25 -3.86 42.88
N LEU C 224 -8.06 -4.83 41.98
CA LEU C 224 -8.62 -6.17 42.13
C LEU C 224 -7.78 -7.09 43.01
N GLN C 225 -8.44 -7.87 43.87
CA GLN C 225 -7.77 -8.90 44.66
C GLN C 225 -7.63 -10.08 43.73
N ILE C 226 -6.43 -10.32 43.21
CA ILE C 226 -6.25 -11.36 42.19
C ILE C 226 -6.58 -12.76 42.70
N GLN C 227 -6.31 -13.04 43.98
CA GLN C 227 -6.62 -14.33 44.63
C GLN C 227 -8.16 -14.55 44.79
N ASP C 228 -8.88 -13.62 45.43
CA ASP C 228 -10.33 -13.72 45.62
C ASP C 228 -11.14 -13.27 44.40
N LYS C 229 -10.51 -12.55 43.45
CA LYS C 229 -11.19 -12.04 42.25
C LYS C 229 -12.42 -11.15 42.63
N VAL C 230 -12.22 -10.31 43.66
CA VAL C 230 -13.15 -9.29 44.16
C VAL C 230 -12.34 -7.99 44.23
N TRP C 231 -13.01 -6.84 44.19
CA TRP C 231 -12.31 -5.57 44.33
C TRP C 231 -11.82 -5.45 45.76
N SER C 232 -10.57 -4.99 45.92
CA SER C 232 -10.02 -4.75 47.27
C SER C 232 -10.69 -3.50 47.81
N GLN C 233 -11.43 -3.61 48.93
CA GLN C 233 -12.08 -2.44 49.52
C GLN C 233 -11.05 -1.37 49.92
N ALA C 234 -9.89 -1.80 50.45
CA ALA C 234 -8.81 -0.90 50.87
C ALA C 234 -8.24 -0.13 49.69
N CYS C 235 -8.08 -0.78 48.53
CA CYS C 235 -7.53 -0.12 47.34
C CYS C 235 -8.54 0.83 46.75
N LEU C 236 -9.82 0.41 46.69
CA LEU C 236 -10.91 1.24 46.19
C LEU C 236 -10.99 2.52 47.01
N GLY C 237 -11.06 2.38 48.33
CA GLY C 237 -11.15 3.50 49.25
C GLY C 237 -9.98 4.45 49.25
N ALA C 238 -8.74 3.92 49.00
CA ALA C 238 -7.53 4.73 48.93
C ALA C 238 -7.41 5.47 47.59
N CYS C 239 -8.21 5.12 46.56
CA CYS C 239 -8.12 5.76 45.25
C CYS C 239 -9.17 6.86 45.09
N ALA C 240 -10.47 6.52 45.27
CA ALA C 240 -11.56 7.50 45.15
C ALA C 240 -12.85 6.99 45.79
N PRO C 241 -13.75 7.88 46.22
CA PRO C 241 -15.01 7.41 46.84
C PRO C 241 -16.02 6.93 45.80
N HIS C 242 -16.94 6.06 46.25
CA HIS C 242 -17.97 5.43 45.43
C HIS C 242 -17.40 4.79 44.14
N LEU C 243 -16.19 4.27 44.20
CA LEU C 243 -15.56 3.71 43.02
C LEU C 243 -16.18 2.35 42.63
N GLU C 244 -16.50 1.49 43.62
CA GLU C 244 -17.02 0.15 43.34
C GLU C 244 -18.26 0.16 42.45
N GLU C 245 -19.22 1.05 42.72
CA GLU C 245 -20.44 1.13 41.91
C GLU C 245 -20.12 1.61 40.47
N LYS C 246 -19.06 2.42 40.27
CA LYS C 246 -18.66 2.87 38.92
C LYS C 246 -17.95 1.74 38.14
N LEU C 247 -17.38 0.73 38.83
CA LEU C 247 -16.70 -0.38 38.15
C LEU C 247 -17.62 -1.56 37.89
N SER C 248 -18.51 -1.88 38.87
CA SER C 248 -19.43 -3.04 38.85
C SER C 248 -18.63 -4.33 39.12
N PRO C 249 -19.26 -5.47 39.46
CA PRO C 249 -18.46 -6.66 39.75
C PRO C 249 -17.66 -7.16 38.54
N PRO C 250 -16.42 -7.62 38.77
CA PRO C 250 -15.64 -8.17 37.66
C PRO C 250 -16.10 -9.58 37.32
N VAL C 251 -15.81 -10.05 36.09
CA VAL C 251 -16.27 -11.37 35.65
C VAL C 251 -15.13 -12.20 35.10
N PRO C 252 -15.30 -13.54 35.05
CA PRO C 252 -14.30 -14.37 34.37
C PRO C 252 -14.14 -13.93 32.91
N SER C 253 -12.92 -14.00 32.39
CA SER C 253 -12.65 -13.55 31.03
C SER C 253 -13.47 -14.36 30.00
N CYS C 254 -13.70 -15.67 30.26
CA CYS C 254 -14.52 -16.47 29.38
C CYS C 254 -15.96 -16.38 29.85
N SER C 255 -16.59 -15.26 29.55
CA SER C 255 -17.95 -14.94 29.89
C SER C 255 -18.62 -14.36 28.69
N VAL C 256 -19.80 -14.83 28.35
CA VAL C 256 -20.63 -14.21 27.33
C VAL C 256 -21.28 -13.06 28.06
N VAL C 257 -20.90 -11.83 27.73
CA VAL C 257 -21.40 -10.65 28.44
C VAL C 257 -22.75 -10.18 27.83
N GLY C 258 -23.14 -10.77 26.71
CA GLY C 258 -24.42 -10.49 26.08
C GLY C 258 -24.41 -10.76 24.60
N ALA C 259 -25.55 -10.52 23.96
CA ALA C 259 -25.65 -10.64 22.51
C ALA C 259 -25.24 -9.31 21.91
N ILE C 260 -24.90 -9.30 20.62
CA ILE C 260 -24.53 -8.05 19.97
C ILE C 260 -25.75 -7.11 19.96
N SER C 261 -25.53 -5.78 20.02
CA SER C 261 -26.67 -4.85 19.97
C SER C 261 -27.39 -4.95 18.62
N SER C 262 -28.72 -4.74 18.63
CA SER C 262 -29.54 -4.74 17.40
C SER C 262 -29.05 -3.65 16.44
N TYR C 263 -28.36 -2.64 16.97
CA TYR C 263 -27.70 -1.58 16.19
C TYR C 263 -26.84 -2.17 15.09
N TYR C 264 -25.99 -3.17 15.45
CA TYR C 264 -25.06 -3.80 14.50
C TYR C 264 -25.78 -4.77 13.59
N VAL C 265 -26.84 -5.42 14.12
CA VAL C 265 -27.69 -6.33 13.35
C VAL C 265 -28.33 -5.56 12.20
N GLN C 266 -28.96 -4.46 12.52
CA GLN C 266 -29.66 -3.63 11.55
C GLN C 266 -28.75 -2.78 10.68
N ARG C 267 -27.70 -2.16 11.24
CA ARG C 267 -26.81 -1.32 10.43
C ARG C 267 -25.85 -2.11 9.54
N TYR C 268 -25.27 -3.23 10.05
CA TYR C 268 -24.25 -3.98 9.30
C TYR C 268 -24.62 -5.42 8.93
N GLY C 269 -25.70 -5.98 9.46
CA GLY C 269 -26.09 -7.33 9.10
C GLY C 269 -25.46 -8.42 9.93
N PHE C 270 -25.02 -8.09 11.18
CA PHE C 270 -24.56 -9.16 12.07
C PHE C 270 -25.78 -10.03 12.36
N PRO C 271 -25.63 -11.34 12.61
CA PRO C 271 -26.80 -12.12 12.97
C PRO C 271 -27.26 -11.76 14.39
N PRO C 272 -28.58 -11.73 14.66
CA PRO C 272 -29.06 -11.37 16.02
C PRO C 272 -28.53 -12.24 17.16
N GLY C 273 -28.14 -13.48 16.86
CA GLY C 273 -27.54 -14.37 17.85
C GLY C 273 -26.04 -14.22 18.07
N CYS C 274 -25.39 -13.21 17.45
CA CYS C 274 -23.95 -13.04 17.60
C CYS C 274 -23.60 -12.75 19.06
N LYS C 275 -22.72 -13.56 19.62
CA LYS C 275 -22.33 -13.40 21.02
C LYS C 275 -21.12 -12.48 21.22
N VAL C 276 -21.16 -11.68 22.28
CA VAL C 276 -20.06 -10.83 22.71
C VAL C 276 -19.42 -11.50 23.90
N VAL C 277 -18.21 -11.99 23.71
CA VAL C 277 -17.43 -12.62 24.78
C VAL C 277 -16.61 -11.50 25.42
N ALA C 278 -16.54 -11.46 26.76
CA ALA C 278 -15.83 -10.41 27.50
C ALA C 278 -14.47 -10.07 26.91
N PHE C 279 -14.20 -8.77 26.75
CA PHE C 279 -12.93 -8.30 26.22
C PHE C 279 -11.89 -8.39 27.33
N THR C 280 -10.62 -8.39 26.95
CA THR C 280 -9.53 -8.45 27.91
C THR C 280 -8.39 -7.51 27.48
N GLY C 281 -7.30 -7.49 28.24
CA GLY C 281 -6.13 -6.69 27.94
C GLY C 281 -5.41 -7.23 26.73
N ASP C 282 -4.59 -6.38 26.09
CA ASP C 282 -3.86 -6.83 24.91
C ASP C 282 -2.78 -7.87 25.26
N ASN C 283 -2.07 -7.74 26.38
CA ASN C 283 -1.06 -8.76 26.74
C ASN C 283 -1.74 -10.06 27.12
N PRO C 284 -2.79 -10.06 27.96
CA PRO C 284 -3.56 -11.31 28.19
C PRO C 284 -4.12 -11.92 26.89
N ALA C 285 -4.64 -11.11 25.96
CA ALA C 285 -5.14 -11.61 24.68
C ALA C 285 -4.02 -12.24 23.83
N SER C 286 -2.79 -11.65 23.87
CA SER C 286 -1.64 -12.21 23.16
C SER C 286 -1.23 -13.52 23.77
N LEU C 287 -1.39 -13.66 25.09
CA LEU C 287 -1.08 -14.94 25.74
C LEU C 287 -2.02 -16.04 25.17
N ALA C 288 -3.32 -15.70 24.97
CA ALA C 288 -4.29 -16.60 24.38
C ALA C 288 -3.94 -16.89 22.93
N GLY C 289 -3.57 -15.84 22.19
CA GLY C 289 -3.18 -15.95 20.79
C GLY C 289 -1.98 -16.84 20.55
N ARG C 291 -1.17 -19.25 22.65
CA ARG C 291 -1.64 -20.53 23.16
C ARG C 291 -0.70 -21.08 24.23
N LEU C 292 -0.31 -20.22 25.16
CA LEU C 292 0.50 -20.65 26.29
C LEU C 292 -0.34 -21.49 27.23
N GLU C 293 0.28 -22.52 27.77
CA GLU C 293 -0.33 -23.45 28.71
C GLU C 293 0.51 -23.48 29.92
N GLU C 294 0.09 -24.28 30.89
CA GLU C 294 0.87 -24.51 32.08
C GLU C 294 2.28 -24.91 31.68
N GLY C 295 3.25 -24.31 32.35
CA GLY C 295 4.65 -24.59 32.13
C GLY C 295 5.29 -23.78 31.01
N ASP C 296 4.52 -23.02 30.23
CA ASP C 296 5.08 -22.28 29.09
C ASP C 296 5.48 -20.84 29.40
N ILE C 297 6.35 -20.34 28.55
CA ILE C 297 6.83 -18.96 28.62
C ILE C 297 6.95 -18.43 27.21
N ALA C 298 6.66 -17.14 26.99
CA ALA C 298 6.93 -16.45 25.74
C ALA C 298 7.94 -15.29 26.00
N VAL C 299 8.94 -15.17 25.15
CA VAL C 299 9.96 -14.14 25.19
C VAL C 299 9.75 -13.22 24.00
N SER C 300 9.31 -11.99 24.24
CA SER C 300 9.19 -10.99 23.19
C SER C 300 10.46 -10.13 23.22
N LEU C 301 11.28 -10.28 22.19
CA LEU C 301 12.55 -9.59 22.06
C LEU C 301 12.39 -8.32 21.26
N GLY C 302 12.74 -7.19 21.88
CA GLY C 302 12.69 -5.89 21.21
C GLY C 302 13.46 -4.82 21.97
N THR C 303 13.08 -3.54 21.77
CA THR C 303 13.70 -2.38 22.44
C THR C 303 13.66 -2.64 23.92
N SER C 304 12.52 -3.11 24.37
CA SER C 304 12.33 -3.70 25.69
C SER C 304 12.07 -5.19 25.44
N ASP C 305 12.58 -6.05 26.30
CA ASP C 305 12.28 -7.48 26.21
C ASP C 305 11.10 -7.72 27.18
N THR C 306 10.09 -8.51 26.77
CA THR C 306 8.94 -8.84 27.64
C THR C 306 8.81 -10.33 27.79
N LEU C 307 8.70 -10.75 29.02
CA LEU C 307 8.43 -12.13 29.37
C LEU C 307 6.96 -12.27 29.67
N PHE C 308 6.31 -13.25 29.03
CA PHE C 308 4.95 -13.68 29.34
C PHE C 308 5.06 -15.02 30.03
N LEU C 309 4.49 -15.18 31.20
CA LEU C 309 4.59 -16.45 31.94
C LEU C 309 3.26 -16.97 32.28
N TRP C 310 3.13 -18.31 32.28
CA TRP C 310 1.98 -19.00 32.85
C TRP C 310 2.35 -19.23 34.29
N LEU C 311 1.44 -18.95 35.21
CA LEU C 311 1.67 -19.17 36.63
C LEU C 311 0.49 -19.87 37.28
N GLN C 312 0.70 -21.09 37.84
CA GLN C 312 -0.34 -21.81 38.57
C GLN C 312 -0.56 -21.13 39.90
N GLU C 313 0.54 -20.85 40.60
CA GLU C 313 0.52 -20.16 41.90
C GLU C 313 1.49 -18.99 41.83
N PRO C 314 0.99 -17.75 41.87
CA PRO C 314 1.88 -16.60 41.75
C PRO C 314 2.56 -16.21 43.07
N PRO C 316 3.65 -12.54 43.95
CA PRO C 316 3.82 -11.13 43.57
C PRO C 316 5.03 -10.46 44.22
N ALA C 317 5.65 -9.57 43.46
CA ALA C 317 6.89 -8.92 43.83
C ALA C 317 6.87 -7.41 43.56
N LEU C 318 7.98 -6.74 43.89
CA LEU C 318 8.18 -5.31 43.61
C LEU C 318 8.54 -5.10 42.14
N GLU C 319 8.70 -6.21 41.39
CA GLU C 319 8.94 -6.21 39.96
C GLU C 319 7.92 -7.12 39.27
N GLY C 320 7.71 -6.87 38.00
CA GLY C 320 6.73 -7.63 37.23
C GLY C 320 5.29 -7.32 37.60
N HIS C 321 4.38 -7.91 36.82
CA HIS C 321 2.95 -7.76 36.96
C HIS C 321 2.29 -9.10 36.87
N ILE C 322 1.61 -9.47 37.92
CA ILE C 322 0.81 -10.69 37.94
C ILE C 322 -0.64 -10.32 37.62
N PHE C 323 -1.23 -11.07 36.71
CA PHE C 323 -2.64 -10.94 36.39
C PHE C 323 -3.34 -12.29 36.51
N CYS C 324 -4.66 -12.25 36.72
CA CYS C 324 -5.50 -13.43 36.60
C CYS C 324 -5.37 -13.93 35.15
N ASN C 325 -5.32 -15.24 34.94
CA ASN C 325 -5.10 -15.78 33.60
C ASN C 325 -6.38 -15.63 32.73
N PRO C 326 -6.28 -15.14 31.48
CA PRO C 326 -7.49 -14.96 30.66
C PRO C 326 -8.12 -16.27 30.14
N VAL C 327 -7.32 -17.35 29.97
CA VAL C 327 -7.83 -18.61 29.41
C VAL C 327 -8.01 -19.67 30.52
N ASP C 328 -7.82 -19.29 31.78
CA ASP C 328 -7.99 -20.17 32.92
C ASP C 328 -8.11 -19.30 34.17
N SER C 329 -9.34 -18.88 34.50
CA SER C 329 -9.63 -17.98 35.62
C SER C 329 -9.18 -18.50 36.99
N GLN C 330 -8.87 -19.80 37.14
CA GLN C 330 -8.37 -20.33 38.41
C GLN C 330 -6.84 -20.08 38.57
N HIS C 331 -6.12 -19.81 37.47
CA HIS C 331 -4.66 -19.60 37.51
C HIS C 331 -4.27 -18.21 37.00
N TYR C 332 -2.96 -17.97 36.85
CA TYR C 332 -2.44 -16.62 36.60
C TYR C 332 -1.47 -16.57 35.46
N ALA C 334 1.94 -13.70 34.14
CA ALA C 334 2.78 -12.58 34.51
C ALA C 334 3.47 -11.97 33.34
N LEU C 335 3.75 -10.65 33.46
CA LEU C 335 4.57 -9.87 32.56
C LEU C 335 5.79 -9.40 33.34
N LEU C 336 6.98 -9.59 32.74
CA LEU C 336 8.28 -9.09 33.24
C LEU C 336 8.92 -8.30 32.12
N CYS C 337 9.20 -7.00 32.33
N CYS C 337 9.21 -7.00 32.34
CA CYS C 337 9.75 -6.13 31.28
CA CYS C 337 9.81 -6.12 31.32
C CYS C 337 11.24 -5.79 31.56
C CYS C 337 11.31 -5.94 31.59
N PHE C 338 12.13 -5.95 30.54
CA PHE C 338 13.57 -5.70 30.66
C PHE C 338 13.92 -4.54 29.72
N LYS C 339 14.36 -3.38 30.29
CA LYS C 339 14.71 -2.14 29.54
C LYS C 339 15.91 -2.30 28.61
N ASN C 340 16.90 -3.11 28.98
CA ASN C 340 18.10 -3.29 28.16
C ASN C 340 17.88 -4.49 27.25
N GLY C 341 17.34 -4.22 26.09
CA GLY C 341 17.02 -5.24 25.10
C GLY C 341 17.84 -5.11 23.83
N SER C 342 17.17 -4.75 22.75
CA SER C 342 17.77 -4.72 21.42
C SER C 342 18.90 -3.67 21.30
N LEU C 343 18.82 -2.53 22.02
CA LEU C 343 19.90 -1.51 21.98
C LEU C 343 21.19 -2.04 22.60
N ARG C 345 21.96 -5.31 22.95
CA ARG C 345 22.49 -6.36 22.06
C ARG C 345 23.22 -5.72 20.83
N GLU C 346 22.64 -4.66 20.29
CA GLU C 346 23.19 -3.91 19.17
C GLU C 346 24.50 -3.14 19.57
N LYS C 347 24.64 -2.69 20.83
CA LYS C 347 25.85 -1.99 21.27
C LYS C 347 27.00 -2.99 21.39
N ILE C 348 26.74 -4.16 22.00
CA ILE C 348 27.80 -5.18 22.13
C ILE C 348 28.22 -5.69 20.74
N ARG C 349 27.26 -5.84 19.82
CA ARG C 349 27.50 -6.20 18.41
C ARG C 349 28.48 -5.23 17.75
N ASN C 350 28.18 -3.96 17.88
CA ASN C 350 28.99 -2.88 17.31
C ASN C 350 30.38 -2.80 17.92
N GLU C 351 30.50 -3.02 19.22
CA GLU C 351 31.79 -2.95 19.90
C GLU C 351 32.69 -4.16 19.69
N SER C 352 32.14 -5.36 19.86
CA SER C 352 32.93 -6.59 19.91
C SER C 352 32.94 -7.42 18.63
N VAL C 353 31.95 -7.27 17.72
CA VAL C 353 31.91 -8.10 16.50
C VAL C 353 31.61 -7.28 15.25
N SER C 354 32.24 -6.10 15.16
CA SER C 354 32.29 -5.26 13.97
C SER C 354 30.95 -5.03 13.31
N ARG C 355 29.91 -4.79 14.14
CA ARG C 355 28.56 -4.42 13.75
C ARG C 355 27.86 -5.51 12.92
N SER C 356 28.32 -6.77 12.99
CA SER C 356 27.78 -7.86 12.20
C SER C 356 27.01 -8.89 13.06
N TRP C 357 25.71 -9.17 12.73
CA TRP C 357 24.94 -10.21 13.43
C TRP C 357 25.48 -11.58 13.06
N SER C 358 26.10 -11.69 11.88
CA SER C 358 26.72 -12.93 11.44
C SER C 358 27.93 -13.25 12.31
N ASP C 359 28.79 -12.27 12.59
CA ASP C 359 29.95 -12.46 13.50
C ASP C 359 29.48 -12.66 14.95
N PHE C 360 28.40 -11.96 15.34
CA PHE C 360 27.71 -12.15 16.63
C PHE C 360 27.26 -13.65 16.80
N SER C 361 26.69 -14.23 15.74
CA SER C 361 26.27 -15.64 15.73
C SER C 361 27.49 -16.57 15.77
N LYS C 362 28.53 -16.26 14.99
CA LYS C 362 29.78 -17.02 15.02
C LYS C 362 30.41 -16.98 16.42
N ALA C 363 30.34 -15.82 17.12
CA ALA C 363 30.90 -15.70 18.49
C ALA C 363 30.18 -16.69 19.43
N LEU C 364 28.85 -16.81 19.28
CA LEU C 364 28.05 -17.77 20.06
C LEU C 364 28.39 -19.21 19.65
N GLN C 365 28.61 -19.47 18.36
CA GLN C 365 28.98 -20.82 17.88
C GLN C 365 30.38 -21.21 18.33
N SER C 366 31.30 -20.24 18.36
CA SER C 366 32.70 -20.49 18.73
C SER C 366 32.96 -20.48 20.25
N THR C 367 31.92 -20.37 21.12
CA THR C 367 32.09 -20.39 22.58
C THR C 367 31.23 -21.49 23.17
N GLU C 368 31.71 -22.08 24.27
CA GLU C 368 31.02 -23.19 24.95
C GLU C 368 29.92 -22.70 25.88
N GLY C 370 28.05 -22.02 29.15
CA GLY C 370 28.62 -21.62 30.43
C GLY C 370 29.74 -20.60 30.31
N ASN C 371 30.26 -20.36 29.07
CA ASN C 371 31.25 -19.33 28.74
C ASN C 371 32.53 -19.39 29.59
N GLY C 372 32.95 -20.60 29.92
CA GLY C 372 34.09 -20.85 30.79
C GLY C 372 33.96 -20.24 32.18
N GLY C 373 32.72 -20.01 32.65
CA GLY C 373 32.48 -19.38 33.95
C GLY C 373 32.50 -17.86 33.95
N ASN C 374 32.64 -17.24 32.77
CA ASN C 374 32.61 -15.78 32.63
C ASN C 374 31.17 -15.32 32.61
N LEU C 375 30.78 -14.41 33.51
CA LEU C 375 29.41 -13.95 33.64
C LEU C 375 29.33 -12.46 33.54
N GLY C 376 28.28 -11.96 32.90
CA GLY C 376 28.12 -10.54 32.67
C GLY C 376 26.70 -10.02 32.81
N PHE C 377 26.61 -8.77 33.25
CA PHE C 377 25.40 -7.96 33.42
C PHE C 377 25.62 -6.70 32.61
N TYR C 378 24.72 -6.38 31.70
CA TYR C 378 24.90 -5.26 30.77
C TYR C 378 23.70 -4.31 30.83
N PHE C 379 23.82 -3.24 31.64
CA PHE C 379 22.74 -2.28 31.84
C PHE C 379 23.20 -0.84 31.56
N ASP C 380 23.30 -0.44 30.30
CA ASP C 380 23.71 0.93 29.98
C ASP C 380 22.66 1.95 30.39
N VAL C 381 21.37 1.55 30.42
CA VAL C 381 20.29 2.38 30.96
C VAL C 381 19.81 1.71 32.23
N GLU C 383 18.02 -0.36 34.64
CA GLU C 383 17.19 -1.52 34.40
C GLU C 383 16.02 -1.50 35.42
N ILE C 384 14.90 -2.08 35.01
CA ILE C 384 13.64 -2.23 35.78
C ILE C 384 13.67 -3.55 36.52
N THR C 385 14.04 -4.63 35.82
CA THR C 385 14.07 -5.99 36.36
C THR C 385 15.49 -6.53 36.39
N PRO C 386 16.28 -6.37 37.46
CA PRO C 386 16.05 -5.61 38.69
C PRO C 386 16.51 -4.16 38.50
N GLU C 387 16.53 -3.36 39.57
CA GLU C 387 16.99 -1.97 39.50
C GLU C 387 18.51 -1.88 39.64
N ILE C 388 19.21 -2.06 38.53
CA ILE C 388 20.66 -2.00 38.43
C ILE C 388 21.00 -1.21 37.18
N ILE C 389 22.12 -0.51 37.24
CA ILE C 389 22.68 0.22 36.10
C ILE C 389 24.17 -0.16 36.05
N GLY C 390 24.74 -0.08 34.87
CA GLY C 390 26.15 -0.35 34.63
C GLY C 390 26.43 -1.72 34.04
N ARG C 391 27.66 -1.92 33.60
CA ARG C 391 28.16 -3.19 33.11
C ARG C 391 28.97 -3.81 34.23
N HIS C 392 28.69 -5.07 34.57
CA HIS C 392 29.35 -5.80 35.63
C HIS C 392 29.81 -7.16 35.08
N ARG C 393 31.12 -7.38 35.00
CA ARG C 393 31.72 -8.60 34.46
C ARG C 393 32.50 -9.36 35.54
N PHE C 394 32.37 -10.70 35.59
CA PHE C 394 33.04 -11.55 36.54
C PHE C 394 33.70 -12.72 35.83
N ASN C 395 34.91 -13.09 36.24
CA ASN C 395 35.59 -14.23 35.63
C ASN C 395 35.18 -15.55 36.33
N THR C 396 35.76 -16.69 35.91
CA THR C 396 35.41 -18.02 36.47
C THR C 396 35.65 -18.11 38.02
N GLU C 397 36.55 -17.28 38.61
CA GLU C 397 36.80 -17.27 40.05
C GLU C 397 35.87 -16.27 40.80
N ASN C 398 34.84 -15.75 40.13
CA ASN C 398 33.90 -14.76 40.63
C ASN C 398 34.60 -13.43 40.99
N HIS C 399 35.75 -13.13 40.32
CA HIS C 399 36.41 -11.85 40.50
C HIS C 399 35.86 -10.90 39.49
N LYS C 400 35.66 -9.65 39.91
CA LYS C 400 35.18 -8.61 39.00
C LYS C 400 36.30 -8.24 38.02
N VAL C 401 35.96 -8.14 36.73
CA VAL C 401 36.92 -7.84 35.67
C VAL C 401 36.44 -6.65 34.85
N ALA C 402 37.38 -5.97 34.25
CA ALA C 402 37.15 -4.76 33.47
C ALA C 402 36.63 -5.04 32.11
N ALA C 403 36.97 -6.20 31.55
CA ALA C 403 36.59 -6.54 30.20
C ALA C 403 36.73 -8.03 29.94
N PHE C 404 36.13 -8.47 28.85
CA PHE C 404 36.24 -9.82 28.33
C PHE C 404 36.77 -9.78 26.91
N PRO C 405 37.32 -10.91 26.41
CA PRO C 405 37.53 -11.03 24.95
C PRO C 405 36.18 -10.86 24.20
N GLY C 406 36.22 -10.35 22.99
CA GLY C 406 35.04 -10.10 22.17
C GLY C 406 33.97 -11.20 22.09
N ASP C 407 34.38 -12.46 21.80
CA ASP C 407 33.45 -13.58 21.72
C ASP C 407 32.82 -13.92 23.09
N VAL C 408 33.64 -13.84 24.16
CA VAL C 408 33.19 -14.10 25.54
C VAL C 408 32.13 -13.03 25.91
N GLU C 409 32.36 -11.77 25.51
CA GLU C 409 31.44 -10.68 25.76
C GLU C 409 30.07 -10.96 25.18
N VAL C 410 30.01 -11.39 23.91
CA VAL C 410 28.77 -11.71 23.17
C VAL C 410 27.97 -12.82 23.91
N ARG C 411 28.65 -13.91 24.30
CA ARG C 411 27.98 -14.97 25.04
C ARG C 411 27.60 -14.49 26.44
N ALA C 412 28.45 -13.72 27.14
CA ALA C 412 28.13 -13.22 28.49
C ALA C 412 26.86 -12.39 28.46
N LEU C 413 26.68 -11.55 27.42
CA LEU C 413 25.45 -10.79 27.23
C LEU C 413 24.23 -11.71 26.98
N ILE C 414 24.28 -12.58 25.98
CA ILE C 414 23.12 -13.42 25.62
C ILE C 414 22.79 -14.45 26.70
N GLU C 415 23.78 -15.19 27.17
CA GLU C 415 23.59 -16.17 28.23
C GLU C 415 23.12 -15.51 29.55
N GLY C 416 23.67 -14.34 29.88
CA GLY C 416 23.26 -13.52 31.02
C GLY C 416 21.83 -13.04 30.92
N GLN C 417 21.45 -12.48 29.77
CA GLN C 417 20.10 -11.98 29.54
C GLN C 417 19.06 -13.11 29.69
N PHE C 418 19.34 -14.30 29.15
CA PHE C 418 18.41 -15.40 29.27
C PHE C 418 18.40 -16.05 30.67
N ALA C 420 18.91 -14.36 33.41
CA ALA C 420 18.16 -13.36 34.18
C ALA C 420 16.66 -13.57 33.99
N LYS C 421 16.21 -13.80 32.76
CA LYS C 421 14.80 -14.07 32.48
C LYS C 421 14.33 -15.33 33.21
N ARG C 422 15.15 -16.39 33.24
CA ARG C 422 14.77 -17.59 33.96
C ARG C 422 14.70 -17.34 35.46
N ILE C 423 15.74 -16.68 36.03
CA ILE C 423 15.81 -16.36 37.47
C ILE C 423 14.64 -15.45 37.89
N HIS C 424 14.35 -14.40 37.14
CA HIS C 424 13.28 -13.48 37.50
C HIS C 424 11.91 -14.12 37.32
N ALA C 425 11.73 -14.97 36.27
CA ALA C 425 10.47 -15.71 36.07
C ALA C 425 10.24 -16.65 37.29
N GLU C 426 11.26 -17.42 37.69
CA GLU C 426 11.17 -18.31 38.86
C GLU C 426 10.92 -17.56 40.18
N GLY C 427 11.40 -16.32 40.29
CA GLY C 427 11.12 -15.46 41.43
C GLY C 427 9.64 -15.14 41.58
N LEU C 428 8.89 -15.13 40.44
CA LEU C 428 7.44 -14.93 40.44
C LEU C 428 6.64 -16.26 40.59
N GLY C 429 7.28 -17.43 40.63
CA GLY C 429 6.57 -18.71 40.80
C GLY C 429 6.73 -19.66 39.64
N TYR C 430 7.31 -19.21 38.53
CA TYR C 430 7.46 -20.05 37.33
C TYR C 430 8.45 -21.22 37.58
N ARG C 431 8.17 -22.40 36.99
CA ARG C 431 9.05 -23.56 37.04
C ARG C 431 9.05 -24.26 35.68
N VAL C 432 10.23 -24.65 35.17
CA VAL C 432 10.29 -25.38 33.91
C VAL C 432 9.74 -26.74 34.20
N SER C 434 8.39 -30.67 32.27
CA SER C 434 8.66 -31.60 31.18
C SER C 434 7.89 -31.19 29.89
N LYS C 435 6.70 -30.67 30.05
CA LYS C 435 5.84 -30.23 28.94
C LYS C 435 6.20 -28.84 28.40
N THR C 436 7.01 -28.04 29.12
CA THR C 436 7.37 -26.65 28.76
C THR C 436 7.76 -26.43 27.29
N LYS C 437 7.14 -25.42 26.71
CA LYS C 437 7.46 -24.89 25.39
C LYS C 437 7.82 -23.41 25.61
N ILE C 438 8.84 -22.95 24.89
CA ILE C 438 9.24 -21.54 24.89
C ILE C 438 8.89 -20.96 23.56
N LEU C 439 8.12 -19.87 23.55
CA LEU C 439 7.80 -19.15 22.32
C LEU C 439 8.62 -17.88 22.25
N ALA C 440 9.32 -17.68 21.14
CA ALA C 440 10.17 -16.52 20.94
C ALA C 440 9.65 -15.67 19.78
N THR C 441 9.56 -14.36 19.98
CA THR C 441 9.09 -13.45 18.94
C THR C 441 9.99 -12.21 18.97
N GLY C 442 9.92 -11.48 17.89
CA GLY C 442 10.70 -10.27 17.73
C GLY C 442 11.93 -10.44 16.88
N GLY C 443 12.60 -9.33 16.62
CA GLY C 443 13.82 -9.23 15.83
C GLY C 443 14.93 -10.23 16.12
N ALA C 444 15.33 -10.30 17.39
CA ALA C 444 16.39 -11.23 17.82
C ALA C 444 15.97 -12.71 17.70
N SER C 445 14.62 -13.04 17.58
CA SER C 445 14.13 -14.43 17.34
C SER C 445 14.50 -14.96 15.92
N HIS C 446 14.94 -14.10 15.03
CA HIS C 446 15.45 -14.45 13.72
C HIS C 446 16.88 -14.98 13.79
N ASN C 447 17.55 -14.98 14.97
CA ASN C 447 18.91 -15.49 15.14
C ASN C 447 18.86 -16.83 15.87
N ARG C 448 19.17 -17.89 15.14
CA ARG C 448 19.17 -19.31 15.57
C ARG C 448 20.12 -19.52 16.75
N GLU C 449 21.26 -18.84 16.71
CA GLU C 449 22.30 -18.99 17.75
C GLU C 449 21.84 -18.35 19.05
N ILE C 450 21.14 -17.21 18.98
CA ILE C 450 20.54 -16.60 20.18
C ILE C 450 19.45 -17.56 20.74
N LEU C 451 18.58 -18.10 19.87
CA LEU C 451 17.51 -19.05 20.31
C LEU C 451 18.05 -20.37 20.84
N GLN C 452 19.24 -20.80 20.40
CA GLN C 452 19.89 -21.96 20.97
C GLN C 452 20.29 -21.73 22.44
N VAL C 453 20.81 -20.51 22.77
CA VAL C 453 21.20 -20.18 24.15
C VAL C 453 19.95 -20.18 25.01
N LEU C 454 18.87 -19.61 24.50
CA LEU C 454 17.59 -19.59 25.21
C LEU C 454 17.12 -21.02 25.51
N ALA C 455 17.18 -21.91 24.51
CA ALA C 455 16.78 -23.32 24.70
C ALA C 455 17.67 -24.02 25.73
N ASP C 456 18.97 -23.76 25.67
CA ASP C 456 19.94 -24.35 26.60
C ASP C 456 19.72 -23.88 28.05
N VAL C 457 19.46 -22.58 28.24
CA VAL C 457 19.31 -21.97 29.58
C VAL C 457 18.06 -22.53 30.27
N PHE C 458 16.95 -22.65 29.55
CA PHE C 458 15.70 -23.18 30.12
C PHE C 458 15.60 -24.71 30.04
N ASP C 459 16.48 -25.39 29.29
CA ASP C 459 16.44 -26.83 29.07
C ASP C 459 15.07 -27.19 28.48
N ALA C 460 14.62 -26.41 27.49
CA ALA C 460 13.32 -26.59 26.89
C ALA C 460 13.31 -26.14 25.43
N PRO C 461 12.43 -26.75 24.61
CA PRO C 461 12.42 -26.42 23.18
C PRO C 461 11.88 -25.04 22.92
N VAL C 462 12.42 -24.38 21.91
CA VAL C 462 12.06 -23.02 21.56
C VAL C 462 11.41 -23.04 20.20
N TYR C 463 10.26 -22.39 20.10
CA TYR C 463 9.44 -22.26 18.90
C TYR C 463 9.36 -20.78 18.52
N VAL C 464 9.35 -20.46 17.22
CA VAL C 464 9.22 -19.09 16.76
C VAL C 464 7.81 -18.87 16.24
N ILE C 465 7.23 -17.73 16.58
CA ILE C 465 5.86 -17.36 16.20
C ILE C 465 5.79 -15.88 15.81
N ASP C 466 5.02 -15.56 14.74
CA ASP C 466 4.71 -14.18 14.33
C ASP C 466 3.59 -13.67 15.25
N THR C 467 3.80 -12.56 15.95
CA THR C 467 2.83 -12.02 16.91
C THR C 467 2.33 -10.66 16.49
N ALA C 468 2.43 -10.32 15.20
CA ALA C 468 1.96 -9.01 14.71
C ALA C 468 0.47 -8.77 15.07
N ASN C 469 -0.36 -9.82 14.98
CA ASN C 469 -1.80 -9.74 15.29
C ASN C 469 -2.15 -10.64 16.46
N SER C 470 -1.21 -10.90 17.38
CA SER C 470 -1.48 -11.87 18.43
C SER C 470 -2.67 -11.47 19.32
N ALA C 471 -2.87 -10.18 19.60
CA ALA C 471 -4.01 -9.77 20.44
C ALA C 471 -5.35 -9.95 19.70
N CYS C 472 -5.41 -9.62 18.39
CA CYS C 472 -6.59 -9.83 17.55
C CYS C 472 -6.93 -11.31 17.46
N VAL C 473 -5.93 -12.12 17.10
CA VAL C 473 -6.06 -13.54 16.90
C VAL C 473 -6.45 -14.21 18.24
N GLY C 474 -5.81 -13.81 19.33
CA GLY C 474 -6.12 -14.36 20.64
C GLY C 474 -7.55 -14.05 21.04
N SER C 475 -8.08 -12.90 20.61
CA SER C 475 -9.46 -12.50 20.92
C SER C 475 -10.47 -13.33 20.15
N ALA C 476 -10.15 -13.64 18.85
CA ALA C 476 -11.01 -14.48 18.04
C ALA C 476 -11.01 -15.93 18.61
N TYR C 477 -9.85 -16.41 19.11
CA TYR C 477 -9.74 -17.70 19.76
C TYR C 477 -10.62 -17.76 20.98
N ARG C 478 -10.63 -16.69 21.79
CA ARG C 478 -11.48 -16.65 22.99
C ARG C 478 -12.97 -16.58 22.60
N ALA C 479 -13.28 -15.90 21.49
CA ALA C 479 -14.66 -15.85 21.04
C ALA C 479 -15.12 -17.31 20.71
N PHE C 480 -14.26 -18.08 19.99
CA PHE C 480 -14.51 -19.48 19.62
C PHE C 480 -14.64 -20.34 20.87
N HIS C 481 -13.76 -20.13 21.89
CA HIS C 481 -13.85 -20.83 23.19
C HIS C 481 -15.27 -20.62 23.79
N GLY C 482 -15.76 -19.38 23.76
CA GLY C 482 -17.12 -19.06 24.20
C GLY C 482 -18.18 -19.85 23.46
N LEU C 483 -18.08 -19.97 22.12
CA LEU C 483 -18.99 -20.77 21.31
C LEU C 483 -18.84 -22.29 21.51
N ALA C 484 -17.64 -22.76 21.83
CA ALA C 484 -17.32 -24.20 22.00
C ALA C 484 -17.73 -24.77 23.39
N GLY C 485 -18.32 -23.95 24.27
CA GLY C 485 -18.77 -24.36 25.60
C GLY C 485 -18.15 -23.66 26.80
N GLY C 486 -17.30 -22.66 26.53
CA GLY C 486 -16.61 -21.82 27.49
C GLY C 486 -15.97 -22.52 28.67
N THR C 487 -16.36 -22.13 29.90
CA THR C 487 -15.76 -22.68 31.11
C THR C 487 -15.97 -24.23 31.25
N ASP C 488 -16.91 -24.86 30.50
CA ASP C 488 -17.08 -26.31 30.52
C ASP C 488 -15.99 -27.06 29.73
N VAL C 489 -15.20 -26.37 28.87
CA VAL C 489 -14.18 -26.99 28.02
C VAL C 489 -12.85 -26.28 28.21
N PRO C 490 -11.70 -26.97 28.15
CA PRO C 490 -10.42 -26.25 28.24
C PRO C 490 -10.13 -25.44 26.97
N PHE C 491 -9.67 -24.18 27.13
CA PHE C 491 -9.27 -23.33 26.00
C PHE C 491 -8.30 -24.04 25.05
N SER C 492 -7.34 -24.76 25.61
CA SER C 492 -6.32 -25.49 24.84
C SER C 492 -6.92 -26.55 23.92
N GLU C 493 -8.02 -27.18 24.30
CA GLU C 493 -8.64 -28.17 23.43
C GLU C 493 -9.35 -27.47 22.29
N VAL C 494 -9.92 -26.31 22.52
CA VAL C 494 -10.58 -25.55 21.45
C VAL C 494 -9.60 -25.09 20.37
N VAL C 495 -8.42 -24.59 20.75
CA VAL C 495 -7.49 -24.02 19.79
C VAL C 495 -6.41 -25.00 19.29
N LYS C 496 -6.56 -26.32 19.56
CA LYS C 496 -5.65 -27.39 19.05
C LYS C 496 -5.46 -27.31 17.55
N LEU C 497 -6.50 -26.99 16.89
CA LEU C 497 -6.58 -26.84 15.47
C LEU C 497 -5.77 -25.67 14.90
N ALA C 498 -5.50 -24.65 15.71
CA ALA C 498 -4.79 -23.46 15.23
C ALA C 498 -3.42 -23.79 14.66
N PRO C 499 -2.92 -22.89 13.79
CA PRO C 499 -1.56 -23.06 13.27
C PRO C 499 -0.50 -23.22 14.38
N ASN C 500 0.35 -24.24 14.27
CA ASN C 500 1.40 -24.51 15.22
C ASN C 500 2.65 -23.68 14.93
N PRO C 501 3.41 -23.32 15.98
CA PRO C 501 4.63 -22.55 15.77
C PRO C 501 5.74 -23.48 15.32
N ARG C 502 6.74 -22.94 14.65
CA ARG C 502 7.87 -23.70 14.10
C ARG C 502 8.96 -23.90 15.16
N LEU C 503 9.39 -25.15 15.38
CA LEU C 503 10.47 -25.47 16.29
C LEU C 503 11.79 -24.90 15.75
N ALA C 504 12.41 -23.98 16.48
CA ALA C 504 13.65 -23.33 16.09
C ALA C 504 14.90 -23.92 16.80
N ALA C 505 14.78 -24.46 18.03
CA ALA C 505 15.94 -25.04 18.73
C ALA C 505 15.49 -25.95 19.89
N THR C 506 16.34 -26.90 20.23
CA THR C 506 16.14 -27.84 21.33
C THR C 506 17.41 -27.79 22.15
N PRO C 507 17.33 -27.91 23.48
CA PRO C 507 18.54 -27.82 24.30
C PRO C 507 19.60 -28.84 23.91
N SER C 508 20.85 -28.41 23.94
CA SER C 508 21.97 -29.26 23.61
C SER C 508 22.21 -30.27 24.71
N PRO C 509 22.78 -31.45 24.37
CA PRO C 509 23.10 -32.42 25.42
C PRO C 509 24.11 -31.81 26.40
N GLY C 510 23.82 -31.95 27.70
CA GLY C 510 24.64 -31.41 28.76
C GLY C 510 24.28 -30.01 29.21
N ALA C 511 23.30 -29.35 28.55
CA ALA C 511 22.86 -28.01 28.94
C ALA C 511 22.35 -28.00 30.39
N SER C 512 21.58 -29.02 30.76
CA SER C 512 21.03 -29.13 32.12
C SER C 512 22.09 -29.07 33.19
N GLN C 513 23.22 -29.78 32.98
CA GLN C 513 24.32 -29.82 33.95
C GLN C 513 25.05 -28.50 34.03
N VAL C 514 25.23 -27.80 32.90
CA VAL C 514 25.92 -26.52 32.84
C VAL C 514 25.13 -25.47 33.62
N TYR C 515 23.86 -25.26 33.27
CA TYR C 515 23.08 -24.16 33.86
C TYR C 515 22.54 -24.46 35.25
N GLU C 516 22.43 -25.73 35.69
CA GLU C 516 21.98 -26.02 37.06
C GLU C 516 23.01 -25.49 38.08
N ALA C 517 24.28 -25.50 37.70
CA ALA C 517 25.38 -24.99 38.53
C ALA C 517 25.59 -23.49 38.36
N LEU C 518 25.40 -22.97 37.15
CA LEU C 518 25.68 -21.58 36.82
C LEU C 518 24.54 -20.61 37.15
N LEU C 519 23.24 -21.03 37.06
CA LEU C 519 22.11 -20.13 37.35
C LEU C 519 22.15 -19.59 38.79
N PRO C 520 22.38 -20.44 39.82
CA PRO C 520 22.52 -19.92 41.20
C PRO C 520 23.72 -18.98 41.38
N GLN C 521 24.83 -19.18 40.62
CA GLN C 521 25.98 -18.29 40.72
C GLN C 521 25.66 -16.94 40.10
N TYR C 522 24.94 -16.93 38.96
CA TYR C 522 24.49 -15.70 38.33
C TYR C 522 23.54 -14.94 39.28
N ALA C 523 22.61 -15.67 39.90
CA ALA C 523 21.63 -15.08 40.83
C ALA C 523 22.33 -14.48 42.07
N LYS C 524 23.37 -15.15 42.60
CA LYS C 524 24.16 -14.62 43.72
C LYS C 524 24.93 -13.36 43.32
N LEU C 525 25.52 -13.32 42.11
CA LEU C 525 26.22 -12.11 41.66
C LEU C 525 25.27 -10.95 41.49
N GLU C 526 24.05 -11.22 41.02
CA GLU C 526 23.05 -10.15 40.88
C GLU C 526 22.76 -9.53 42.23
N GLN C 527 22.63 -10.36 43.28
CA GLN C 527 22.36 -9.93 44.65
C GLN C 527 23.50 -9.09 45.19
N ARG C 528 24.70 -9.55 44.92
CA ARG C 528 25.92 -8.86 45.31
C ARG C 528 25.97 -7.44 44.70
N ILE C 529 25.67 -7.29 43.41
CA ILE C 529 25.63 -5.96 42.77
C ILE C 529 24.53 -5.09 43.43
N LEU C 530 23.34 -5.70 43.71
CA LEU C 530 22.20 -4.98 44.31
C LEU C 530 22.50 -4.54 45.73
N SER C 531 23.26 -5.35 46.49
CA SER C 531 23.63 -4.99 47.87
C SER C 531 24.63 -3.81 47.87
N GLN C 532 25.49 -3.70 46.84
CA GLN C 532 26.45 -2.61 46.70
C GLN C 532 25.76 -1.29 46.25
N THR C 533 24.54 -1.38 45.67
CA THR C 533 23.78 -0.21 45.23
C THR C 533 23.19 0.51 46.47
N ARG C 534 22.70 -0.26 47.47
CA ARG C 534 22.15 0.27 48.72
C ARG C 534 23.25 0.43 49.77
#